data_4HWX
# 
_entry.id   4HWX 
# 
_audit_conform.dict_name       mmcif_pdbx.dic 
_audit_conform.dict_version    5.399 
_audit_conform.dict_location   http://mmcif.pdb.org/dictionaries/ascii/mmcif_pdbx.dic 
# 
loop_
_database_2.database_id 
_database_2.database_code 
_database_2.pdbx_database_accession 
_database_2.pdbx_DOI 
PDB   4HWX         pdb_00004hwx 10.2210/pdb4hwx/pdb 
RCSB  RCSB076022   ?            ?                   
WWPDB D_1000076022 ?            ?                   
# 
loop_
_pdbx_audit_revision_history.ordinal 
_pdbx_audit_revision_history.data_content_type 
_pdbx_audit_revision_history.major_revision 
_pdbx_audit_revision_history.minor_revision 
_pdbx_audit_revision_history.revision_date 
1 'Structure model' 1 0 2012-12-05 
2 'Structure model' 1 1 2013-02-20 
3 'Structure model' 1 2 2017-11-15 
4 'Structure model' 1 3 2024-11-20 
# 
_pdbx_audit_revision_details.ordinal             1 
_pdbx_audit_revision_details.revision_ordinal    1 
_pdbx_audit_revision_details.data_content_type   'Structure model' 
_pdbx_audit_revision_details.provider            repository 
_pdbx_audit_revision_details.type                'Initial release' 
_pdbx_audit_revision_details.description         ? 
_pdbx_audit_revision_details.details             ? 
# 
loop_
_pdbx_audit_revision_group.ordinal 
_pdbx_audit_revision_group.revision_ordinal 
_pdbx_audit_revision_group.data_content_type 
_pdbx_audit_revision_group.group 
1 2 'Structure model' 'Database references'    
2 3 'Structure model' 'Refinement description' 
3 4 'Structure model' 'Data collection'        
4 4 'Structure model' 'Database references'    
5 4 'Structure model' 'Derived calculations'   
6 4 'Structure model' 'Structure summary'      
# 
loop_
_pdbx_audit_revision_category.ordinal 
_pdbx_audit_revision_category.revision_ordinal 
_pdbx_audit_revision_category.data_content_type 
_pdbx_audit_revision_category.category 
1 3 'Structure model' software                  
2 4 'Structure model' chem_comp_atom            
3 4 'Structure model' chem_comp_bond            
4 4 'Structure model' database_2                
5 4 'Structure model' pdbx_entry_details        
6 4 'Structure model' pdbx_modification_feature 
7 4 'Structure model' struct_ref_seq_dif        
8 4 'Structure model' struct_site               
# 
loop_
_pdbx_audit_revision_item.ordinal 
_pdbx_audit_revision_item.revision_ordinal 
_pdbx_audit_revision_item.data_content_type 
_pdbx_audit_revision_item.item 
1 3 'Structure model' '_software.name'                      
2 4 'Structure model' '_database_2.pdbx_DOI'                
3 4 'Structure model' '_database_2.pdbx_database_accession' 
4 4 'Structure model' '_struct_ref_seq_dif.details'         
5 4 'Structure model' '_struct_site.pdbx_auth_asym_id'      
6 4 'Structure model' '_struct_site.pdbx_auth_comp_id'      
7 4 'Structure model' '_struct_site.pdbx_auth_seq_id'       
# 
_pdbx_database_status.status_code                     REL 
_pdbx_database_status.entry_id                        4HWX 
_pdbx_database_status.recvd_initial_deposition_date   2012-11-09 
_pdbx_database_status.deposit_site                    RCSB 
_pdbx_database_status.process_site                    RCSB 
_pdbx_database_status.status_code_sf                  REL 
_pdbx_database_status.status_code_mr                  ? 
_pdbx_database_status.SG_entry                        ? 
_pdbx_database_status.status_code_cs                  ? 
_pdbx_database_status.methods_development_category    ? 
_pdbx_database_status.pdb_format_compatible           Y 
_pdbx_database_status.status_code_nmr_data            ? 
# 
loop_
_pdbx_database_related.db_name 
_pdbx_database_related.db_id 
_pdbx_database_related.details 
_pdbx_database_related.content_type 
PDB 4HX2 . unspecified 
PDB 4HX3 . unspecified 
# 
loop_
_audit_author.name 
_audit_author.pdbx_ordinal 
'Trillo-Muyo, S.'        1 
'Martinez-Rodriguez, S.' 2 
'Arolas, J.L.'           3 
'Gomis-Ruth, F.X.'       4 
# 
_citation.id                        primary 
_citation.title                     
'Mechanism of action of a Janus-faced single-domain protein inhibitor simultaneously targeting two peptidase classes' 
_citation.journal_abbrev            'CHEM SCI' 
_citation.journal_volume            4 
_citation.page_first                791 
_citation.page_last                 797 
_citation.year                      2013 
_citation.journal_id_ASTM           ? 
_citation.country                   UK 
_citation.journal_id_ISSN           2041-6520 
_citation.journal_id_CSD            ? 
_citation.book_publisher            ? 
_citation.pdbx_database_id_PubMed   ? 
_citation.pdbx_database_id_DOI      10.1039/C2SC21712K 
# 
loop_
_citation_author.citation_id 
_citation_author.name 
_citation_author.ordinal 
_citation_author.identifier_ORCID 
primary 'Trillo-Muyo, S.'        1 ? 
primary 'Martinez-Rodriguez, S.' 2 ? 
primary 'Arolas, J.L.'           3 ? 
primary 'Gomis-Ruth, F.X.'       4 ? 
# 
loop_
_entity.id 
_entity.type 
_entity.src_method 
_entity.pdbx_description 
_entity.formula_weight 
_entity.pdbx_number_of_molecules 
_entity.pdbx_ec 
_entity.pdbx_mutation 
_entity.pdbx_fragment 
_entity.details 
1 polymer     man 'Neutral proteinase inhibitor ScNPI' 11923.354 1   ? ? ? ? 
2 non-polymer syn GLYCEROL                             92.094    1   ? ? ? ? 
3 non-polymer syn 'ACETATE ION'                        59.044    3   ? ? ? ? 
4 water       nat water                                18.015    126 ? ? ? ? 
# 
_entity_name_com.entity_id   1 
_entity_name_com.name        Sermetstatin 
# 
_entity_poly.entity_id                      1 
_entity_poly.type                           'polypeptide(L)' 
_entity_poly.nstd_linkage                   no 
_entity_poly.nstd_monomer                   no 
_entity_poly.pdbx_seq_one_letter_code       
;GSAHGPSAMVFTVIQGSGEPTDTVLRATTLSCAYTAEGTHPAPRAACDALNATDGELNRLLAAPDPSLVCPMYFDPVTVT
ADGVLNGRRVAWKHTFSNTCVMSANLNSNPVYAF
;
_entity_poly.pdbx_seq_one_letter_code_can   
;GSAHGPSAMVFTVIQGSGEPTDTVLRATTLSCAYTAEGTHPAPRAACDALNATDGELNRLLAAPDPSLVCPMYFDPVTVT
ADGVLNGRRVAWKHTFSNTCVMSANLNSNPVYAF
;
_entity_poly.pdbx_strand_id                 A 
_entity_poly.pdbx_target_identifier         ? 
# 
loop_
_pdbx_entity_nonpoly.entity_id 
_pdbx_entity_nonpoly.name 
_pdbx_entity_nonpoly.comp_id 
2 GLYCEROL      GOL 
3 'ACETATE ION' ACT 
4 water         HOH 
# 
loop_
_entity_poly_seq.entity_id 
_entity_poly_seq.num 
_entity_poly_seq.mon_id 
_entity_poly_seq.hetero 
1 1   GLY n 
1 2   SER n 
1 3   ALA n 
1 4   HIS n 
1 5   GLY n 
1 6   PRO n 
1 7   SER n 
1 8   ALA n 
1 9   MET n 
1 10  VAL n 
1 11  PHE n 
1 12  THR n 
1 13  VAL n 
1 14  ILE n 
1 15  GLN n 
1 16  GLY n 
1 17  SER n 
1 18  GLY n 
1 19  GLU n 
1 20  PRO n 
1 21  THR n 
1 22  ASP n 
1 23  THR n 
1 24  VAL n 
1 25  LEU n 
1 26  ARG n 
1 27  ALA n 
1 28  THR n 
1 29  THR n 
1 30  LEU n 
1 31  SER n 
1 32  CYS n 
1 33  ALA n 
1 34  TYR n 
1 35  THR n 
1 36  ALA n 
1 37  GLU n 
1 38  GLY n 
1 39  THR n 
1 40  HIS n 
1 41  PRO n 
1 42  ALA n 
1 43  PRO n 
1 44  ARG n 
1 45  ALA n 
1 46  ALA n 
1 47  CYS n 
1 48  ASP n 
1 49  ALA n 
1 50  LEU n 
1 51  ASN n 
1 52  ALA n 
1 53  THR n 
1 54  ASP n 
1 55  GLY n 
1 56  GLU n 
1 57  LEU n 
1 58  ASN n 
1 59  ARG n 
1 60  LEU n 
1 61  LEU n 
1 62  ALA n 
1 63  ALA n 
1 64  PRO n 
1 65  ASP n 
1 66  PRO n 
1 67  SER n 
1 68  LEU n 
1 69  VAL n 
1 70  CYS n 
1 71  PRO n 
1 72  MET n 
1 73  TYR n 
1 74  PHE n 
1 75  ASP n 
1 76  PRO n 
1 77  VAL n 
1 78  THR n 
1 79  VAL n 
1 80  THR n 
1 81  ALA n 
1 82  ASP n 
1 83  GLY n 
1 84  VAL n 
1 85  LEU n 
1 86  ASN n 
1 87  GLY n 
1 88  ARG n 
1 89  ARG n 
1 90  VAL n 
1 91  ALA n 
1 92  TRP n 
1 93  LYS n 
1 94  HIS n 
1 95  THR n 
1 96  PHE n 
1 97  SER n 
1 98  ASN n 
1 99  THR n 
1 100 CYS n 
1 101 VAL n 
1 102 MET n 
1 103 SER n 
1 104 ALA n 
1 105 ASN n 
1 106 LEU n 
1 107 ASN n 
1 108 SER n 
1 109 ASN n 
1 110 PRO n 
1 111 VAL n 
1 112 TYR n 
1 113 ALA n 
1 114 PHE n 
# 
_entity_src_gen.entity_id                          1 
_entity_src_gen.pdbx_src_id                        1 
_entity_src_gen.pdbx_alt_source_flag               sample 
_entity_src_gen.pdbx_seq_type                      ? 
_entity_src_gen.pdbx_beg_seq_num                   ? 
_entity_src_gen.pdbx_end_seq_num                   ? 
_entity_src_gen.gene_src_common_name               ? 
_entity_src_gen.gene_src_genus                     ? 
_entity_src_gen.pdbx_gene_src_gene                 ScNPI 
_entity_src_gen.gene_src_species                   ? 
_entity_src_gen.gene_src_strain                    ? 
_entity_src_gen.gene_src_tissue                    ? 
_entity_src_gen.gene_src_tissue_fraction           ? 
_entity_src_gen.gene_src_details                   ? 
_entity_src_gen.pdbx_gene_src_fragment             ? 
_entity_src_gen.pdbx_gene_src_scientific_name      'Streptomyces caespitosus' 
_entity_src_gen.pdbx_gene_src_ncbi_taxonomy_id     53502 
_entity_src_gen.pdbx_gene_src_variant              ? 
_entity_src_gen.pdbx_gene_src_cell_line            ? 
_entity_src_gen.pdbx_gene_src_atcc                 ? 
_entity_src_gen.pdbx_gene_src_organ                ? 
_entity_src_gen.pdbx_gene_src_organelle            ? 
_entity_src_gen.pdbx_gene_src_cell                 ? 
_entity_src_gen.pdbx_gene_src_cellular_location    ? 
_entity_src_gen.host_org_common_name               ? 
_entity_src_gen.pdbx_host_org_scientific_name      'Escherichia coli' 
_entity_src_gen.pdbx_host_org_ncbi_taxonomy_id     562 
_entity_src_gen.host_org_genus                     ? 
_entity_src_gen.pdbx_host_org_gene                 ? 
_entity_src_gen.pdbx_host_org_organ                ? 
_entity_src_gen.host_org_species                   ? 
_entity_src_gen.pdbx_host_org_tissue               ? 
_entity_src_gen.pdbx_host_org_tissue_fraction      ? 
_entity_src_gen.pdbx_host_org_strain               Origami 
_entity_src_gen.pdbx_host_org_variant              ? 
_entity_src_gen.pdbx_host_org_cell_line            ? 
_entity_src_gen.pdbx_host_org_atcc                 ? 
_entity_src_gen.pdbx_host_org_culture_collection   ? 
_entity_src_gen.pdbx_host_org_cell                 ? 
_entity_src_gen.pdbx_host_org_organelle            ? 
_entity_src_gen.pdbx_host_org_cellular_location    ? 
_entity_src_gen.pdbx_host_org_vector_type          pET 
_entity_src_gen.pdbx_host_org_vector               ? 
_entity_src_gen.host_org_details                   ? 
_entity_src_gen.expression_system_id               ? 
_entity_src_gen.plasmid_name                       pET32a 
_entity_src_gen.plasmid_details                    ? 
_entity_src_gen.pdbx_description                   ? 
# 
loop_
_chem_comp.id 
_chem_comp.type 
_chem_comp.mon_nstd_flag 
_chem_comp.name 
_chem_comp.pdbx_synonyms 
_chem_comp.formula 
_chem_comp.formula_weight 
ACT non-polymer         . 'ACETATE ION'   ?                               'C2 H3 O2 -1'    59.044  
ALA 'L-peptide linking' y ALANINE         ?                               'C3 H7 N O2'     89.093  
ARG 'L-peptide linking' y ARGININE        ?                               'C6 H15 N4 O2 1' 175.209 
ASN 'L-peptide linking' y ASPARAGINE      ?                               'C4 H8 N2 O3'    132.118 
ASP 'L-peptide linking' y 'ASPARTIC ACID' ?                               'C4 H7 N O4'     133.103 
CYS 'L-peptide linking' y CYSTEINE        ?                               'C3 H7 N O2 S'   121.158 
GLN 'L-peptide linking' y GLUTAMINE       ?                               'C5 H10 N2 O3'   146.144 
GLU 'L-peptide linking' y 'GLUTAMIC ACID' ?                               'C5 H9 N O4'     147.129 
GLY 'peptide linking'   y GLYCINE         ?                               'C2 H5 N O2'     75.067  
GOL non-polymer         . GLYCEROL        'GLYCERIN; PROPANE-1,2,3-TRIOL' 'C3 H8 O3'       92.094  
HIS 'L-peptide linking' y HISTIDINE       ?                               'C6 H10 N3 O2 1' 156.162 
HOH non-polymer         . WATER           ?                               'H2 O'           18.015  
ILE 'L-peptide linking' y ISOLEUCINE      ?                               'C6 H13 N O2'    131.173 
LEU 'L-peptide linking' y LEUCINE         ?                               'C6 H13 N O2'    131.173 
LYS 'L-peptide linking' y LYSINE          ?                               'C6 H15 N2 O2 1' 147.195 
MET 'L-peptide linking' y METHIONINE      ?                               'C5 H11 N O2 S'  149.211 
PHE 'L-peptide linking' y PHENYLALANINE   ?                               'C9 H11 N O2'    165.189 
PRO 'L-peptide linking' y PROLINE         ?                               'C5 H9 N O2'     115.130 
SER 'L-peptide linking' y SERINE          ?                               'C3 H7 N O3'     105.093 
THR 'L-peptide linking' y THREONINE       ?                               'C4 H9 N O3'     119.119 
TRP 'L-peptide linking' y TRYPTOPHAN      ?                               'C11 H12 N2 O2'  204.225 
TYR 'L-peptide linking' y TYROSINE        ?                               'C9 H11 N O3'    181.189 
VAL 'L-peptide linking' y VALINE          ?                               'C5 H11 N O2'    117.146 
# 
loop_
_pdbx_poly_seq_scheme.asym_id 
_pdbx_poly_seq_scheme.entity_id 
_pdbx_poly_seq_scheme.seq_id 
_pdbx_poly_seq_scheme.mon_id 
_pdbx_poly_seq_scheme.ndb_seq_num 
_pdbx_poly_seq_scheme.pdb_seq_num 
_pdbx_poly_seq_scheme.auth_seq_num 
_pdbx_poly_seq_scheme.pdb_mon_id 
_pdbx_poly_seq_scheme.auth_mon_id 
_pdbx_poly_seq_scheme.pdb_strand_id 
_pdbx_poly_seq_scheme.pdb_ins_code 
_pdbx_poly_seq_scheme.hetero 
A 1 1   GLY 1   -1  -1  GLY GLY A . n 
A 1 2   SER 2   1   1   SER SER A . n 
A 1 3   ALA 3   2   2   ALA ALA A . n 
A 1 4   HIS 4   3   3   HIS HIS A . n 
A 1 5   GLY 5   4   4   GLY GLY A . n 
A 1 6   PRO 6   5   5   PRO PRO A . n 
A 1 7   SER 7   6   6   SER SER A . n 
A 1 8   ALA 8   7   7   ALA ALA A . n 
A 1 9   MET 9   8   8   MET MET A . n 
A 1 10  VAL 10  9   9   VAL VAL A . n 
A 1 11  PHE 11  10  10  PHE PHE A . n 
A 1 12  THR 12  11  11  THR THR A . n 
A 1 13  VAL 13  12  12  VAL VAL A . n 
A 1 14  ILE 14  13  13  ILE ILE A . n 
A 1 15  GLN 15  14  14  GLN GLN A . n 
A 1 16  GLY 16  15  15  GLY GLY A . n 
A 1 17  SER 17  16  16  SER SER A . n 
A 1 18  GLY 18  17  17  GLY GLY A . n 
A 1 19  GLU 19  18  18  GLU GLU A . n 
A 1 20  PRO 20  19  19  PRO PRO A . n 
A 1 21  THR 21  20  20  THR THR A . n 
A 1 22  ASP 22  21  21  ASP ASP A . n 
A 1 23  THR 23  22  22  THR THR A . n 
A 1 24  VAL 24  23  23  VAL VAL A . n 
A 1 25  LEU 25  24  24  LEU LEU A . n 
A 1 26  ARG 26  25  25  ARG ARG A . n 
A 1 27  ALA 27  26  26  ALA ALA A . n 
A 1 28  THR 28  27  27  THR THR A . n 
A 1 29  THR 29  28  28  THR THR A . n 
A 1 30  LEU 30  29  29  LEU LEU A . n 
A 1 31  SER 31  30  30  SER SER A . n 
A 1 32  CYS 32  31  31  CYS CYS A . n 
A 1 33  ALA 33  32  32  ALA ALA A . n 
A 1 34  TYR 34  33  33  TYR TYR A . n 
A 1 35  THR 35  34  34  THR THR A . n 
A 1 36  ALA 36  35  35  ALA ALA A . n 
A 1 37  GLU 37  36  36  GLU GLU A . n 
A 1 38  GLY 38  37  37  GLY GLY A . n 
A 1 39  THR 39  38  38  THR THR A . n 
A 1 40  HIS 40  39  39  HIS HIS A . n 
A 1 41  PRO 41  40  40  PRO PRO A . n 
A 1 42  ALA 42  41  41  ALA ALA A . n 
A 1 43  PRO 43  42  42  PRO PRO A . n 
A 1 44  ARG 44  43  43  ARG ARG A . n 
A 1 45  ALA 45  44  44  ALA ALA A . n 
A 1 46  ALA 46  45  45  ALA ALA A . n 
A 1 47  CYS 47  46  46  CYS CYS A . n 
A 1 48  ASP 48  47  47  ASP ASP A . n 
A 1 49  ALA 49  48  48  ALA ALA A . n 
A 1 50  LEU 50  49  49  LEU LEU A . n 
A 1 51  ASN 51  50  50  ASN ASN A . n 
A 1 52  ALA 52  51  51  ALA ALA A . n 
A 1 53  THR 53  52  52  THR THR A . n 
A 1 54  ASP 54  53  53  ASP ASP A . n 
A 1 55  GLY 55  54  54  GLY GLY A . n 
A 1 56  GLU 56  55  55  GLU GLU A . n 
A 1 57  LEU 57  56  56  LEU LEU A . n 
A 1 58  ASN 58  57  57  ASN ASN A . n 
A 1 59  ARG 59  58  58  ARG ARG A . n 
A 1 60  LEU 60  59  59  LEU LEU A . n 
A 1 61  LEU 61  60  60  LEU LEU A . n 
A 1 62  ALA 62  61  61  ALA ALA A . n 
A 1 63  ALA 63  62  62  ALA ALA A . n 
A 1 64  PRO 64  63  63  PRO PRO A . n 
A 1 65  ASP 65  64  64  ASP ASP A . n 
A 1 66  PRO 66  65  65  PRO PRO A . n 
A 1 67  SER 67  66  66  SER SER A . n 
A 1 68  LEU 68  67  67  LEU LEU A . n 
A 1 69  VAL 69  68  68  VAL VAL A . n 
A 1 70  CYS 70  69  69  CYS CYS A . n 
A 1 71  PRO 71  70  70  PRO PRO A . n 
A 1 72  MET 72  71  71  MET MET A . n 
A 1 73  TYR 73  72  72  TYR TYR A . n 
A 1 74  PHE 74  73  73  PHE PHE A . n 
A 1 75  ASP 75  74  74  ASP ASP A . n 
A 1 76  PRO 76  75  75  PRO PRO A . n 
A 1 77  VAL 77  76  76  VAL VAL A . n 
A 1 78  THR 78  77  77  THR THR A . n 
A 1 79  VAL 79  78  78  VAL VAL A . n 
A 1 80  THR 80  79  79  THR THR A . n 
A 1 81  ALA 81  80  80  ALA ALA A . n 
A 1 82  ASP 82  81  81  ASP ASP A . n 
A 1 83  GLY 83  82  82  GLY GLY A . n 
A 1 84  VAL 84  83  83  VAL VAL A . n 
A 1 85  LEU 85  84  84  LEU LEU A . n 
A 1 86  ASN 86  85  85  ASN ASN A . n 
A 1 87  GLY 87  86  86  GLY GLY A . n 
A 1 88  ARG 88  87  87  ARG ARG A . n 
A 1 89  ARG 89  88  88  ARG ARG A . n 
A 1 90  VAL 90  89  89  VAL VAL A . n 
A 1 91  ALA 91  90  90  ALA ALA A . n 
A 1 92  TRP 92  91  91  TRP TRP A . n 
A 1 93  LYS 93  92  92  LYS LYS A . n 
A 1 94  HIS 94  93  93  HIS HIS A . n 
A 1 95  THR 95  94  94  THR THR A . n 
A 1 96  PHE 96  95  95  PHE PHE A . n 
A 1 97  SER 97  96  96  SER SER A . n 
A 1 98  ASN 98  97  97  ASN ASN A . n 
A 1 99  THR 99  98  98  THR THR A . n 
A 1 100 CYS 100 99  99  CYS CYS A . n 
A 1 101 VAL 101 100 100 VAL VAL A . n 
A 1 102 MET 102 101 101 MET MET A . n 
A 1 103 SER 103 102 102 SER SER A . n 
A 1 104 ALA 104 103 103 ALA ALA A . n 
A 1 105 ASN 105 104 104 ASN ASN A . n 
A 1 106 LEU 106 105 105 LEU LEU A . n 
A 1 107 ASN 107 106 106 ASN ASN A . n 
A 1 108 SER 108 107 107 SER SER A . n 
A 1 109 ASN 109 108 108 ASN ASN A . n 
A 1 110 PRO 110 109 109 PRO PRO A . n 
A 1 111 VAL 111 110 110 VAL VAL A . n 
A 1 112 TYR 112 111 111 TYR TYR A . n 
A 1 113 ALA 113 112 112 ALA ALA A . n 
A 1 114 PHE 114 113 113 PHE PHE A . n 
# 
loop_
_pdbx_nonpoly_scheme.asym_id 
_pdbx_nonpoly_scheme.entity_id 
_pdbx_nonpoly_scheme.mon_id 
_pdbx_nonpoly_scheme.ndb_seq_num 
_pdbx_nonpoly_scheme.pdb_seq_num 
_pdbx_nonpoly_scheme.auth_seq_num 
_pdbx_nonpoly_scheme.pdb_mon_id 
_pdbx_nonpoly_scheme.auth_mon_id 
_pdbx_nonpoly_scheme.pdb_strand_id 
_pdbx_nonpoly_scheme.pdb_ins_code 
B 2 GOL 1   501 501 GOL GOL A . 
C 3 ACT 1   502 502 ACT ACT A . 
D 3 ACT 1   503 503 ACT ACT A . 
E 3 ACT 1   504 504 ACT ACT A . 
F 4 HOH 1   601 505 HOH HOH A . 
F 4 HOH 2   602 506 HOH HOH A . 
F 4 HOH 3   603 507 HOH HOH A . 
F 4 HOH 4   604 508 HOH HOH A . 
F 4 HOH 5   605 509 HOH HOH A . 
F 4 HOH 6   606 510 HOH HOH A . 
F 4 HOH 7   607 511 HOH HOH A . 
F 4 HOH 8   608 512 HOH HOH A . 
F 4 HOH 9   609 513 HOH HOH A . 
F 4 HOH 10  610 514 HOH HOH A . 
F 4 HOH 11  611 515 HOH HOH A . 
F 4 HOH 12  612 516 HOH HOH A . 
F 4 HOH 13  613 517 HOH HOH A . 
F 4 HOH 14  614 518 HOH HOH A . 
F 4 HOH 15  615 519 HOH HOH A . 
F 4 HOH 16  616 520 HOH HOH A . 
F 4 HOH 17  617 521 HOH HOH A . 
F 4 HOH 18  618 522 HOH HOH A . 
F 4 HOH 19  619 523 HOH HOH A . 
F 4 HOH 20  620 524 HOH HOH A . 
F 4 HOH 21  621 525 HOH HOH A . 
F 4 HOH 22  622 526 HOH HOH A . 
F 4 HOH 23  623 527 HOH HOH A . 
F 4 HOH 24  624 528 HOH HOH A . 
F 4 HOH 25  625 529 HOH HOH A . 
F 4 HOH 26  626 530 HOH HOH A . 
F 4 HOH 27  627 531 HOH HOH A . 
F 4 HOH 28  628 532 HOH HOH A . 
F 4 HOH 29  629 533 HOH HOH A . 
F 4 HOH 30  630 534 HOH HOH A . 
F 4 HOH 31  631 535 HOH HOH A . 
F 4 HOH 32  632 536 HOH HOH A . 
F 4 HOH 33  633 537 HOH HOH A . 
F 4 HOH 34  634 538 HOH HOH A . 
F 4 HOH 35  635 539 HOH HOH A . 
F 4 HOH 36  636 540 HOH HOH A . 
F 4 HOH 37  637 541 HOH HOH A . 
F 4 HOH 38  638 542 HOH HOH A . 
F 4 HOH 39  639 543 HOH HOH A . 
F 4 HOH 40  640 544 HOH HOH A . 
F 4 HOH 41  641 545 HOH HOH A . 
F 4 HOH 42  642 546 HOH HOH A . 
F 4 HOH 43  643 547 HOH HOH A . 
F 4 HOH 44  644 548 HOH HOH A . 
F 4 HOH 45  645 549 HOH HOH A . 
F 4 HOH 46  646 550 HOH HOH A . 
F 4 HOH 47  647 551 HOH HOH A . 
F 4 HOH 48  648 552 HOH HOH A . 
F 4 HOH 49  649 553 HOH HOH A . 
F 4 HOH 50  650 554 HOH HOH A . 
F 4 HOH 51  651 555 HOH HOH A . 
F 4 HOH 52  652 556 HOH HOH A . 
F 4 HOH 53  653 557 HOH HOH A . 
F 4 HOH 54  654 558 HOH HOH A . 
F 4 HOH 55  655 559 HOH HOH A . 
F 4 HOH 56  656 560 HOH HOH A . 
F 4 HOH 57  657 561 HOH HOH A . 
F 4 HOH 58  658 562 HOH HOH A . 
F 4 HOH 59  659 563 HOH HOH A . 
F 4 HOH 60  660 564 HOH HOH A . 
F 4 HOH 61  661 565 HOH HOH A . 
F 4 HOH 62  662 566 HOH HOH A . 
F 4 HOH 63  663 567 HOH HOH A . 
F 4 HOH 64  664 568 HOH HOH A . 
F 4 HOH 65  665 569 HOH HOH A . 
F 4 HOH 66  666 570 HOH HOH A . 
F 4 HOH 67  667 571 HOH HOH A . 
F 4 HOH 68  668 572 HOH HOH A . 
F 4 HOH 69  669 573 HOH HOH A . 
F 4 HOH 70  670 574 HOH HOH A . 
F 4 HOH 71  671 575 HOH HOH A . 
F 4 HOH 72  672 576 HOH HOH A . 
F 4 HOH 73  673 577 HOH HOH A . 
F 4 HOH 74  674 578 HOH HOH A . 
F 4 HOH 75  675 579 HOH HOH A . 
F 4 HOH 76  676 580 HOH HOH A . 
F 4 HOH 77  677 581 HOH HOH A . 
F 4 HOH 78  678 582 HOH HOH A . 
F 4 HOH 79  679 583 HOH HOH A . 
F 4 HOH 80  680 584 HOH HOH A . 
F 4 HOH 81  681 585 HOH HOH A . 
F 4 HOH 82  682 586 HOH HOH A . 
F 4 HOH 83  683 587 HOH HOH A . 
F 4 HOH 84  684 588 HOH HOH A . 
F 4 HOH 85  685 589 HOH HOH A . 
F 4 HOH 86  686 590 HOH HOH A . 
F 4 HOH 87  687 591 HOH HOH A . 
F 4 HOH 88  688 592 HOH HOH A . 
F 4 HOH 89  689 593 HOH HOH A . 
F 4 HOH 90  690 594 HOH HOH A . 
F 4 HOH 91  691 595 HOH HOH A . 
F 4 HOH 92  692 596 HOH HOH A . 
F 4 HOH 93  693 597 HOH HOH A . 
F 4 HOH 94  694 598 HOH HOH A . 
F 4 HOH 95  695 599 HOH HOH A . 
F 4 HOH 96  696 600 HOH HOH A . 
F 4 HOH 97  697 601 HOH HOH A . 
F 4 HOH 98  698 602 HOH HOH A . 
F 4 HOH 99  699 603 HOH HOH A . 
F 4 HOH 100 700 604 HOH HOH A . 
F 4 HOH 101 701 605 HOH HOH A . 
F 4 HOH 102 702 606 HOH HOH A . 
F 4 HOH 103 703 607 HOH HOH A . 
F 4 HOH 104 704 608 HOH HOH A . 
F 4 HOH 105 705 609 HOH HOH A . 
F 4 HOH 106 706 610 HOH HOH A . 
F 4 HOH 107 707 611 HOH HOH A . 
F 4 HOH 108 708 612 HOH HOH A . 
F 4 HOH 109 709 613 HOH HOH A . 
F 4 HOH 110 710 614 HOH HOH A . 
F 4 HOH 111 711 615 HOH HOH A . 
F 4 HOH 112 712 616 HOH HOH A . 
F 4 HOH 113 713 617 HOH HOH A . 
F 4 HOH 114 714 618 HOH HOH A . 
F 4 HOH 115 715 619 HOH HOH A . 
F 4 HOH 116 716 620 HOH HOH A . 
F 4 HOH 117 717 621 HOH HOH A . 
F 4 HOH 118 718 622 HOH HOH A . 
F 4 HOH 119 719 623 HOH HOH A . 
F 4 HOH 120 720 624 HOH HOH A . 
F 4 HOH 121 721 625 HOH HOH A . 
F 4 HOH 122 722 626 HOH HOH A . 
F 4 HOH 123 723 627 HOH HOH A . 
F 4 HOH 124 724 628 HOH HOH A . 
F 4 HOH 125 725 629 HOH HOH A . 
F 4 HOH 126 726 630 HOH HOH A . 
# 
loop_
_software.name 
_software.classification 
_software.version 
_software.citation_id 
_software.pdbx_ordinal 
ProDC  'data collection' .          ? 1 
SHELX  'model building'  '& PHASER' ? 2 
BUSTER refinement        2.11.2     ? 3 
XDS    'data reduction'  .          ? 4 
SCALA  'data scaling'    .          ? 5 
SHELX  phasing           '& PHASER' ? 6 
# 
_cell.entry_id           4HWX 
_cell.length_a           71.040 
_cell.length_b           71.040 
_cell.length_c           52.400 
_cell.angle_alpha        90.00 
_cell.angle_beta         90.00 
_cell.angle_gamma        120.00 
_cell.Z_PDB              6 
_cell.pdbx_unique_axis   ? 
_cell.length_a_esd       ? 
_cell.length_b_esd       ? 
_cell.length_c_esd       ? 
_cell.angle_alpha_esd    ? 
_cell.angle_beta_esd     ? 
_cell.angle_gamma_esd    ? 
# 
_symmetry.entry_id                         4HWX 
_symmetry.space_group_name_H-M             'P 31 2 1' 
_symmetry.pdbx_full_space_group_name_H-M   ? 
_symmetry.cell_setting                     ? 
_symmetry.Int_Tables_number                152 
_symmetry.space_group_name_Hall            ? 
# 
_exptl.entry_id          4HWX 
_exptl.method            'X-RAY DIFFRACTION' 
_exptl.crystals_number   1 
# 
_exptl_crystal.id                    1 
_exptl_crystal.density_meas          ? 
_exptl_crystal.density_Matthews      3.20 
_exptl_crystal.density_percent_sol   61.58 
_exptl_crystal.description           ? 
_exptl_crystal.F_000                 ? 
_exptl_crystal.preparation           ? 
# 
_exptl_crystal_grow.crystal_id      1 
_exptl_crystal_grow.method          'VAPOR DIFFUSION, SITTING DROP' 
_exptl_crystal_grow.temp            293 
_exptl_crystal_grow.temp_details    ? 
_exptl_crystal_grow.pH              5.6 
_exptl_crystal_grow.pdbx_details    
'0.1 M sodium citrate dihydrate, 0.2 M ammonium acetate, 10% (w/v) PEG3350, pH 5.6, VAPOR DIFFUSION, SITTING DROP, temperature 293K' 
_exptl_crystal_grow.pdbx_pH_range   ? 
# 
_diffrn.id                     1 
_diffrn.ambient_temp           100 
_diffrn.ambient_temp_details   ? 
_diffrn.crystal_id             1 
# 
_diffrn_detector.diffrn_id              1 
_diffrn_detector.detector               CCD 
_diffrn_detector.details                ? 
_diffrn_detector.type                   'MARMOSAIC 225 mm CCD' 
_diffrn_detector.pdbx_collection_date   2009-10-06 
# 
_diffrn_radiation.diffrn_id                        1 
_diffrn_radiation.wavelength_id                    1 
_diffrn_radiation.pdbx_monochromatic_or_laue_m_l   M 
_diffrn_radiation.monochromator                    'Si(311)' 
_diffrn_radiation.pdbx_diffrn_protocol             'SINGLE WAVELENGTH' 
_diffrn_radiation.pdbx_scattering_type             x-ray 
# 
_diffrn_radiation_wavelength.id           1 
_diffrn_radiation_wavelength.wavelength   0.8726 
_diffrn_radiation_wavelength.wt           1.0 
# 
_diffrn_source.diffrn_id                   1 
_diffrn_source.source                      SYNCHROTRON 
_diffrn_source.type                        'ESRF BEAMLINE ID23-2' 
_diffrn_source.pdbx_synchrotron_site       ESRF 
_diffrn_source.pdbx_synchrotron_beamline   ID23-2 
_diffrn_source.pdbx_wavelength             ? 
_diffrn_source.pdbx_wavelength_list        0.8726 
# 
_reflns.entry_id                     4HWX 
_reflns.observed_criterion_sigma_I   0 
_reflns.observed_criterion_sigma_F   0 
_reflns.d_resolution_low             39.9 
_reflns.d_resolution_high            1.90 
_reflns.number_obs                   12234 
_reflns.number_all                   12234 
_reflns.percent_possible_obs         99.3 
_reflns.pdbx_Rmerge_I_obs            0.038 
_reflns.pdbx_Rsym_value              ? 
_reflns.pdbx_netI_over_sigmaI        40.3 
_reflns.B_iso_Wilson_estimate        34.43 
_reflns.pdbx_redundancy              ? 
_reflns.R_free_details               ? 
_reflns.limit_h_max                  ? 
_reflns.limit_h_min                  ? 
_reflns.limit_k_max                  ? 
_reflns.limit_k_min                  ? 
_reflns.limit_l_max                  ? 
_reflns.limit_l_min                  ? 
_reflns.observed_criterion_F_max     ? 
_reflns.observed_criterion_F_min     ? 
_reflns.pdbx_chi_squared             ? 
_reflns.pdbx_scaling_rejects         ? 
_reflns.pdbx_ordinal                 1 
_reflns.pdbx_diffrn_id               1 
# 
_refine.ls_percent_reflns_R_free                 3.92 
_refine.overall_SU_B                             ? 
_refine.pdbx_solvent_vdw_probe_radii             ? 
_refine.pdbx_R_Free_selection_details            RANDOM 
_refine.overall_FOM_free_R_set                   ? 
_refine.pdbx_data_cutoff_low_absF                ? 
_refine.entry_id                                 4HWX 
_refine.aniso_B[2][3]                            0.0000 
_refine.overall_SU_R_Cruickshank_DPI             0.122 
_refine.overall_SU_ML                            ? 
_refine.aniso_B[1][3]                            0.0000 
_refine.pdbx_stereochemistry_target_values       'Engh & Huber' 
_refine.aniso_B[3][3]                            10.8015 
_refine.solvent_model_param_ksol                 ? 
_refine.ls_number_restraints                     ? 
_refine.aniso_B[1][1]                            -5.4007 
_refine.pdbx_overall_ESU_R                       ? 
_refine.ls_R_factor_obs                          0.1883 
_refine.occupancy_min                            ? 
_refine.pdbx_solvent_ion_probe_radii             ? 
_refine.pdbx_starting_model                      ? 
_refine.ls_wR_factor_R_free                      ? 
_refine.ls_wR_factor_R_work                      ? 
_refine.pdbx_isotropic_thermal_model             ? 
_refine.pdbx_method_to_determine_struct          SAD 
_refine.occupancy_max                            ? 
_refine.pdbx_solvent_shrinkage_radii             ? 
_refine.correlation_coeff_Fo_to_Fc               0.9437 
_refine.ls_number_reflns_R_free                  479 
_refine.correlation_coeff_Fo_to_Fc_free          0.9258 
_refine.pdbx_ls_sigma_F                          0.0 
_refine.ls_percent_reflns_obs                    99.00 
_refine.ls_R_factor_R_work                       0.187 
_refine.overall_SU_R_free                        ? 
_refine.ls_d_res_high                            1.90 
_refine.pdbx_overall_ESU_R_Free                  ? 
_refine.B_iso_min                                ? 
_refine.pdbx_ls_cross_valid_method               THROUGHOUT 
_refine.B_iso_mean                               42.28 
_refine.pdbx_stereochem_target_val_spec_case     ? 
_refine.ls_R_factor_all                          0.187 
_refine.aniso_B[2][2]                            -5.4007 
_refine.B_iso_max                                ? 
_refine.pdbx_ls_sigma_I                          ? 
_refine.ls_d_res_low                             39.89 
_refine.pdbx_overall_phase_error                 ? 
_refine.solvent_model_details                    ? 
_refine.aniso_B[1][2]                            0.0000 
_refine.ls_R_factor_R_free                       0.2140 
_refine.ls_R_factor_R_free_error                 ? 
_refine.ls_number_reflns_obs                     12232 
_refine.overall_FOM_work_R_set                   ? 
_refine.ls_number_parameters                     ? 
_refine.details                                  ? 
_refine.ls_number_reflns_all                     12232 
_refine.ls_redundancy_reflns_obs                 ? 
_refine.pdbx_data_cutoff_high_absF               ? 
_refine.solvent_model_param_bsol                 ? 
_refine.ls_R_factor_R_free_error_details         ? 
_refine.pdbx_data_cutoff_high_rms_absF           ? 
_refine.pdbx_diffrn_id                           1 
_refine.pdbx_refine_id                           'X-RAY DIFFRACTION' 
_refine.pdbx_TLS_residual_ADP_flag               ? 
_refine.pdbx_overall_SU_R_free_Cruickshank_DPI   ? 
_refine.pdbx_overall_SU_R_Blow_DPI               ? 
_refine.pdbx_overall_SU_R_free_Blow_DPI          ? 
# 
_refine_analyze.entry_id                        4HWX 
_refine_analyze.Luzzati_coordinate_error_obs    0.273 
_refine_analyze.Luzzati_sigma_a_obs             ? 
_refine_analyze.Luzzati_d_res_low_obs           ? 
_refine_analyze.Luzzati_coordinate_error_free   ? 
_refine_analyze.Luzzati_sigma_a_free            ? 
_refine_analyze.Luzzati_d_res_low_free          ? 
_refine_analyze.number_disordered_residues      ? 
_refine_analyze.occupancy_sum_hydrogen          ? 
_refine_analyze.occupancy_sum_non_hydrogen      ? 
_refine_analyze.pdbx_Luzzati_d_res_high_obs     ? 
_refine_analyze.pdbx_refine_id                  'X-RAY DIFFRACTION' 
# 
_refine_hist.pdbx_refine_id                   'X-RAY DIFFRACTION' 
_refine_hist.cycle_id                         LAST 
_refine_hist.pdbx_number_atoms_protein        834 
_refine_hist.pdbx_number_atoms_nucleic_acid   0 
_refine_hist.pdbx_number_atoms_ligand         18 
_refine_hist.number_atoms_solvent             126 
_refine_hist.number_atoms_total               978 
_refine_hist.d_res_high                       1.90 
_refine_hist.d_res_low                        39.89 
# 
loop_
_refine_ls_restr.type 
_refine_ls_restr.dev_ideal 
_refine_ls_restr.dev_ideal_target 
_refine_ls_restr.weight 
_refine_ls_restr.number 
_refine_ls_restr.pdbx_restraint_function 
_refine_ls_restr.pdbx_refine_id 
t_bond_d                  0.010 ? 2.00  870  HARMONIC     'X-RAY DIFFRACTION' 
t_angle_deg               1.14  ? 2.00  1191 HARMONIC     'X-RAY DIFFRACTION' 
t_dihedral_angle_d        ?     ? 2.00  371  SINUSOIDAL   'X-RAY DIFFRACTION' 
t_trig_c_planes           ?     ? 2.00  21   HARMONIC     'X-RAY DIFFRACTION' 
t_gen_planes              ?     ? 5.00  131  HARMONIC     'X-RAY DIFFRACTION' 
t_it                      ?     ? 20.00 870  HARMONIC     'X-RAY DIFFRACTION' 
t_nbd                     ?     ? 5.00  6    SEMIHARMONIC 'X-RAY DIFFRACTION' 
t_omega_torsion           4.01  ? ?     ?    ?            'X-RAY DIFFRACTION' 
t_other_torsion           2.51  ? ?     ?    ?            'X-RAY DIFFRACTION' 
t_chiral_improper_torsion ?     ? 5.00  119  SEMIHARMONIC 'X-RAY DIFFRACTION' 
t_ideal_dist_contact      ?     ? 4.00  974  SEMIHARMONIC 'X-RAY DIFFRACTION' 
# 
_refine_ls_shell.pdbx_total_number_of_bins_used   6 
_refine_ls_shell.d_res_high                       1.90 
_refine_ls_shell.d_res_low                        2.08 
_refine_ls_shell.number_reflns_R_work             2762 
_refine_ls_shell.R_factor_R_work                  0.2167 
_refine_ls_shell.percent_reflns_obs               99.00 
_refine_ls_shell.R_factor_R_free                  0.2207 
_refine_ls_shell.R_factor_R_free_error            ? 
_refine_ls_shell.percent_reflns_R_free            3.73 
_refine_ls_shell.number_reflns_R_free             479 
_refine_ls_shell.number_reflns_all                2869 
_refine_ls_shell.R_factor_all                     0.2168 
_refine_ls_shell.number_reflns_obs                12234 
_refine_ls_shell.redundancy_reflns_obs            ? 
_refine_ls_shell.pdbx_refine_id                   'X-RAY DIFFRACTION' 
# 
_struct.entry_id                  4HWX 
_struct.title                     'Crystal structure of Streptomyces caespitosus sermetstatin' 
_struct.pdbx_model_details        ? 
_struct.pdbx_CASP_flag            ? 
_struct.pdbx_model_type_details   ? 
# 
_struct_keywords.entry_id        4HWX 
_struct_keywords.pdbx_keywords   'Hydrolase Inhibitor' 
_struct_keywords.text            'Streptomyces subtilisin inhibitor fold, Hydrolase Inhibitor' 
# 
loop_
_struct_asym.id 
_struct_asym.pdbx_blank_PDB_chainid_flag 
_struct_asym.pdbx_modified 
_struct_asym.entity_id 
_struct_asym.details 
A N N 1 ? 
B N N 2 ? 
C N N 3 ? 
D N N 3 ? 
E N N 3 ? 
F N N 4 ? 
# 
_struct_ref.id                         1 
_struct_ref.db_name                    UNP 
_struct_ref.db_code                    Q9FDS0_STRCS 
_struct_ref.pdbx_db_accession          Q9FDS0 
_struct_ref.entity_id                  1 
_struct_ref.pdbx_seq_one_letter_code   
;SAHGPSAMVFTVIQGSGEPTDTVLRATTLSCAYTAEGTHPAPRAACDALNATDGELNRLLAAPDPSLVCPMYFDPVTVTA
DGVLNGRRVAWKHTFSNTCVMSANLNSNPVYAF
;
_struct_ref.pdbx_align_begin           29 
_struct_ref.pdbx_db_isoform            ? 
# 
_struct_ref_seq.align_id                      1 
_struct_ref_seq.ref_id                        1 
_struct_ref_seq.pdbx_PDB_id_code              4HWX 
_struct_ref_seq.pdbx_strand_id                A 
_struct_ref_seq.seq_align_beg                 2 
_struct_ref_seq.pdbx_seq_align_beg_ins_code   ? 
_struct_ref_seq.seq_align_end                 114 
_struct_ref_seq.pdbx_seq_align_end_ins_code   ? 
_struct_ref_seq.pdbx_db_accession             Q9FDS0 
_struct_ref_seq.db_align_beg                  29 
_struct_ref_seq.pdbx_db_align_beg_ins_code    ? 
_struct_ref_seq.db_align_end                  141 
_struct_ref_seq.pdbx_db_align_end_ins_code    ? 
_struct_ref_seq.pdbx_auth_seq_align_beg       1 
_struct_ref_seq.pdbx_auth_seq_align_end       113 
# 
_struct_ref_seq_dif.align_id                     1 
_struct_ref_seq_dif.pdbx_pdb_id_code             4HWX 
_struct_ref_seq_dif.mon_id                       GLY 
_struct_ref_seq_dif.pdbx_pdb_strand_id           A 
_struct_ref_seq_dif.seq_num                      1 
_struct_ref_seq_dif.pdbx_pdb_ins_code            ? 
_struct_ref_seq_dif.pdbx_seq_db_name             UNP 
_struct_ref_seq_dif.pdbx_seq_db_accession_code   Q9FDS0 
_struct_ref_seq_dif.db_mon_id                    ? 
_struct_ref_seq_dif.pdbx_seq_db_seq_num          ? 
_struct_ref_seq_dif.details                      'expression tag' 
_struct_ref_seq_dif.pdbx_auth_seq_num            -1 
_struct_ref_seq_dif.pdbx_ordinal                 1 
# 
loop_
_pdbx_struct_assembly.id 
_pdbx_struct_assembly.details 
_pdbx_struct_assembly.method_details 
_pdbx_struct_assembly.oligomeric_details 
_pdbx_struct_assembly.oligomeric_count 
1 author_and_software_defined_assembly PISA dimeric 2 
2 software_defined_assembly            PISA dimeric 2 
# 
loop_
_pdbx_struct_assembly_prop.biol_id 
_pdbx_struct_assembly_prop.type 
_pdbx_struct_assembly_prop.value 
_pdbx_struct_assembly_prop.details 
1 'ABSA (A^2)' 2970  ? 
1 MORE         -17   ? 
1 'SSA (A^2)'  11790 ? 
2 'ABSA (A^2)' 2310  ? 
2 MORE         -18   ? 
2 'SSA (A^2)'  12440 ? 
# 
loop_
_pdbx_struct_assembly_gen.assembly_id 
_pdbx_struct_assembly_gen.oper_expression 
_pdbx_struct_assembly_gen.asym_id_list 
1 1,2 A,B,C,D,E,F 
2 1,3 A,B,C,D,E,F 
# 
loop_
_pdbx_struct_oper_list.id 
_pdbx_struct_oper_list.type 
_pdbx_struct_oper_list.name 
_pdbx_struct_oper_list.symmetry_operation 
_pdbx_struct_oper_list.matrix[1][1] 
_pdbx_struct_oper_list.matrix[1][2] 
_pdbx_struct_oper_list.matrix[1][3] 
_pdbx_struct_oper_list.vector[1] 
_pdbx_struct_oper_list.matrix[2][1] 
_pdbx_struct_oper_list.matrix[2][2] 
_pdbx_struct_oper_list.matrix[2][3] 
_pdbx_struct_oper_list.vector[2] 
_pdbx_struct_oper_list.matrix[3][1] 
_pdbx_struct_oper_list.matrix[3][2] 
_pdbx_struct_oper_list.matrix[3][3] 
_pdbx_struct_oper_list.vector[3] 
1 'identity operation'         1_555 x,y,z          1.0000000000  0.0000000000  0.0000000000 0.0000000000   0.0000000000  1.0000000000  0.0000000000  0.0000000000   0.0000000000 0.0000000000  1.0000000000  0.0000000000   
2 'crystal symmetry operation' 6_555 -x,-x+y,-z+1/3 -0.0486080796 0.5165560664  0.8548725548 -12.4345354462 0.5165560664  -0.7195370657 0.4641510976  19.5623289283  0.8548725548 0.4641510976  -0.2318548548 2.0179345660   
3 'crystal symmetry operation' 4_555 y,x,-z         -0.5380525160 -0.5798638155 0.6117658420 -13.7029943524 -0.5798638155 -0.2721206280 -0.7679246833 -25.6435983451 0.6117658420 -0.7679246833 -0.1898268560 -13.9591497731  
# 
_struct_biol.id        1 
_struct_biol.details   ? 
# 
loop_
_struct_conf.conf_type_id 
_struct_conf.id 
_struct_conf.pdbx_PDB_helix_id 
_struct_conf.beg_label_comp_id 
_struct_conf.beg_label_asym_id 
_struct_conf.beg_label_seq_id 
_struct_conf.pdbx_beg_PDB_ins_code 
_struct_conf.end_label_comp_id 
_struct_conf.end_label_asym_id 
_struct_conf.end_label_seq_id 
_struct_conf.pdbx_end_PDB_ins_code 
_struct_conf.beg_auth_comp_id 
_struct_conf.beg_auth_asym_id 
_struct_conf.beg_auth_seq_id 
_struct_conf.end_auth_comp_id 
_struct_conf.end_auth_asym_id 
_struct_conf.end_auth_seq_id 
_struct_conf.pdbx_PDB_helix_class 
_struct_conf.details 
_struct_conf.pdbx_PDB_helix_length 
HELX_P HELX_P1 1 ALA A 42  ? THR A 53  ? ALA A 41  THR A 52  1 ? 12 
HELX_P HELX_P2 2 GLU A 56  ? LEU A 61  ? GLU A 55  LEU A 60  5 ? 6  
HELX_P HELX_P3 3 ASN A 98  ? LEU A 106 ? ASN A 97  LEU A 105 1 ? 9  
HELX_P HELX_P4 4 ASN A 109 ? ALA A 113 ? ASN A 108 ALA A 112 5 ? 5  
# 
_struct_conf_type.id          HELX_P 
_struct_conf_type.criteria    ? 
_struct_conf_type.reference   ? 
# 
loop_
_struct_conn.id 
_struct_conn.conn_type_id 
_struct_conn.pdbx_leaving_atom_flag 
_struct_conn.pdbx_PDB_id 
_struct_conn.ptnr1_label_asym_id 
_struct_conn.ptnr1_label_comp_id 
_struct_conn.ptnr1_label_seq_id 
_struct_conn.ptnr1_label_atom_id 
_struct_conn.pdbx_ptnr1_label_alt_id 
_struct_conn.pdbx_ptnr1_PDB_ins_code 
_struct_conn.pdbx_ptnr1_standard_comp_id 
_struct_conn.ptnr1_symmetry 
_struct_conn.ptnr2_label_asym_id 
_struct_conn.ptnr2_label_comp_id 
_struct_conn.ptnr2_label_seq_id 
_struct_conn.ptnr2_label_atom_id 
_struct_conn.pdbx_ptnr2_label_alt_id 
_struct_conn.pdbx_ptnr2_PDB_ins_code 
_struct_conn.ptnr1_auth_asym_id 
_struct_conn.ptnr1_auth_comp_id 
_struct_conn.ptnr1_auth_seq_id 
_struct_conn.ptnr2_auth_asym_id 
_struct_conn.ptnr2_auth_comp_id 
_struct_conn.ptnr2_auth_seq_id 
_struct_conn.ptnr2_symmetry 
_struct_conn.pdbx_ptnr3_label_atom_id 
_struct_conn.pdbx_ptnr3_label_seq_id 
_struct_conn.pdbx_ptnr3_label_comp_id 
_struct_conn.pdbx_ptnr3_label_asym_id 
_struct_conn.pdbx_ptnr3_label_alt_id 
_struct_conn.pdbx_ptnr3_PDB_ins_code 
_struct_conn.details 
_struct_conn.pdbx_dist_value 
_struct_conn.pdbx_value_order 
_struct_conn.pdbx_role 
disulf1 disulf ? ? A CYS 32 SG ? ? ? 1_555 A CYS 47  SG ? ? A CYS 31 A CYS 46 1_555 ? ? ? ? ? ? ? 2.034 ? ? 
disulf2 disulf ? ? A CYS 70 SG ? ? ? 1_555 A CYS 100 SG ? ? A CYS 69 A CYS 99 1_555 ? ? ? ? ? ? ? 2.050 ? ? 
# 
_struct_conn_type.id          disulf 
_struct_conn_type.criteria    ? 
_struct_conn_type.reference   ? 
# 
loop_
_pdbx_modification_feature.ordinal 
_pdbx_modification_feature.label_comp_id 
_pdbx_modification_feature.label_asym_id 
_pdbx_modification_feature.label_seq_id 
_pdbx_modification_feature.label_alt_id 
_pdbx_modification_feature.modified_residue_label_comp_id 
_pdbx_modification_feature.modified_residue_label_asym_id 
_pdbx_modification_feature.modified_residue_label_seq_id 
_pdbx_modification_feature.modified_residue_label_alt_id 
_pdbx_modification_feature.auth_comp_id 
_pdbx_modification_feature.auth_asym_id 
_pdbx_modification_feature.auth_seq_id 
_pdbx_modification_feature.PDB_ins_code 
_pdbx_modification_feature.symmetry 
_pdbx_modification_feature.modified_residue_auth_comp_id 
_pdbx_modification_feature.modified_residue_auth_asym_id 
_pdbx_modification_feature.modified_residue_auth_seq_id 
_pdbx_modification_feature.modified_residue_PDB_ins_code 
_pdbx_modification_feature.modified_residue_symmetry 
_pdbx_modification_feature.comp_id_linking_atom 
_pdbx_modification_feature.modified_residue_id_linking_atom 
_pdbx_modification_feature.modified_residue_id 
_pdbx_modification_feature.ref_pcm_id 
_pdbx_modification_feature.ref_comp_id 
_pdbx_modification_feature.type 
_pdbx_modification_feature.category 
1 CYS A 32 ? CYS A 47  ? CYS A 31 ? 1_555 CYS A 46 ? 1_555 SG SG . . . None 'Disulfide bridge' 
2 CYS A 70 ? CYS A 100 ? CYS A 69 ? 1_555 CYS A 99 ? 1_555 SG SG . . . None 'Disulfide bridge' 
# 
_struct_sheet.id               A 
_struct_sheet.type             ? 
_struct_sheet.number_strands   5 
_struct_sheet.details          ? 
# 
loop_
_struct_sheet_order.sheet_id 
_struct_sheet_order.range_id_1 
_struct_sheet_order.range_id_2 
_struct_sheet_order.offset 
_struct_sheet_order.sense 
A 1 2 ? anti-parallel 
A 2 3 ? anti-parallel 
A 3 4 ? anti-parallel 
A 4 5 ? anti-parallel 
# 
loop_
_struct_sheet_range.sheet_id 
_struct_sheet_range.id 
_struct_sheet_range.beg_label_comp_id 
_struct_sheet_range.beg_label_asym_id 
_struct_sheet_range.beg_label_seq_id 
_struct_sheet_range.pdbx_beg_PDB_ins_code 
_struct_sheet_range.end_label_comp_id 
_struct_sheet_range.end_label_asym_id 
_struct_sheet_range.end_label_seq_id 
_struct_sheet_range.pdbx_end_PDB_ins_code 
_struct_sheet_range.beg_auth_comp_id 
_struct_sheet_range.beg_auth_asym_id 
_struct_sheet_range.beg_auth_seq_id 
_struct_sheet_range.end_auth_comp_id 
_struct_sheet_range.end_auth_asym_id 
_struct_sheet_range.end_auth_seq_id 
A 1 ALA A 36 ? GLU A 37 ? ALA A 35 GLU A 36 
A 2 THR A 23 ? CYS A 32 ? THR A 22 CYS A 31 
A 3 ALA A 8  ? GLN A 15 ? ALA A 7  GLN A 14 
A 4 VAL A 77 ? LEU A 85 ? VAL A 76 LEU A 84 
A 5 ARG A 88 ? PHE A 96 ? ARG A 87 PHE A 95 
# 
loop_
_pdbx_struct_sheet_hbond.sheet_id 
_pdbx_struct_sheet_hbond.range_id_1 
_pdbx_struct_sheet_hbond.range_id_2 
_pdbx_struct_sheet_hbond.range_1_label_atom_id 
_pdbx_struct_sheet_hbond.range_1_label_comp_id 
_pdbx_struct_sheet_hbond.range_1_label_asym_id 
_pdbx_struct_sheet_hbond.range_1_label_seq_id 
_pdbx_struct_sheet_hbond.range_1_PDB_ins_code 
_pdbx_struct_sheet_hbond.range_1_auth_atom_id 
_pdbx_struct_sheet_hbond.range_1_auth_comp_id 
_pdbx_struct_sheet_hbond.range_1_auth_asym_id 
_pdbx_struct_sheet_hbond.range_1_auth_seq_id 
_pdbx_struct_sheet_hbond.range_2_label_atom_id 
_pdbx_struct_sheet_hbond.range_2_label_comp_id 
_pdbx_struct_sheet_hbond.range_2_label_asym_id 
_pdbx_struct_sheet_hbond.range_2_label_seq_id 
_pdbx_struct_sheet_hbond.range_2_PDB_ins_code 
_pdbx_struct_sheet_hbond.range_2_auth_atom_id 
_pdbx_struct_sheet_hbond.range_2_auth_comp_id 
_pdbx_struct_sheet_hbond.range_2_auth_asym_id 
_pdbx_struct_sheet_hbond.range_2_auth_seq_id 
A 1 2 O GLU A 37 ? O GLU A 36 N SER A 31 ? N SER A 30 
A 2 3 O LEU A 30 ? O LEU A 29 N MET A 9  ? N MET A 8  
A 3 4 N ILE A 14 ? N ILE A 13 O THR A 78 ? O THR A 77 
A 4 5 N VAL A 77 ? N VAL A 76 O PHE A 96 ? O PHE A 95 
# 
loop_
_struct_site.id 
_struct_site.pdbx_evidence_code 
_struct_site.pdbx_auth_asym_id 
_struct_site.pdbx_auth_comp_id 
_struct_site.pdbx_auth_seq_id 
_struct_site.pdbx_auth_ins_code 
_struct_site.pdbx_num_residues 
_struct_site.details 
AC1 Software A GOL 501 ? 8 'BINDING SITE FOR RESIDUE GOL A 501' 
AC2 Software A ACT 502 ? 5 'BINDING SITE FOR RESIDUE ACT A 502' 
AC3 Software A ACT 503 ? 3 'BINDING SITE FOR RESIDUE ACT A 503' 
AC4 Software A ACT 504 ? 4 'BINDING SITE FOR RESIDUE ACT A 504' 
# 
loop_
_struct_site_gen.id 
_struct_site_gen.site_id 
_struct_site_gen.pdbx_num_res 
_struct_site_gen.label_comp_id 
_struct_site_gen.label_asym_id 
_struct_site_gen.label_seq_id 
_struct_site_gen.pdbx_auth_ins_code 
_struct_site_gen.auth_comp_id 
_struct_site_gen.auth_asym_id 
_struct_site_gen.auth_seq_id 
_struct_site_gen.label_atom_id 
_struct_site_gen.label_alt_id 
_struct_site_gen.symmetry 
_struct_site_gen.details 
1  AC1 8 CYS A 32 ? CYS A 31  . ? 1_555 ? 
2  AC1 8 ALA A 33 ? ALA A 32  . ? 1_555 ? 
3  AC1 8 ARG A 44 ? ARG A 43  . ? 1_555 ? 
4  AC1 8 CYS A 47 ? CYS A 46  . ? 1_555 ? 
5  AC1 8 ASN A 51 ? ASN A 50  . ? 1_555 ? 
6  AC1 8 HOH F .  ? HOH A 618 . ? 1_555 ? 
7  AC1 8 HOH F .  ? HOH A 669 . ? 1_555 ? 
8  AC1 8 HOH F .  ? HOH A 670 . ? 1_555 ? 
9  AC2 5 ALA A 3  ? ALA A 2   . ? 1_555 ? 
10 AC2 5 HIS A 4  ? HIS A 3   . ? 1_555 ? 
11 AC2 5 SER A 67 ? SER A 66  . ? 5_564 ? 
12 AC2 5 HOH F .  ? HOH A 669 . ? 1_555 ? 
13 AC2 5 HOH F .  ? HOH A 688 . ? 1_555 ? 
14 AC3 3 ASP A 82 ? ASP A 81  . ? 1_555 ? 
15 AC3 3 ARG A 89 ? ARG A 88  . ? 6_555 ? 
16 AC3 3 TRP A 92 ? TRP A 91  . ? 1_555 ? 
17 AC4 4 LEU A 61 ? LEU A 60  . ? 1_555 ? 
18 AC4 4 HIS A 94 ? HIS A 93  . ? 1_555 ? 
19 AC4 4 PHE A 96 ? PHE A 95  . ? 1_555 ? 
20 AC4 4 HOH F .  ? HOH A 615 . ? 1_555 ? 
# 
_pdbx_entry_details.entry_id                   4HWX 
_pdbx_entry_details.compound_details           ? 
_pdbx_entry_details.source_details             ? 
_pdbx_entry_details.nonpolymer_details         ? 
_pdbx_entry_details.sequence_details           ? 
_pdbx_entry_details.has_ligand_of_interest     ? 
_pdbx_entry_details.has_protein_modification   Y 
# 
loop_
_pdbx_validate_torsion.id 
_pdbx_validate_torsion.PDB_model_num 
_pdbx_validate_torsion.auth_comp_id 
_pdbx_validate_torsion.auth_asym_id 
_pdbx_validate_torsion.auth_seq_id 
_pdbx_validate_torsion.PDB_ins_code 
_pdbx_validate_torsion.label_alt_id 
_pdbx_validate_torsion.phi 
_pdbx_validate_torsion.psi 
1 1 ALA A 32  ? ? -158.10 -137.28 
2 1 ASN A 106 ? ? 55.30   -120.78 
3 1 SER A 107 ? ? -140.54 28.41   
# 
_pdbx_refine_tls.pdbx_refine_id   'X-RAY DIFFRACTION' 
_pdbx_refine_tls.id               1 
_pdbx_refine_tls.details          ? 
_pdbx_refine_tls.method           refined 
_pdbx_refine_tls.origin_x         -0.2403 
_pdbx_refine_tls.origin_y         -0.2737 
_pdbx_refine_tls.origin_z         0.0052 
_pdbx_refine_tls.T[1][1]          -0.0098 
_pdbx_refine_tls.T[2][2]          0.0416 
_pdbx_refine_tls.T[3][3]          -0.0119 
_pdbx_refine_tls.T[1][2]          0.0214 
_pdbx_refine_tls.T[1][3]          0.0379 
_pdbx_refine_tls.T[2][3]          0.0518 
_pdbx_refine_tls.L[1][1]          0.5536 
_pdbx_refine_tls.L[2][2]          3.6113 
_pdbx_refine_tls.L[3][3]          0.9924 
_pdbx_refine_tls.L[1][2]          0.0260 
_pdbx_refine_tls.L[1][3]          -0.6415 
_pdbx_refine_tls.L[2][3]          0.8440 
_pdbx_refine_tls.S[1][1]          0.0056 
_pdbx_refine_tls.S[1][2]          0.0154 
_pdbx_refine_tls.S[1][3]          0.0295 
_pdbx_refine_tls.S[2][1]          -0.1612 
_pdbx_refine_tls.S[2][2]          0.2127 
_pdbx_refine_tls.S[2][3]          -0.0177 
_pdbx_refine_tls.S[3][1]          -0.1248 
_pdbx_refine_tls.S[3][2]          0.0089 
_pdbx_refine_tls.S[3][3]          -0.2183 
# 
_pdbx_refine_tls_group.pdbx_refine_id      'X-RAY DIFFRACTION' 
_pdbx_refine_tls_group.id                  1 
_pdbx_refine_tls_group.refine_tls_id       1 
_pdbx_refine_tls_group.beg_auth_asym_id    A 
_pdbx_refine_tls_group.beg_auth_seq_id     -1 
_pdbx_refine_tls_group.end_auth_asym_id    A 
_pdbx_refine_tls_group.end_auth_seq_id     113 
_pdbx_refine_tls_group.selection_details   '{ A|* }' 
_pdbx_refine_tls_group.beg_label_asym_id   ? 
_pdbx_refine_tls_group.beg_label_seq_id    ? 
_pdbx_refine_tls_group.end_label_asym_id   ? 
_pdbx_refine_tls_group.end_label_seq_id    ? 
_pdbx_refine_tls_group.selection           ? 
# 
loop_
_chem_comp_atom.comp_id 
_chem_comp_atom.atom_id 
_chem_comp_atom.type_symbol 
_chem_comp_atom.pdbx_aromatic_flag 
_chem_comp_atom.pdbx_stereo_config 
_chem_comp_atom.pdbx_ordinal 
ACT C    C N N 1   
ACT O    O N N 2   
ACT OXT  O N N 3   
ACT CH3  C N N 4   
ACT H1   H N N 5   
ACT H2   H N N 6   
ACT H3   H N N 7   
ALA N    N N N 8   
ALA CA   C N S 9   
ALA C    C N N 10  
ALA O    O N N 11  
ALA CB   C N N 12  
ALA OXT  O N N 13  
ALA H    H N N 14  
ALA H2   H N N 15  
ALA HA   H N N 16  
ALA HB1  H N N 17  
ALA HB2  H N N 18  
ALA HB3  H N N 19  
ALA HXT  H N N 20  
ARG N    N N N 21  
ARG CA   C N S 22  
ARG C    C N N 23  
ARG O    O N N 24  
ARG CB   C N N 25  
ARG CG   C N N 26  
ARG CD   C N N 27  
ARG NE   N N N 28  
ARG CZ   C N N 29  
ARG NH1  N N N 30  
ARG NH2  N N N 31  
ARG OXT  O N N 32  
ARG H    H N N 33  
ARG H2   H N N 34  
ARG HA   H N N 35  
ARG HB2  H N N 36  
ARG HB3  H N N 37  
ARG HG2  H N N 38  
ARG HG3  H N N 39  
ARG HD2  H N N 40  
ARG HD3  H N N 41  
ARG HE   H N N 42  
ARG HH11 H N N 43  
ARG HH12 H N N 44  
ARG HH21 H N N 45  
ARG HH22 H N N 46  
ARG HXT  H N N 47  
ASN N    N N N 48  
ASN CA   C N S 49  
ASN C    C N N 50  
ASN O    O N N 51  
ASN CB   C N N 52  
ASN CG   C N N 53  
ASN OD1  O N N 54  
ASN ND2  N N N 55  
ASN OXT  O N N 56  
ASN H    H N N 57  
ASN H2   H N N 58  
ASN HA   H N N 59  
ASN HB2  H N N 60  
ASN HB3  H N N 61  
ASN HD21 H N N 62  
ASN HD22 H N N 63  
ASN HXT  H N N 64  
ASP N    N N N 65  
ASP CA   C N S 66  
ASP C    C N N 67  
ASP O    O N N 68  
ASP CB   C N N 69  
ASP CG   C N N 70  
ASP OD1  O N N 71  
ASP OD2  O N N 72  
ASP OXT  O N N 73  
ASP H    H N N 74  
ASP H2   H N N 75  
ASP HA   H N N 76  
ASP HB2  H N N 77  
ASP HB3  H N N 78  
ASP HD2  H N N 79  
ASP HXT  H N N 80  
CYS N    N N N 81  
CYS CA   C N R 82  
CYS C    C N N 83  
CYS O    O N N 84  
CYS CB   C N N 85  
CYS SG   S N N 86  
CYS OXT  O N N 87  
CYS H    H N N 88  
CYS H2   H N N 89  
CYS HA   H N N 90  
CYS HB2  H N N 91  
CYS HB3  H N N 92  
CYS HG   H N N 93  
CYS HXT  H N N 94  
GLN N    N N N 95  
GLN CA   C N S 96  
GLN C    C N N 97  
GLN O    O N N 98  
GLN CB   C N N 99  
GLN CG   C N N 100 
GLN CD   C N N 101 
GLN OE1  O N N 102 
GLN NE2  N N N 103 
GLN OXT  O N N 104 
GLN H    H N N 105 
GLN H2   H N N 106 
GLN HA   H N N 107 
GLN HB2  H N N 108 
GLN HB3  H N N 109 
GLN HG2  H N N 110 
GLN HG3  H N N 111 
GLN HE21 H N N 112 
GLN HE22 H N N 113 
GLN HXT  H N N 114 
GLU N    N N N 115 
GLU CA   C N S 116 
GLU C    C N N 117 
GLU O    O N N 118 
GLU CB   C N N 119 
GLU CG   C N N 120 
GLU CD   C N N 121 
GLU OE1  O N N 122 
GLU OE2  O N N 123 
GLU OXT  O N N 124 
GLU H    H N N 125 
GLU H2   H N N 126 
GLU HA   H N N 127 
GLU HB2  H N N 128 
GLU HB3  H N N 129 
GLU HG2  H N N 130 
GLU HG3  H N N 131 
GLU HE2  H N N 132 
GLU HXT  H N N 133 
GLY N    N N N 134 
GLY CA   C N N 135 
GLY C    C N N 136 
GLY O    O N N 137 
GLY OXT  O N N 138 
GLY H    H N N 139 
GLY H2   H N N 140 
GLY HA2  H N N 141 
GLY HA3  H N N 142 
GLY HXT  H N N 143 
GOL C1   C N N 144 
GOL O1   O N N 145 
GOL C2   C N N 146 
GOL O2   O N N 147 
GOL C3   C N N 148 
GOL O3   O N N 149 
GOL H11  H N N 150 
GOL H12  H N N 151 
GOL HO1  H N N 152 
GOL H2   H N N 153 
GOL HO2  H N N 154 
GOL H31  H N N 155 
GOL H32  H N N 156 
GOL HO3  H N N 157 
HIS N    N N N 158 
HIS CA   C N S 159 
HIS C    C N N 160 
HIS O    O N N 161 
HIS CB   C N N 162 
HIS CG   C Y N 163 
HIS ND1  N Y N 164 
HIS CD2  C Y N 165 
HIS CE1  C Y N 166 
HIS NE2  N Y N 167 
HIS OXT  O N N 168 
HIS H    H N N 169 
HIS H2   H N N 170 
HIS HA   H N N 171 
HIS HB2  H N N 172 
HIS HB3  H N N 173 
HIS HD1  H N N 174 
HIS HD2  H N N 175 
HIS HE1  H N N 176 
HIS HE2  H N N 177 
HIS HXT  H N N 178 
HOH O    O N N 179 
HOH H1   H N N 180 
HOH H2   H N N 181 
ILE N    N N N 182 
ILE CA   C N S 183 
ILE C    C N N 184 
ILE O    O N N 185 
ILE CB   C N S 186 
ILE CG1  C N N 187 
ILE CG2  C N N 188 
ILE CD1  C N N 189 
ILE OXT  O N N 190 
ILE H    H N N 191 
ILE H2   H N N 192 
ILE HA   H N N 193 
ILE HB   H N N 194 
ILE HG12 H N N 195 
ILE HG13 H N N 196 
ILE HG21 H N N 197 
ILE HG22 H N N 198 
ILE HG23 H N N 199 
ILE HD11 H N N 200 
ILE HD12 H N N 201 
ILE HD13 H N N 202 
ILE HXT  H N N 203 
LEU N    N N N 204 
LEU CA   C N S 205 
LEU C    C N N 206 
LEU O    O N N 207 
LEU CB   C N N 208 
LEU CG   C N N 209 
LEU CD1  C N N 210 
LEU CD2  C N N 211 
LEU OXT  O N N 212 
LEU H    H N N 213 
LEU H2   H N N 214 
LEU HA   H N N 215 
LEU HB2  H N N 216 
LEU HB3  H N N 217 
LEU HG   H N N 218 
LEU HD11 H N N 219 
LEU HD12 H N N 220 
LEU HD13 H N N 221 
LEU HD21 H N N 222 
LEU HD22 H N N 223 
LEU HD23 H N N 224 
LEU HXT  H N N 225 
LYS N    N N N 226 
LYS CA   C N S 227 
LYS C    C N N 228 
LYS O    O N N 229 
LYS CB   C N N 230 
LYS CG   C N N 231 
LYS CD   C N N 232 
LYS CE   C N N 233 
LYS NZ   N N N 234 
LYS OXT  O N N 235 
LYS H    H N N 236 
LYS H2   H N N 237 
LYS HA   H N N 238 
LYS HB2  H N N 239 
LYS HB3  H N N 240 
LYS HG2  H N N 241 
LYS HG3  H N N 242 
LYS HD2  H N N 243 
LYS HD3  H N N 244 
LYS HE2  H N N 245 
LYS HE3  H N N 246 
LYS HZ1  H N N 247 
LYS HZ2  H N N 248 
LYS HZ3  H N N 249 
LYS HXT  H N N 250 
MET N    N N N 251 
MET CA   C N S 252 
MET C    C N N 253 
MET O    O N N 254 
MET CB   C N N 255 
MET CG   C N N 256 
MET SD   S N N 257 
MET CE   C N N 258 
MET OXT  O N N 259 
MET H    H N N 260 
MET H2   H N N 261 
MET HA   H N N 262 
MET HB2  H N N 263 
MET HB3  H N N 264 
MET HG2  H N N 265 
MET HG3  H N N 266 
MET HE1  H N N 267 
MET HE2  H N N 268 
MET HE3  H N N 269 
MET HXT  H N N 270 
PHE N    N N N 271 
PHE CA   C N S 272 
PHE C    C N N 273 
PHE O    O N N 274 
PHE CB   C N N 275 
PHE CG   C Y N 276 
PHE CD1  C Y N 277 
PHE CD2  C Y N 278 
PHE CE1  C Y N 279 
PHE CE2  C Y N 280 
PHE CZ   C Y N 281 
PHE OXT  O N N 282 
PHE H    H N N 283 
PHE H2   H N N 284 
PHE HA   H N N 285 
PHE HB2  H N N 286 
PHE HB3  H N N 287 
PHE HD1  H N N 288 
PHE HD2  H N N 289 
PHE HE1  H N N 290 
PHE HE2  H N N 291 
PHE HZ   H N N 292 
PHE HXT  H N N 293 
PRO N    N N N 294 
PRO CA   C N S 295 
PRO C    C N N 296 
PRO O    O N N 297 
PRO CB   C N N 298 
PRO CG   C N N 299 
PRO CD   C N N 300 
PRO OXT  O N N 301 
PRO H    H N N 302 
PRO HA   H N N 303 
PRO HB2  H N N 304 
PRO HB3  H N N 305 
PRO HG2  H N N 306 
PRO HG3  H N N 307 
PRO HD2  H N N 308 
PRO HD3  H N N 309 
PRO HXT  H N N 310 
SER N    N N N 311 
SER CA   C N S 312 
SER C    C N N 313 
SER O    O N N 314 
SER CB   C N N 315 
SER OG   O N N 316 
SER OXT  O N N 317 
SER H    H N N 318 
SER H2   H N N 319 
SER HA   H N N 320 
SER HB2  H N N 321 
SER HB3  H N N 322 
SER HG   H N N 323 
SER HXT  H N N 324 
THR N    N N N 325 
THR CA   C N S 326 
THR C    C N N 327 
THR O    O N N 328 
THR CB   C N R 329 
THR OG1  O N N 330 
THR CG2  C N N 331 
THR OXT  O N N 332 
THR H    H N N 333 
THR H2   H N N 334 
THR HA   H N N 335 
THR HB   H N N 336 
THR HG1  H N N 337 
THR HG21 H N N 338 
THR HG22 H N N 339 
THR HG23 H N N 340 
THR HXT  H N N 341 
TRP N    N N N 342 
TRP CA   C N S 343 
TRP C    C N N 344 
TRP O    O N N 345 
TRP CB   C N N 346 
TRP CG   C Y N 347 
TRP CD1  C Y N 348 
TRP CD2  C Y N 349 
TRP NE1  N Y N 350 
TRP CE2  C Y N 351 
TRP CE3  C Y N 352 
TRP CZ2  C Y N 353 
TRP CZ3  C Y N 354 
TRP CH2  C Y N 355 
TRP OXT  O N N 356 
TRP H    H N N 357 
TRP H2   H N N 358 
TRP HA   H N N 359 
TRP HB2  H N N 360 
TRP HB3  H N N 361 
TRP HD1  H N N 362 
TRP HE1  H N N 363 
TRP HE3  H N N 364 
TRP HZ2  H N N 365 
TRP HZ3  H N N 366 
TRP HH2  H N N 367 
TRP HXT  H N N 368 
TYR N    N N N 369 
TYR CA   C N S 370 
TYR C    C N N 371 
TYR O    O N N 372 
TYR CB   C N N 373 
TYR CG   C Y N 374 
TYR CD1  C Y N 375 
TYR CD2  C Y N 376 
TYR CE1  C Y N 377 
TYR CE2  C Y N 378 
TYR CZ   C Y N 379 
TYR OH   O N N 380 
TYR OXT  O N N 381 
TYR H    H N N 382 
TYR H2   H N N 383 
TYR HA   H N N 384 
TYR HB2  H N N 385 
TYR HB3  H N N 386 
TYR HD1  H N N 387 
TYR HD2  H N N 388 
TYR HE1  H N N 389 
TYR HE2  H N N 390 
TYR HH   H N N 391 
TYR HXT  H N N 392 
VAL N    N N N 393 
VAL CA   C N S 394 
VAL C    C N N 395 
VAL O    O N N 396 
VAL CB   C N N 397 
VAL CG1  C N N 398 
VAL CG2  C N N 399 
VAL OXT  O N N 400 
VAL H    H N N 401 
VAL H2   H N N 402 
VAL HA   H N N 403 
VAL HB   H N N 404 
VAL HG11 H N N 405 
VAL HG12 H N N 406 
VAL HG13 H N N 407 
VAL HG21 H N N 408 
VAL HG22 H N N 409 
VAL HG23 H N N 410 
VAL HXT  H N N 411 
# 
loop_
_chem_comp_bond.comp_id 
_chem_comp_bond.atom_id_1 
_chem_comp_bond.atom_id_2 
_chem_comp_bond.value_order 
_chem_comp_bond.pdbx_aromatic_flag 
_chem_comp_bond.pdbx_stereo_config 
_chem_comp_bond.pdbx_ordinal 
ACT C   O    doub N N 1   
ACT C   OXT  sing N N 2   
ACT C   CH3  sing N N 3   
ACT CH3 H1   sing N N 4   
ACT CH3 H2   sing N N 5   
ACT CH3 H3   sing N N 6   
ALA N   CA   sing N N 7   
ALA N   H    sing N N 8   
ALA N   H2   sing N N 9   
ALA CA  C    sing N N 10  
ALA CA  CB   sing N N 11  
ALA CA  HA   sing N N 12  
ALA C   O    doub N N 13  
ALA C   OXT  sing N N 14  
ALA CB  HB1  sing N N 15  
ALA CB  HB2  sing N N 16  
ALA CB  HB3  sing N N 17  
ALA OXT HXT  sing N N 18  
ARG N   CA   sing N N 19  
ARG N   H    sing N N 20  
ARG N   H2   sing N N 21  
ARG CA  C    sing N N 22  
ARG CA  CB   sing N N 23  
ARG CA  HA   sing N N 24  
ARG C   O    doub N N 25  
ARG C   OXT  sing N N 26  
ARG CB  CG   sing N N 27  
ARG CB  HB2  sing N N 28  
ARG CB  HB3  sing N N 29  
ARG CG  CD   sing N N 30  
ARG CG  HG2  sing N N 31  
ARG CG  HG3  sing N N 32  
ARG CD  NE   sing N N 33  
ARG CD  HD2  sing N N 34  
ARG CD  HD3  sing N N 35  
ARG NE  CZ   sing N N 36  
ARG NE  HE   sing N N 37  
ARG CZ  NH1  sing N N 38  
ARG CZ  NH2  doub N N 39  
ARG NH1 HH11 sing N N 40  
ARG NH1 HH12 sing N N 41  
ARG NH2 HH21 sing N N 42  
ARG NH2 HH22 sing N N 43  
ARG OXT HXT  sing N N 44  
ASN N   CA   sing N N 45  
ASN N   H    sing N N 46  
ASN N   H2   sing N N 47  
ASN CA  C    sing N N 48  
ASN CA  CB   sing N N 49  
ASN CA  HA   sing N N 50  
ASN C   O    doub N N 51  
ASN C   OXT  sing N N 52  
ASN CB  CG   sing N N 53  
ASN CB  HB2  sing N N 54  
ASN CB  HB3  sing N N 55  
ASN CG  OD1  doub N N 56  
ASN CG  ND2  sing N N 57  
ASN ND2 HD21 sing N N 58  
ASN ND2 HD22 sing N N 59  
ASN OXT HXT  sing N N 60  
ASP N   CA   sing N N 61  
ASP N   H    sing N N 62  
ASP N   H2   sing N N 63  
ASP CA  C    sing N N 64  
ASP CA  CB   sing N N 65  
ASP CA  HA   sing N N 66  
ASP C   O    doub N N 67  
ASP C   OXT  sing N N 68  
ASP CB  CG   sing N N 69  
ASP CB  HB2  sing N N 70  
ASP CB  HB3  sing N N 71  
ASP CG  OD1  doub N N 72  
ASP CG  OD2  sing N N 73  
ASP OD2 HD2  sing N N 74  
ASP OXT HXT  sing N N 75  
CYS N   CA   sing N N 76  
CYS N   H    sing N N 77  
CYS N   H2   sing N N 78  
CYS CA  C    sing N N 79  
CYS CA  CB   sing N N 80  
CYS CA  HA   sing N N 81  
CYS C   O    doub N N 82  
CYS C   OXT  sing N N 83  
CYS CB  SG   sing N N 84  
CYS CB  HB2  sing N N 85  
CYS CB  HB3  sing N N 86  
CYS SG  HG   sing N N 87  
CYS OXT HXT  sing N N 88  
GLN N   CA   sing N N 89  
GLN N   H    sing N N 90  
GLN N   H2   sing N N 91  
GLN CA  C    sing N N 92  
GLN CA  CB   sing N N 93  
GLN CA  HA   sing N N 94  
GLN C   O    doub N N 95  
GLN C   OXT  sing N N 96  
GLN CB  CG   sing N N 97  
GLN CB  HB2  sing N N 98  
GLN CB  HB3  sing N N 99  
GLN CG  CD   sing N N 100 
GLN CG  HG2  sing N N 101 
GLN CG  HG3  sing N N 102 
GLN CD  OE1  doub N N 103 
GLN CD  NE2  sing N N 104 
GLN NE2 HE21 sing N N 105 
GLN NE2 HE22 sing N N 106 
GLN OXT HXT  sing N N 107 
GLU N   CA   sing N N 108 
GLU N   H    sing N N 109 
GLU N   H2   sing N N 110 
GLU CA  C    sing N N 111 
GLU CA  CB   sing N N 112 
GLU CA  HA   sing N N 113 
GLU C   O    doub N N 114 
GLU C   OXT  sing N N 115 
GLU CB  CG   sing N N 116 
GLU CB  HB2  sing N N 117 
GLU CB  HB3  sing N N 118 
GLU CG  CD   sing N N 119 
GLU CG  HG2  sing N N 120 
GLU CG  HG3  sing N N 121 
GLU CD  OE1  doub N N 122 
GLU CD  OE2  sing N N 123 
GLU OE2 HE2  sing N N 124 
GLU OXT HXT  sing N N 125 
GLY N   CA   sing N N 126 
GLY N   H    sing N N 127 
GLY N   H2   sing N N 128 
GLY CA  C    sing N N 129 
GLY CA  HA2  sing N N 130 
GLY CA  HA3  sing N N 131 
GLY C   O    doub N N 132 
GLY C   OXT  sing N N 133 
GLY OXT HXT  sing N N 134 
GOL C1  O1   sing N N 135 
GOL C1  C2   sing N N 136 
GOL C1  H11  sing N N 137 
GOL C1  H12  sing N N 138 
GOL O1  HO1  sing N N 139 
GOL C2  O2   sing N N 140 
GOL C2  C3   sing N N 141 
GOL C2  H2   sing N N 142 
GOL O2  HO2  sing N N 143 
GOL C3  O3   sing N N 144 
GOL C3  H31  sing N N 145 
GOL C3  H32  sing N N 146 
GOL O3  HO3  sing N N 147 
HIS N   CA   sing N N 148 
HIS N   H    sing N N 149 
HIS N   H2   sing N N 150 
HIS CA  C    sing N N 151 
HIS CA  CB   sing N N 152 
HIS CA  HA   sing N N 153 
HIS C   O    doub N N 154 
HIS C   OXT  sing N N 155 
HIS CB  CG   sing N N 156 
HIS CB  HB2  sing N N 157 
HIS CB  HB3  sing N N 158 
HIS CG  ND1  sing Y N 159 
HIS CG  CD2  doub Y N 160 
HIS ND1 CE1  doub Y N 161 
HIS ND1 HD1  sing N N 162 
HIS CD2 NE2  sing Y N 163 
HIS CD2 HD2  sing N N 164 
HIS CE1 NE2  sing Y N 165 
HIS CE1 HE1  sing N N 166 
HIS NE2 HE2  sing N N 167 
HIS OXT HXT  sing N N 168 
HOH O   H1   sing N N 169 
HOH O   H2   sing N N 170 
ILE N   CA   sing N N 171 
ILE N   H    sing N N 172 
ILE N   H2   sing N N 173 
ILE CA  C    sing N N 174 
ILE CA  CB   sing N N 175 
ILE CA  HA   sing N N 176 
ILE C   O    doub N N 177 
ILE C   OXT  sing N N 178 
ILE CB  CG1  sing N N 179 
ILE CB  CG2  sing N N 180 
ILE CB  HB   sing N N 181 
ILE CG1 CD1  sing N N 182 
ILE CG1 HG12 sing N N 183 
ILE CG1 HG13 sing N N 184 
ILE CG2 HG21 sing N N 185 
ILE CG2 HG22 sing N N 186 
ILE CG2 HG23 sing N N 187 
ILE CD1 HD11 sing N N 188 
ILE CD1 HD12 sing N N 189 
ILE CD1 HD13 sing N N 190 
ILE OXT HXT  sing N N 191 
LEU N   CA   sing N N 192 
LEU N   H    sing N N 193 
LEU N   H2   sing N N 194 
LEU CA  C    sing N N 195 
LEU CA  CB   sing N N 196 
LEU CA  HA   sing N N 197 
LEU C   O    doub N N 198 
LEU C   OXT  sing N N 199 
LEU CB  CG   sing N N 200 
LEU CB  HB2  sing N N 201 
LEU CB  HB3  sing N N 202 
LEU CG  CD1  sing N N 203 
LEU CG  CD2  sing N N 204 
LEU CG  HG   sing N N 205 
LEU CD1 HD11 sing N N 206 
LEU CD1 HD12 sing N N 207 
LEU CD1 HD13 sing N N 208 
LEU CD2 HD21 sing N N 209 
LEU CD2 HD22 sing N N 210 
LEU CD2 HD23 sing N N 211 
LEU OXT HXT  sing N N 212 
LYS N   CA   sing N N 213 
LYS N   H    sing N N 214 
LYS N   H2   sing N N 215 
LYS CA  C    sing N N 216 
LYS CA  CB   sing N N 217 
LYS CA  HA   sing N N 218 
LYS C   O    doub N N 219 
LYS C   OXT  sing N N 220 
LYS CB  CG   sing N N 221 
LYS CB  HB2  sing N N 222 
LYS CB  HB3  sing N N 223 
LYS CG  CD   sing N N 224 
LYS CG  HG2  sing N N 225 
LYS CG  HG3  sing N N 226 
LYS CD  CE   sing N N 227 
LYS CD  HD2  sing N N 228 
LYS CD  HD3  sing N N 229 
LYS CE  NZ   sing N N 230 
LYS CE  HE2  sing N N 231 
LYS CE  HE3  sing N N 232 
LYS NZ  HZ1  sing N N 233 
LYS NZ  HZ2  sing N N 234 
LYS NZ  HZ3  sing N N 235 
LYS OXT HXT  sing N N 236 
MET N   CA   sing N N 237 
MET N   H    sing N N 238 
MET N   H2   sing N N 239 
MET CA  C    sing N N 240 
MET CA  CB   sing N N 241 
MET CA  HA   sing N N 242 
MET C   O    doub N N 243 
MET C   OXT  sing N N 244 
MET CB  CG   sing N N 245 
MET CB  HB2  sing N N 246 
MET CB  HB3  sing N N 247 
MET CG  SD   sing N N 248 
MET CG  HG2  sing N N 249 
MET CG  HG3  sing N N 250 
MET SD  CE   sing N N 251 
MET CE  HE1  sing N N 252 
MET CE  HE2  sing N N 253 
MET CE  HE3  sing N N 254 
MET OXT HXT  sing N N 255 
PHE N   CA   sing N N 256 
PHE N   H    sing N N 257 
PHE N   H2   sing N N 258 
PHE CA  C    sing N N 259 
PHE CA  CB   sing N N 260 
PHE CA  HA   sing N N 261 
PHE C   O    doub N N 262 
PHE C   OXT  sing N N 263 
PHE CB  CG   sing N N 264 
PHE CB  HB2  sing N N 265 
PHE CB  HB3  sing N N 266 
PHE CG  CD1  doub Y N 267 
PHE CG  CD2  sing Y N 268 
PHE CD1 CE1  sing Y N 269 
PHE CD1 HD1  sing N N 270 
PHE CD2 CE2  doub Y N 271 
PHE CD2 HD2  sing N N 272 
PHE CE1 CZ   doub Y N 273 
PHE CE1 HE1  sing N N 274 
PHE CE2 CZ   sing Y N 275 
PHE CE2 HE2  sing N N 276 
PHE CZ  HZ   sing N N 277 
PHE OXT HXT  sing N N 278 
PRO N   CA   sing N N 279 
PRO N   CD   sing N N 280 
PRO N   H    sing N N 281 
PRO CA  C    sing N N 282 
PRO CA  CB   sing N N 283 
PRO CA  HA   sing N N 284 
PRO C   O    doub N N 285 
PRO C   OXT  sing N N 286 
PRO CB  CG   sing N N 287 
PRO CB  HB2  sing N N 288 
PRO CB  HB3  sing N N 289 
PRO CG  CD   sing N N 290 
PRO CG  HG2  sing N N 291 
PRO CG  HG3  sing N N 292 
PRO CD  HD2  sing N N 293 
PRO CD  HD3  sing N N 294 
PRO OXT HXT  sing N N 295 
SER N   CA   sing N N 296 
SER N   H    sing N N 297 
SER N   H2   sing N N 298 
SER CA  C    sing N N 299 
SER CA  CB   sing N N 300 
SER CA  HA   sing N N 301 
SER C   O    doub N N 302 
SER C   OXT  sing N N 303 
SER CB  OG   sing N N 304 
SER CB  HB2  sing N N 305 
SER CB  HB3  sing N N 306 
SER OG  HG   sing N N 307 
SER OXT HXT  sing N N 308 
THR N   CA   sing N N 309 
THR N   H    sing N N 310 
THR N   H2   sing N N 311 
THR CA  C    sing N N 312 
THR CA  CB   sing N N 313 
THR CA  HA   sing N N 314 
THR C   O    doub N N 315 
THR C   OXT  sing N N 316 
THR CB  OG1  sing N N 317 
THR CB  CG2  sing N N 318 
THR CB  HB   sing N N 319 
THR OG1 HG1  sing N N 320 
THR CG2 HG21 sing N N 321 
THR CG2 HG22 sing N N 322 
THR CG2 HG23 sing N N 323 
THR OXT HXT  sing N N 324 
TRP N   CA   sing N N 325 
TRP N   H    sing N N 326 
TRP N   H2   sing N N 327 
TRP CA  C    sing N N 328 
TRP CA  CB   sing N N 329 
TRP CA  HA   sing N N 330 
TRP C   O    doub N N 331 
TRP C   OXT  sing N N 332 
TRP CB  CG   sing N N 333 
TRP CB  HB2  sing N N 334 
TRP CB  HB3  sing N N 335 
TRP CG  CD1  doub Y N 336 
TRP CG  CD2  sing Y N 337 
TRP CD1 NE1  sing Y N 338 
TRP CD1 HD1  sing N N 339 
TRP CD2 CE2  doub Y N 340 
TRP CD2 CE3  sing Y N 341 
TRP NE1 CE2  sing Y N 342 
TRP NE1 HE1  sing N N 343 
TRP CE2 CZ2  sing Y N 344 
TRP CE3 CZ3  doub Y N 345 
TRP CE3 HE3  sing N N 346 
TRP CZ2 CH2  doub Y N 347 
TRP CZ2 HZ2  sing N N 348 
TRP CZ3 CH2  sing Y N 349 
TRP CZ3 HZ3  sing N N 350 
TRP CH2 HH2  sing N N 351 
TRP OXT HXT  sing N N 352 
TYR N   CA   sing N N 353 
TYR N   H    sing N N 354 
TYR N   H2   sing N N 355 
TYR CA  C    sing N N 356 
TYR CA  CB   sing N N 357 
TYR CA  HA   sing N N 358 
TYR C   O    doub N N 359 
TYR C   OXT  sing N N 360 
TYR CB  CG   sing N N 361 
TYR CB  HB2  sing N N 362 
TYR CB  HB3  sing N N 363 
TYR CG  CD1  doub Y N 364 
TYR CG  CD2  sing Y N 365 
TYR CD1 CE1  sing Y N 366 
TYR CD1 HD1  sing N N 367 
TYR CD2 CE2  doub Y N 368 
TYR CD2 HD2  sing N N 369 
TYR CE1 CZ   doub Y N 370 
TYR CE1 HE1  sing N N 371 
TYR CE2 CZ   sing Y N 372 
TYR CE2 HE2  sing N N 373 
TYR CZ  OH   sing N N 374 
TYR OH  HH   sing N N 375 
TYR OXT HXT  sing N N 376 
VAL N   CA   sing N N 377 
VAL N   H    sing N N 378 
VAL N   H2   sing N N 379 
VAL CA  C    sing N N 380 
VAL CA  CB   sing N N 381 
VAL CA  HA   sing N N 382 
VAL C   O    doub N N 383 
VAL C   OXT  sing N N 384 
VAL CB  CG1  sing N N 385 
VAL CB  CG2  sing N N 386 
VAL CB  HB   sing N N 387 
VAL CG1 HG11 sing N N 388 
VAL CG1 HG12 sing N N 389 
VAL CG1 HG13 sing N N 390 
VAL CG2 HG21 sing N N 391 
VAL CG2 HG22 sing N N 392 
VAL CG2 HG23 sing N N 393 
VAL OXT HXT  sing N N 394 
# 
_atom_sites.entry_id                    4HWX 
_atom_sites.fract_transf_matrix[1][1]   0.00254758 
_atom_sites.fract_transf_matrix[1][2]   -0.01483733 
_atom_sites.fract_transf_matrix[1][3]   0.00612973 
_atom_sites.fract_transf_matrix[2][1]   0.01098243 
_atom_sites.fract_transf_matrix[2][2]   -0.00214711 
_atom_sites.fract_transf_matrix[2][3]   0.01178850 
_atom_sites.fract_transf_matrix[3][1]   -0.01349086 
_atom_sites.fract_transf_matrix[3][2]   0.00310999 
_atom_sites.fract_transf_matrix[3][3]   0.01313483 
_atom_sites.fract_transf_vector[1]      0.154773 
_atom_sites.fract_transf_vector[2]      0.414765 
_atom_sites.fract_transf_vector[3]      0.039119 
# 
loop_
_atom_type.symbol 
C 
N 
O 
S 
# 
loop_
_atom_site.group_PDB 
_atom_site.id 
_atom_site.type_symbol 
_atom_site.label_atom_id 
_atom_site.label_alt_id 
_atom_site.label_comp_id 
_atom_site.label_asym_id 
_atom_site.label_entity_id 
_atom_site.label_seq_id 
_atom_site.pdbx_PDB_ins_code 
_atom_site.Cartn_x 
_atom_site.Cartn_y 
_atom_site.Cartn_z 
_atom_site.occupancy 
_atom_site.B_iso_or_equiv 
_atom_site.pdbx_formal_charge 
_atom_site.auth_seq_id 
_atom_site.auth_comp_id 
_atom_site.auth_asym_id 
_atom_site.auth_atom_id 
_atom_site.pdbx_PDB_model_num 
ATOM   1   N N   . GLY A 1 1   ? 10.473  11.932  -17.112 1.00 98.68  ? -1  GLY A N   1 
ATOM   2   C CA  . GLY A 1 1   ? 9.327   11.673  -16.252 1.00 96.53  ? -1  GLY A CA  1 
ATOM   3   C C   . GLY A 1 1   ? 8.178   12.623  -16.514 1.00 100.55 ? -1  GLY A C   1 
ATOM   4   O O   . GLY A 1 1   ? 8.244   13.797  -16.128 1.00 100.94 ? -1  GLY A O   1 
ATOM   5   N N   . SER A 1 2   ? 7.118   12.116  -17.183 1.00 95.81  ? 1   SER A N   1 
ATOM   6   C CA  . SER A 1 2   ? 5.920   12.885  -17.545 1.00 94.97  ? 1   SER A CA  1 
ATOM   7   C C   . SER A 1 2   ? 5.133   13.323  -16.306 1.00 92.47  ? 1   SER A C   1 
ATOM   8   O O   . SER A 1 2   ? 4.668   14.463  -16.257 1.00 92.91  ? 1   SER A O   1 
ATOM   9   C CB  . SER A 1 2   ? 5.020   12.079  -18.480 1.00 99.35  ? 1   SER A CB  1 
ATOM   10  O OG  . SER A 1 2   ? 4.599   10.859  -17.889 1.00 106.89 ? 1   SER A OG  1 
ATOM   11  N N   . ALA A 1 3   ? 5.009   12.427  -15.308 1.00 83.24  ? 2   ALA A N   1 
ATOM   12  C CA  . ALA A 1 3   ? 4.287   12.679  -14.061 1.00 79.58  ? 2   ALA A CA  1 
ATOM   13  C C   . ALA A 1 3   ? 5.060   13.622  -13.129 1.00 79.25  ? 2   ALA A C   1 
ATOM   14  O O   . ALA A 1 3   ? 6.144   13.272  -12.651 1.00 77.86  ? 2   ALA A O   1 
ATOM   15  C CB  . ALA A 1 3   ? 3.997   11.362  -13.348 1.00 78.34  ? 2   ALA A CB  1 
ATOM   16  N N   . HIS A 1 4   ? 4.490   14.817  -12.877 1.00 74.08  ? 3   HIS A N   1 
ATOM   17  C CA  . HIS A 1 4   ? 5.017   15.841  -11.971 1.00 72.49  ? 3   HIS A CA  1 
ATOM   18  C C   . HIS A 1 4   ? 3.861   16.604  -11.310 1.00 68.41  ? 3   HIS A C   1 
ATOM   19  O O   . HIS A 1 4   ? 2.927   17.021  -11.999 1.00 68.37  ? 3   HIS A O   1 
ATOM   20  C CB  . HIS A 1 4   ? 5.971   16.819  -12.690 1.00 76.51  ? 3   HIS A CB  1 
ATOM   21  C CG  . HIS A 1 4   ? 6.536   17.861  -11.766 1.00 81.16  ? 3   HIS A CG  1 
ATOM   22  N ND1 . HIS A 1 4   ? 7.617   17.585  -10.942 1.00 83.00  ? 3   HIS A ND1 1 
ATOM   23  C CD2 . HIS A 1 4   ? 6.107   19.121  -11.515 1.00 84.31  ? 3   HIS A CD2 1 
ATOM   24  C CE1 . HIS A 1 4   ? 7.825   18.688  -10.242 1.00 82.91  ? 3   HIS A CE1 1 
ATOM   25  N NE2 . HIS A 1 4   ? 6.942   19.640  -10.551 1.00 83.95  ? 3   HIS A NE2 1 
ATOM   26  N N   . GLY A 1 5   ? 3.955   16.783  -9.989  1.00 57.96  ? 4   GLY A N   1 
ATOM   27  C CA  . GLY A 1 5   ? 2.967   17.497  -9.190  1.00 54.93  ? 4   GLY A CA  1 
ATOM   28  C C   . GLY A 1 5   ? 2.988   17.108  -7.721  1.00 51.79  ? 4   GLY A C   1 
ATOM   29  O O   . GLY A 1 5   ? 3.949   16.464  -7.281  1.00 49.73  ? 4   GLY A O   1 
ATOM   30  N N   . PRO A 1 6   ? 1.943   17.471  -6.920  1.00 45.45  ? 5   PRO A N   1 
ATOM   31  C CA  . PRO A 1 6   ? 1.955   17.107  -5.484  1.00 42.29  ? 5   PRO A CA  1 
ATOM   32  C C   . PRO A 1 6   ? 1.850   15.600  -5.235  1.00 41.18  ? 5   PRO A C   1 
ATOM   33  O O   . PRO A 1 6   ? 1.315   14.866  -6.059  1.00 40.23  ? 5   PRO A O   1 
ATOM   34  C CB  . PRO A 1 6   ? 0.728   17.833  -4.904  1.00 44.55  ? 5   PRO A CB  1 
ATOM   35  C CG  . PRO A 1 6   ? 0.249   18.737  -5.963  1.00 50.36  ? 5   PRO A CG  1 
ATOM   36  C CD  . PRO A 1 6   ? 0.719   18.218  -7.271  1.00 46.92  ? 5   PRO A CD  1 
ATOM   37  N N   . SER A 1 7   ? 2.379   15.149  -4.094  1.00 36.45  ? 6   SER A N   1 
ATOM   38  C CA  . SER A 1 7   ? 2.357   13.748  -3.678  1.00 34.71  ? 6   SER A CA  1 
ATOM   39  C C   . SER A 1 7   ? 1.922   13.689  -2.232  1.00 38.18  ? 6   SER A C   1 
ATOM   40  O O   . SER A 1 7   ? 2.697   14.008  -1.323  1.00 38.13  ? 6   SER A O   1 
ATOM   41  C CB  . SER A 1 7   ? 3.720   13.091  -3.889  1.00 35.76  ? 6   SER A CB  1 
ATOM   42  O OG  . SER A 1 7   ? 4.023   12.992  -5.270  1.00 39.11  ? 6   SER A OG  1 
ATOM   43  N N   . ALA A 1 8   ? 0.649   13.328  -2.032  1.00 34.09  ? 7   ALA A N   1 
ATOM   44  C CA  . ALA A 1 8   ? -0.014  13.222  -0.736  1.00 32.00  ? 7   ALA A CA  1 
ATOM   45  C C   . ALA A 1 8   ? -0.965  12.033  -0.773  1.00 33.28  ? 7   ALA A C   1 
ATOM   46  O O   . ALA A 1 8   ? -1.852  11.961  -1.620  1.00 31.25  ? 7   ALA A O   1 
ATOM   47  C CB  . ALA A 1 8   ? -0.758  14.519  -0.416  1.00 33.12  ? 7   ALA A CB  1 
ATOM   48  N N   . MET A 1 9   ? -0.749  11.079  0.124   1.00 29.51  ? 8   MET A N   1 
ATOM   49  C CA  . MET A 1 9   ? -1.488  9.828   0.124   1.00 29.44  ? 8   MET A CA  1 
ATOM   50  C C   . MET A 1 9   ? -1.952  9.402   1.491   1.00 31.81  ? 8   MET A C   1 
ATOM   51  O O   . MET A 1 9   ? -1.350  9.753   2.508   1.00 32.12  ? 8   MET A O   1 
ATOM   52  C CB  . MET A 1 9   ? -0.558  8.695   -0.414  1.00 31.72  ? 8   MET A CB  1 
ATOM   53  C CG  . MET A 1 9   ? -0.057  8.887   -1.869  1.00 36.66  ? 8   MET A CG  1 
ATOM   54  S SD  . MET A 1 9   ? -1.387  8.696   -3.080  1.00 41.42  ? 8   MET A SD  1 
ATOM   55  C CE  . MET A 1 9   ? -1.757  6.955   -2.865  1.00 37.41  ? 8   MET A CE  1 
ATOM   56  N N   . VAL A 1 10  ? -2.951  8.535   1.497   1.00 28.23  ? 9   VAL A N   1 
ATOM   57  C CA  . VAL A 1 10  ? -3.424  7.848   2.692   1.00 28.64  ? 9   VAL A CA  1 
ATOM   58  C C   . VAL A 1 10  ? -3.484  6.356   2.333   1.00 32.29  ? 9   VAL A C   1 
ATOM   59  O O   . VAL A 1 10  ? -3.992  5.990   1.264   1.00 31.29  ? 9   VAL A O   1 
ATOM   60  C CB  . VAL A 1 10  ? -4.756  8.393   3.287   1.00 33.05  ? 9   VAL A CB  1 
ATOM   61  C CG1 . VAL A 1 10  ? -5.870  8.381   2.250   1.00 34.18  ? 9   VAL A CG1 1 
ATOM   62  C CG2 . VAL A 1 10  ? -5.180  7.575   4.518   1.00 32.78  ? 9   VAL A CG2 1 
ATOM   63  N N   . PHE A 1 11  ? -2.917  5.517   3.199   1.00 28.59  ? 10  PHE A N   1 
ATOM   64  C CA  . PHE A 1 11  ? -2.934  4.064   3.054   1.00 27.64  ? 10  PHE A CA  1 
ATOM   65  C C   . PHE A 1 11  ? -3.730  3.444   4.181   1.00 30.72  ? 10  PHE A C   1 
ATOM   66  O O   . PHE A 1 11  ? -3.574  3.858   5.320   1.00 30.06  ? 10  PHE A O   1 
ATOM   67  C CB  . PHE A 1 11  ? -1.507  3.491   3.047   1.00 28.92  ? 10  PHE A CB  1 
ATOM   68  C CG  . PHE A 1 11  ? -0.639  4.142   1.997   1.00 30.34  ? 10  PHE A CG  1 
ATOM   69  C CD1 . PHE A 1 11  ? -0.776  3.805   0.655   1.00 31.09  ? 10  PHE A CD1 1 
ATOM   70  C CD2 . PHE A 1 11  ? 0.281   5.127   2.345   1.00 32.07  ? 10  PHE A CD2 1 
ATOM   71  C CE1 . PHE A 1 11  ? -0.013  4.445   -0.322  1.00 32.30  ? 10  PHE A CE1 1 
ATOM   72  C CE2 . PHE A 1 11  ? 1.054   5.762   1.368   1.00 33.53  ? 10  PHE A CE2 1 
ATOM   73  C CZ  . PHE A 1 11  ? 0.920   5.394   0.046   1.00 32.19  ? 10  PHE A CZ  1 
ATOM   74  N N   . THR A 1 12  ? -4.601  2.484   3.880   1.00 27.41  ? 11  THR A N   1 
ATOM   75  C CA  . THR A 1 12  ? -5.370  1.823   4.939   1.00 28.44  ? 11  THR A CA  1 
ATOM   76  C C   . THR A 1 12  ? -5.332  0.301   4.741   1.00 32.94  ? 11  THR A C   1 
ATOM   77  O O   . THR A 1 12  ? -5.052  -0.209  3.644   1.00 31.88  ? 11  THR A O   1 
ATOM   78  C CB  . THR A 1 12  ? -6.836  2.321   5.073   1.00 34.37  ? 11  THR A CB  1 
ATOM   79  O OG1 . THR A 1 12  ? -7.716  1.587   4.224   1.00 30.99  ? 11  THR A OG1 1 
ATOM   80  C CG2 . THR A 1 12  ? -7.007  3.846   4.920   1.00 29.26  ? 11  THR A CG2 1 
ATOM   81  N N   . VAL A 1 13  ? -5.619  -0.411  5.825   1.00 30.23  ? 12  VAL A N   1 
ATOM   82  C CA  . VAL A 1 13  ? -5.751  -1.866  5.837   1.00 29.57  ? 12  VAL A CA  1 
ATOM   83  C C   . VAL A 1 13  ? -7.122  -2.140  6.454   1.00 33.16  ? 12  VAL A C   1 
ATOM   84  O O   . VAL A 1 13  ? -7.402  -1.706  7.579   1.00 31.49  ? 12  VAL A O   1 
ATOM   85  C CB  . VAL A 1 13  ? -4.586  -2.576  6.566   1.00 32.50  ? 12  VAL A CB  1 
ATOM   86  C CG1 . VAL A 1 13  ? -4.797  -4.080  6.590   1.00 32.50  ? 12  VAL A CG1 1 
ATOM   87  C CG2 . VAL A 1 13  ? -3.242  -2.234  5.943   1.00 31.31  ? 12  VAL A CG2 1 
ATOM   88  N N   . ILE A 1 14  ? -7.975  -2.838  5.688   1.00 29.41  ? 13  ILE A N   1 
ATOM   89  C CA  . ILE A 1 14  ? -9.356  -3.117  6.031   1.00 30.61  ? 13  ILE A CA  1 
ATOM   90  C C   . ILE A 1 14  ? -9.611  -4.610  6.297   1.00 34.43  ? 13  ILE A C   1 
ATOM   91  O O   . ILE A 1 14  ? -9.165  -5.472  5.537   1.00 32.42  ? 13  ILE A O   1 
ATOM   92  C CB  . ILE A 1 14  ? -10.261 -2.594  4.868   1.00 34.13  ? 13  ILE A CB  1 
ATOM   93  C CG1 . ILE A 1 14  ? -10.053 -1.082  4.636   1.00 34.58  ? 13  ILE A CG1 1 
ATOM   94  C CG2 . ILE A 1 14  ? -11.733 -2.916  5.122   1.00 36.19  ? 13  ILE A CG2 1 
ATOM   95  C CD1 . ILE A 1 14  ? -10.723 -0.542  3.305   1.00 41.80  ? 13  ILE A CD1 1 
ATOM   96  N N   . GLN A 1 15  ? -10.357 -4.900  7.377   1.00 33.92  ? 14  GLN A N   1 
ATOM   97  C CA  . GLN A 1 15  ? -10.771 -6.261  7.701   1.00 34.64  ? 14  GLN A CA  1 
ATOM   98  C C   . GLN A 1 15  ? -12.009 -6.557  6.851   1.00 41.77  ? 14  GLN A C   1 
ATOM   99  O O   . GLN A 1 15  ? -13.093 -6.011  7.117   1.00 42.62  ? 14  GLN A O   1 
ATOM   100 C CB  . GLN A 1 15  ? -11.058 -6.393  9.207   1.00 37.15  ? 14  GLN A CB  1 
ATOM   101 C CG  . GLN A 1 15  ? -11.352 -7.819  9.667   1.00 49.82  ? 14  GLN A CG  1 
ATOM   102 C CD  . GLN A 1 15  ? -11.788 -7.819  11.112  1.00 70.90  ? 14  GLN A CD  1 
ATOM   103 O OE1 . GLN A 1 15  ? -10.994 -8.071  12.027  1.00 66.76  ? 14  GLN A OE1 1 
ATOM   104 N NE2 . GLN A 1 15  ? -13.041 -7.459  11.355  1.00 66.47  ? 14  GLN A NE2 1 
ATOM   105 N N   . GLY A 1 16  ? -11.816 -7.334  5.786   1.00 37.20  ? 15  GLY A N   1 
ATOM   106 C CA  . GLY A 1 16  ? -12.869 -7.655  4.827   1.00 37.49  ? 15  GLY A CA  1 
ATOM   107 C C   . GLY A 1 16  ? -12.456 -7.421  3.384   1.00 41.20  ? 15  GLY A C   1 
ATOM   108 O O   . GLY A 1 16  ? -11.273 -7.218  3.088   1.00 36.53  ? 15  GLY A O   1 
ATOM   109 N N   . SER A 1 17  ? -13.437 -7.457  2.470   1.00 42.31  ? 16  SER A N   1 
ATOM   110 C CA  . SER A 1 17  ? -13.217 -7.307  1.021   1.00 43.28  ? 16  SER A CA  1 
ATOM   111 C C   . SER A 1 17  ? -13.302 -5.849  0.514   1.00 48.01  ? 16  SER A C   1 
ATOM   112 O O   . SER A 1 17  ? -13.152 -5.619  -0.685  1.00 47.77  ? 16  SER A O   1 
ATOM   113 C CB  . SER A 1 17  ? -14.220 -8.169  0.256   1.00 49.74  ? 16  SER A CB  1 
ATOM   114 O OG  . SER A 1 17  ? -13.992 -9.545  0.521   1.00 61.82  ? 16  SER A OG  1 
ATOM   115 N N   . GLY A 1 18  ? -13.520 -4.895  1.414   1.00 46.01  ? 17  GLY A N   1 
ATOM   116 C CA  . GLY A 1 18  ? -13.613 -3.484  1.055   1.00 47.30  ? 17  GLY A CA  1 
ATOM   117 C C   . GLY A 1 18  ? -15.026 -2.939  0.923   1.00 55.03  ? 17  GLY A C   1 
ATOM   118 O O   . GLY A 1 18  ? -15.263 -1.991  0.164   1.00 55.91  ? 17  GLY A O   1 
ATOM   119 N N   . GLU A 1 19  ? -15.968 -3.527  1.659   1.00 53.20  ? 18  GLU A N   1 
ATOM   120 C CA  . GLU A 1 19  ? -17.360 -3.062  1.702   1.00 55.47  ? 18  GLU A CA  1 
ATOM   121 C C   . GLU A 1 19  ? -17.398 -1.765  2.517   1.00 60.67  ? 18  GLU A C   1 
ATOM   122 O O   . GLU A 1 19  ? -16.675 -1.698  3.514   1.00 58.82  ? 18  GLU A O   1 
ATOM   123 C CB  . GLU A 1 19  ? -18.287 -4.133  2.313   1.00 57.78  ? 18  GLU A CB  1 
ATOM   124 C CG  . GLU A 1 19  ? -18.355 -5.440  1.539   1.00 67.08  ? 18  GLU A CG  1 
ATOM   125 C CD  . GLU A 1 19  ? -19.033 -5.356  0.186   1.00 92.77  ? 18  GLU A CD  1 
ATOM   126 O OE1 . GLU A 1 19  ? -20.267 -5.558  0.126   1.00 94.00  ? 18  GLU A OE1 1 
ATOM   127 O OE2 . GLU A 1 19  ? -18.328 -5.098  -0.816  1.00 86.88  ? 18  GLU A OE2 1 
ATOM   128 N N   . PRO A 1 20  ? -18.215 -0.735  2.153   1.00 59.46  ? 19  PRO A N   1 
ATOM   129 C CA  . PRO A 1 20  ? -18.223 0.527   2.936   1.00 59.38  ? 19  PRO A CA  1 
ATOM   130 C C   . PRO A 1 20  ? -18.409 0.340   4.448   1.00 62.42  ? 19  PRO A C   1 
ATOM   131 O O   . PRO A 1 20  ? -18.000 1.203   5.219   1.00 61.84  ? 19  PRO A O   1 
ATOM   132 C CB  . PRO A 1 20  ? -19.411 1.312   2.347   1.00 63.25  ? 19  PRO A CB  1 
ATOM   133 C CG  . PRO A 1 20  ? -20.173 0.317   1.493   1.00 68.67  ? 19  PRO A CG  1 
ATOM   134 C CD  . PRO A 1 20  ? -19.138 -0.647  1.005   1.00 62.63  ? 19  PRO A CD  1 
ATOM   135 N N   . THR A 1 21  ? -18.993 -0.803  4.847   1.00 59.43  ? 20  THR A N   1 
ATOM   136 C CA  . THR A 1 21  ? -19.293 -1.241  6.211   1.00 60.03  ? 20  THR A CA  1 
ATOM   137 C C   . THR A 1 21  ? -18.041 -1.703  6.982   1.00 61.23  ? 20  THR A C   1 
ATOM   138 O O   . THR A 1 21  ? -17.961 -1.490  8.195   1.00 61.32  ? 20  THR A O   1 
ATOM   139 C CB  . THR A 1 21  ? -20.279 -2.427  6.133   1.00 73.31  ? 20  THR A CB  1 
ATOM   140 O OG1 . THR A 1 21  ? -21.175 -2.250  5.030   1.00 77.71  ? 20  THR A OG1 1 
ATOM   141 C CG2 . THR A 1 21  ? -21.054 -2.646  7.426   1.00 75.41  ? 20  THR A CG2 1 
ATOM   142 N N   . ASP A 1 22  ? -17.105 -2.391  6.283   1.00 53.81  ? 21  ASP A N   1 
ATOM   143 C CA  . ASP A 1 22  ? -15.900 -3.031  6.821   1.00 50.00  ? 21  ASP A CA  1 
ATOM   144 C C   . ASP A 1 22  ? -15.087 -2.148  7.767   1.00 49.48  ? 21  ASP A C   1 
ATOM   145 O O   . ASP A 1 22  ? -14.937 -0.947  7.544   1.00 49.06  ? 21  ASP A O   1 
ATOM   146 C CB  . ASP A 1 22  ? -14.995 -3.513  5.682   1.00 49.80  ? 21  ASP A CB  1 
ATOM   147 C CG  . ASP A 1 22  ? -15.480 -4.728  4.914   1.00 58.60  ? 21  ASP A CG  1 
ATOM   148 O OD1 . ASP A 1 22  ? -16.315 -5.483  5.455   1.00 62.00  ? 21  ASP A OD1 1 
ATOM   149 O OD2 . ASP A 1 22  ? -14.984 -4.955  3.796   1.00 62.36  ? 21  ASP A OD2 1 
ATOM   150 N N   . THR A 1 23  ? -14.556 -2.777  8.821   1.00 42.78  ? 22  THR A N   1 
ATOM   151 C CA  . THR A 1 23  ? -13.720 -2.155  9.844   1.00 41.11  ? 22  THR A CA  1 
ATOM   152 C C   . THR A 1 23  ? -12.329 -1.834  9.284   1.00 41.04  ? 22  THR A C   1 
ATOM   153 O O   . THR A 1 23  ? -11.658 -2.706  8.721   1.00 39.26  ? 22  THR A O   1 
ATOM   154 C CB  . THR A 1 23  ? -13.631 -3.104  11.054  1.00 50.57  ? 22  THR A CB  1 
ATOM   155 O OG1 . THR A 1 23  ? -14.944 -3.261  11.597  1.00 55.49  ? 22  THR A OG1 1 
ATOM   156 C CG2 . THR A 1 23  ? -12.671 -2.612  12.139  1.00 48.80  ? 22  THR A CG2 1 
ATOM   157 N N   . VAL A 1 24  ? -11.890 -0.588  9.478   1.00 35.68  ? 23  VAL A N   1 
ATOM   158 C CA  . VAL A 1 24  ? -10.561 -0.141  9.067   1.00 35.08  ? 23  VAL A CA  1 
ATOM   159 C C   . VAL A 1 24  ? -9.656  -0.467  10.244  1.00 37.99  ? 23  VAL A C   1 
ATOM   160 O O   . VAL A 1 24  ? -9.857  0.075   11.322  1.00 37.75  ? 23  VAL A O   1 
ATOM   161 C CB  . VAL A 1 24  ? -10.542 1.361   8.667   1.00 39.26  ? 23  VAL A CB  1 
ATOM   162 C CG1 . VAL A 1 24  ? -9.133  1.822   8.286   1.00 37.92  ? 23  VAL A CG1 1 
ATOM   163 C CG2 . VAL A 1 24  ? -11.531 1.645   7.532   1.00 39.67  ? 23  VAL A CG2 1 
ATOM   164 N N   . LEU A 1 25  ? -8.697  -1.379  10.052  1.00 33.28  ? 24  LEU A N   1 
ATOM   165 C CA  . LEU A 1 25  ? -7.787  -1.814  11.116  1.00 33.86  ? 24  LEU A CA  1 
ATOM   166 C C   . LEU A 1 25  ? -6.738  -0.744  11.433  1.00 38.09  ? 24  LEU A C   1 
ATOM   167 O O   . LEU A 1 25  ? -6.468  -0.479  12.604  1.00 39.06  ? 24  LEU A O   1 
ATOM   168 C CB  . LEU A 1 25  ? -7.089  -3.152  10.719  1.00 33.12  ? 24  LEU A CB  1 
ATOM   169 C CG  . LEU A 1 25  ? -8.012  -4.376  10.455  1.00 37.77  ? 24  LEU A CG  1 
ATOM   170 C CD1 . LEU A 1 25  ? -7.207  -5.565  9.888   1.00 37.07  ? 24  LEU A CD1 1 
ATOM   171 C CD2 . LEU A 1 25  ? -8.750  -4.810  11.728  1.00 42.16  ? 24  LEU A CD2 1 
ATOM   172 N N   . ARG A 1 26  ? -6.119  -0.157  10.396  1.00 32.85  ? 25  ARG A N   1 
ATOM   173 C CA  . ARG A 1 26  ? -5.051  0.809   10.609  1.00 32.10  ? 25  ARG A CA  1 
ATOM   174 C C   . ARG A 1 26  ? -4.862  1.655   9.365   1.00 32.64  ? 25  ARG A C   1 
ATOM   175 O O   . ARG A 1 26  ? -5.283  1.263   8.277   1.00 30.24  ? 25  ARG A O   1 
ATOM   176 C CB  . ARG A 1 26  ? -3.723  0.097   11.021  1.00 32.43  ? 25  ARG A CB  1 
ATOM   177 C CG  . ARG A 1 26  ? -3.182  -0.912  10.014  1.00 35.46  ? 25  ARG A CG  1 
ATOM   178 C CD  . ARG A 1 26  ? -2.065  -1.748  10.627  1.00 43.51  ? 25  ARG A CD  1 
ATOM   179 N NE  . ARG A 1 26  ? -1.532  -2.698  9.654   1.00 39.24  ? 25  ARG A NE  1 
ATOM   180 C CZ  . ARG A 1 26  ? -2.049  -3.898  9.420   1.00 42.17  ? 25  ARG A CZ  1 
ATOM   181 N NH1 . ARG A 1 26  ? -3.108  -4.317  10.106  1.00 34.57  ? 25  ARG A NH1 1 
ATOM   182 N NH2 . ARG A 1 26  ? -1.519  -4.686  8.500   1.00 34.43  ? 25  ARG A NH2 1 
ATOM   183 N N   . ALA A 1 27  ? -4.243  2.811   9.534   1.00 30.24  ? 26  ALA A N   1 
ATOM   184 C CA  . ALA A 1 27  ? -4.008  3.735   8.434   1.00 30.66  ? 26  ALA A CA  1 
ATOM   185 C C   . ALA A 1 27  ? -2.816  4.628   8.680   1.00 35.47  ? 26  ALA A C   1 
ATOM   186 O O   . ALA A 1 27  ? -2.495  4.911   9.840   1.00 35.73  ? 26  ALA A O   1 
ATOM   187 C CB  . ALA A 1 27  ? -5.243  4.609   8.222   1.00 31.18  ? 26  ALA A CB  1 
ATOM   188 N N   . THR A 1 28  ? -2.188  5.120   7.576   1.00 30.17  ? 27  THR A N   1 
ATOM   189 C CA  . THR A 1 28  ? -1.108  6.108   7.647   1.00 30.92  ? 27  THR A CA  1 
ATOM   190 C C   . THR A 1 28  ? -1.262  7.193   6.584   1.00 32.93  ? 27  THR A C   1 
ATOM   191 O O   . THR A 1 28  ? -1.863  6.960   5.530   1.00 31.22  ? 27  THR A O   1 
ATOM   192 C CB  . THR A 1 28  ? 0.295   5.490   7.501   1.00 40.03  ? 27  THR A CB  1 
ATOM   193 O OG1 . THR A 1 28  ? 0.372   4.771   6.274   1.00 37.40  ? 27  THR A OG1 1 
ATOM   194 C CG2 . THR A 1 28  ? 0.701   4.622   8.687   1.00 40.78  ? 27  THR A CG2 1 
ATOM   195 N N   . THR A 1 29  ? -0.693  8.369   6.861   1.00 29.85  ? 28  THR A N   1 
ATOM   196 C CA  . THR A 1 29  ? -0.604  9.472   5.902   1.00 29.01  ? 28  THR A CA  1 
ATOM   197 C C   . THR A 1 29  ? 0.830   9.513   5.381   1.00 31.57  ? 28  THR A C   1 
ATOM   198 O O   . THR A 1 29  ? 1.760   9.079   6.076   1.00 30.04  ? 28  THR A O   1 
ATOM   199 C CB  . THR A 1 29  ? -0.970  10.824  6.510   1.00 33.36  ? 28  THR A CB  1 
ATOM   200 O OG1 . THR A 1 29  ? -0.024  11.111  7.550   1.00 34.64  ? 28  THR A OG1 1 
ATOM   201 C CG2 . THR A 1 29  ? -2.438  10.908  6.989   1.00 30.93  ? 28  THR A CG2 1 
ATOM   202 N N   . LEU A 1 30  ? 1.007   10.068  4.194   1.00 28.08  ? 29  LEU A N   1 
ATOM   203 C CA  . LEU A 1 30  ? 2.320   10.214  3.571   1.00 28.32  ? 29  LEU A CA  1 
ATOM   204 C C   . LEU A 1 30  ? 2.339   11.387  2.605   1.00 33.80  ? 29  LEU A C   1 
ATOM   205 O O   . LEU A 1 30  ? 1.447   11.546  1.765   1.00 32.50  ? 29  LEU A O   1 
ATOM   206 C CB  . LEU A 1 30  ? 2.733   8.929   2.839   1.00 27.99  ? 29  LEU A CB  1 
ATOM   207 C CG  . LEU A 1 30  ? 4.153   8.939   2.243   1.00 31.85  ? 29  LEU A CG  1 
ATOM   208 C CD1 . LEU A 1 30  ? 5.205   8.893   3.328   1.00 31.79  ? 29  LEU A CD1 1 
ATOM   209 C CD2 . LEU A 1 30  ? 4.356   7.781   1.281   1.00 33.51  ? 29  LEU A CD2 1 
ATOM   210 N N   . SER A 1 31  ? 3.361   12.214  2.745   1.00 30.90  ? 30  SER A N   1 
ATOM   211 C CA  . SER A 1 31  ? 3.595   13.344  1.875   1.00 33.00  ? 30  SER A CA  1 
ATOM   212 C C   . SER A 1 31  ? 5.007   13.224  1.369   1.00 36.21  ? 30  SER A C   1 
ATOM   213 O O   . SER A 1 31  ? 5.886   12.888  2.166   1.00 35.50  ? 30  SER A O   1 
ATOM   214 C CB  . SER A 1 31  ? 3.374   14.657  2.616   1.00 35.98  ? 30  SER A CB  1 
ATOM   215 O OG  . SER A 1 31  ? 3.757   15.735  1.781   1.00 49.74  ? 30  SER A OG  1 
ATOM   216 N N   . CYS A 1 32  ? 5.220   13.409  0.053   1.00 35.46  ? 31  CYS A N   1 
ATOM   217 C CA  . CYS A 1 32  ? 6.552   13.290  -0.564  1.00 37.52  ? 31  CYS A CA  1 
ATOM   218 C C   . CYS A 1 32  ? 6.892   14.563  -1.314  1.00 44.33  ? 31  CYS A C   1 
ATOM   219 O O   . CYS A 1 32  ? 6.266   14.866  -2.334  1.00 44.58  ? 31  CYS A O   1 
ATOM   220 C CB  . CYS A 1 32  ? 6.645   12.065  -1.477  1.00 37.78  ? 31  CYS A CB  1 
ATOM   221 S SG  . CYS A 1 32  ? 6.002   10.538  -0.742  1.00 40.10  ? 31  CYS A SG  1 
ATOM   222 N N   . ALA A 1 33  ? 7.890   15.306  -0.797  1.00 43.55  ? 32  ALA A N   1 
ATOM   223 C CA  . ALA A 1 33  ? 8.410   16.574  -1.348  1.00 44.70  ? 32  ALA A CA  1 
ATOM   224 C C   . ALA A 1 33  ? 9.847   16.796  -0.813  1.00 49.56  ? 32  ALA A C   1 
ATOM   225 O O   . ALA A 1 33  ? 10.606  15.817  -0.780  1.00 49.53  ? 32  ALA A O   1 
ATOM   226 C CB  . ALA A 1 33  ? 7.477   17.727  -0.964  1.00 45.47  ? 32  ALA A CB  1 
ATOM   227 N N   . TYR A 1 34  ? 10.237  18.041  -0.387  1.00 46.42  ? 33  TYR A N   1 
ATOM   228 C CA  . TYR A 1 34  ? 11.571  18.298  0.182   1.00 46.60  ? 33  TYR A CA  1 
ATOM   229 C C   . TYR A 1 34  ? 11.741  17.448  1.434   1.00 49.36  ? 33  TYR A C   1 
ATOM   230 O O   . TYR A 1 34  ? 12.808  16.875  1.664   1.00 49.12  ? 33  TYR A O   1 
ATOM   231 C CB  . TYR A 1 34  ? 11.787  19.797  0.476   1.00 48.39  ? 33  TYR A CB  1 
ATOM   232 C CG  . TYR A 1 34  ? 12.115  20.562  -0.786  1.00 49.90  ? 33  TYR A CG  1 
ATOM   233 C CD1 . TYR A 1 34  ? 13.436  20.770  -1.174  1.00 52.32  ? 33  TYR A CD1 1 
ATOM   234 C CD2 . TYR A 1 34  ? 11.108  20.974  -1.655  1.00 50.55  ? 33  TYR A CD2 1 
ATOM   235 C CE1 . TYR A 1 34  ? 13.744  21.424  -2.364  1.00 53.94  ? 33  TYR A CE1 1 
ATOM   236 C CE2 . TYR A 1 34  ? 11.406  21.617  -2.854  1.00 52.74  ? 33  TYR A CE2 1 
ATOM   237 C CZ  . TYR A 1 34  ? 12.727  21.843  -3.205  1.00 59.82  ? 33  TYR A CZ  1 
ATOM   238 O OH  . TYR A 1 34  ? 13.019  22.460  -4.396  1.00 59.95  ? 33  TYR A OH  1 
ATOM   239 N N   . THR A 1 35  ? 10.651  17.318  2.198   1.00 43.70  ? 34  THR A N   1 
ATOM   240 C CA  . THR A 1 35  ? 10.597  16.432  3.339   1.00 43.12  ? 34  THR A CA  1 
ATOM   241 C C   . THR A 1 35  ? 9.679   15.275  2.963   1.00 44.88  ? 34  THR A C   1 
ATOM   242 O O   . THR A 1 35  ? 8.811   15.397  2.089   1.00 41.79  ? 34  THR A O   1 
ATOM   243 C CB  . THR A 1 35  ? 10.113  17.156  4.611   1.00 51.91  ? 34  THR A CB  1 
ATOM   244 O OG1 . THR A 1 35  ? 8.841   17.736  4.348   1.00 52.43  ? 34  THR A OG1 1 
ATOM   245 C CG2 . THR A 1 35  ? 11.090  18.231  5.097   1.00 53.96  ? 34  THR A CG2 1 
ATOM   246 N N   . ALA A 1 36  ? 9.907   14.149  3.600   1.00 42.54  ? 35  ALA A N   1 
ATOM   247 C CA  . ALA A 1 36  ? 9.071   12.973  3.505   1.00 40.72  ? 35  ALA A CA  1 
ATOM   248 C C   . ALA A 1 36  ? 8.494   12.852  4.872   1.00 43.12  ? 35  ALA A C   1 
ATOM   249 O O   . ALA A 1 36  ? 9.263   12.714  5.832   1.00 43.33  ? 35  ALA A O   1 
ATOM   250 C CB  . ALA A 1 36  ? 9.900   11.757  3.120   1.00 41.03  ? 35  ALA A CB  1 
ATOM   251 N N   . GLU A 1 37  ? 7.165   13.025  5.009   1.00 38.73  ? 36  GLU A N   1 
ATOM   252 C CA  . GLU A 1 37  ? 6.560   12.998  6.349   1.00 38.00  ? 36  GLU A CA  1 
ATOM   253 C C   . GLU A 1 37  ? 5.147   12.448  6.368   1.00 40.02  ? 36  GLU A C   1 
ATOM   254 O O   . GLU A 1 37  ? 4.532   12.246  5.324   1.00 39.28  ? 36  GLU A O   1 
ATOM   255 C CB  . GLU A 1 37  ? 6.567   14.408  6.981   1.00 40.26  ? 36  GLU A CB  1 
ATOM   256 C CG  . GLU A 1 37  ? 5.968   15.503  6.113   1.00 49.04  ? 36  GLU A CG  1 
ATOM   257 C CD  . GLU A 1 37  ? 6.112   16.877  6.731   1.00 67.68  ? 36  GLU A CD  1 
ATOM   258 O OE1 . GLU A 1 37  ? 5.315   17.209  7.638   1.00 63.25  ? 36  GLU A OE1 1 
ATOM   259 O OE2 . GLU A 1 37  ? 7.039   17.612  6.327   1.00 59.10  ? 36  GLU A OE2 1 
ATOM   260 N N   . GLY A 1 38  ? 4.658   12.225  7.583   1.00 37.79  ? 37  GLY A N   1 
ATOM   261 C CA  . GLY A 1 38  ? 3.328   11.714  7.882   1.00 36.46  ? 37  GLY A CA  1 
ATOM   262 C C   . GLY A 1 38  ? 3.373   10.765  9.054   1.00 41.15  ? 37  GLY A C   1 
ATOM   263 O O   . GLY A 1 38  ? 4.418   10.634  9.704   1.00 41.18  ? 37  GLY A O   1 
ATOM   264 N N   . THR A 1 39  ? 2.255   10.057  9.311   1.00 35.77  ? 38  THR A N   1 
ATOM   265 C CA  . THR A 1 39  ? 2.217   9.054   10.364  1.00 35.63  ? 38  THR A CA  1 
ATOM   266 C C   . THR A 1 39  ? 2.879   7.766   9.868   1.00 37.94  ? 38  THR A C   1 
ATOM   267 O O   . THR A 1 39  ? 3.123   6.867   10.673  1.00 37.98  ? 38  THR A O   1 
ATOM   268 C CB  . THR A 1 39  ? 0.791   8.835   10.857  1.00 41.45  ? 38  THR A CB  1 
ATOM   269 O OG1 . THR A 1 39  ? -0.029  8.478   9.742   1.00 37.05  ? 38  THR A OG1 1 
ATOM   270 C CG2 . THR A 1 39  ? 0.243   10.058  11.553  1.00 42.59  ? 38  THR A CG2 1 
ATOM   271 N N   . HIS A 1 40  ? 3.207   7.673   8.549   1.00 33.89  ? 39  HIS A N   1 
ATOM   272 C CA  . HIS A 1 40  ? 3.912   6.501   8.035   1.00 32.91  ? 39  HIS A CA  1 
ATOM   273 C C   . HIS A 1 40  ? 5.252   6.341   8.808   1.00 36.76  ? 39  HIS A C   1 
ATOM   274 O O   . HIS A 1 40  ? 5.941   7.340   9.008   1.00 37.68  ? 39  HIS A O   1 
ATOM   275 C CB  . HIS A 1 40  ? 4.138   6.593   6.512   1.00 33.39  ? 39  HIS A CB  1 
ATOM   276 C CG  . HIS A 1 40  ? 4.517   5.277   5.928   1.00 35.54  ? 39  HIS A CG  1 
ATOM   277 N ND1 . HIS A 1 40  ? 5.778   4.749   6.113   1.00 37.19  ? 39  HIS A ND1 1 
ATOM   278 C CD2 . HIS A 1 40  ? 3.766   4.391   5.226   1.00 36.12  ? 39  HIS A CD2 1 
ATOM   279 C CE1 . HIS A 1 40  ? 5.760   3.561   5.533   1.00 35.91  ? 39  HIS A CE1 1 
ATOM   280 N NE2 . HIS A 1 40  ? 4.579   3.308   4.967   1.00 35.69  ? 39  HIS A NE2 1 
ATOM   281 N N   . PRO A 1 41  ? 5.610   5.138   9.302   1.00 36.86  ? 40  PRO A N   1 
ATOM   282 C CA  . PRO A 1 41  ? 6.829   5.021   10.128  1.00 38.42  ? 40  PRO A CA  1 
ATOM   283 C C   . PRO A 1 41  ? 8.161   5.077   9.359   1.00 44.32  ? 40  PRO A C   1 
ATOM   284 O O   . PRO A 1 41  ? 9.193   5.308   9.989   1.00 44.84  ? 40  PRO A O   1 
ATOM   285 C CB  . PRO A 1 41  ? 6.659   3.678   10.829  1.00 40.56  ? 40  PRO A CB  1 
ATOM   286 C CG  . PRO A 1 41  ? 5.753   2.903   9.985   1.00 43.93  ? 40  PRO A CG  1 
ATOM   287 C CD  . PRO A 1 41  ? 4.895   3.843   9.207   1.00 38.28  ? 40  PRO A CD  1 
ATOM   288 N N   . ALA A 1 42  ? 8.149   4.895   8.024   1.00 40.58  ? 41  ALA A N   1 
ATOM   289 C CA  . ALA A 1 42  ? 9.370   4.966   7.183   1.00 39.85  ? 41  ALA A CA  1 
ATOM   290 C C   . ALA A 1 42  ? 9.028   5.848   5.972   1.00 41.37  ? 41  ALA A C   1 
ATOM   291 O O   . ALA A 1 42  ? 8.868   5.326   4.868   1.00 39.24  ? 41  ALA A O   1 
ATOM   292 C CB  . ALA A 1 42  ? 9.808   3.559   6.768   1.00 40.27  ? 41  ALA A CB  1 
ATOM   293 N N   . PRO A 1 43  ? 8.786   7.174   6.176   1.00 38.62  ? 42  PRO A N   1 
ATOM   294 C CA  . PRO A 1 43  ? 8.262   8.003   5.074   1.00 37.62  ? 42  PRO A CA  1 
ATOM   295 C C   . PRO A 1 43  ? 9.106   8.061   3.802   1.00 39.84  ? 42  PRO A C   1 
ATOM   296 O O   . PRO A 1 43  ? 8.545   7.838   2.732   1.00 36.87  ? 42  PRO A O   1 
ATOM   297 C CB  . PRO A 1 43  ? 8.123   9.391   5.688   1.00 39.97  ? 42  PRO A CB  1 
ATOM   298 C CG  . PRO A 1 43  ? 8.077   9.171   7.140   1.00 44.94  ? 42  PRO A CG  1 
ATOM   299 C CD  . PRO A 1 43  ? 8.897   7.963   7.420   1.00 41.01  ? 42  PRO A CD  1 
ATOM   300 N N   . ARG A 1 44  ? 10.419  8.359   3.896   1.00 36.34  ? 43  ARG A N   1 
ATOM   301 C CA  . ARG A 1 44  ? 11.237  8.449   2.681   1.00 35.53  ? 43  ARG A CA  1 
ATOM   302 C C   . ARG A 1 44  ? 11.279  7.122   1.922   1.00 37.04  ? 43  ARG A C   1 
ATOM   303 O O   . ARG A 1 44  ? 11.137  7.132   0.701   1.00 36.40  ? 43  ARG A O   1 
ATOM   304 C CB  . ARG A 1 44  ? 12.655  8.961   2.971   1.00 33.02  ? 43  ARG A CB  1 
ATOM   305 C CG  . ARG A 1 44  ? 13.416  9.297   1.679   1.00 33.88  ? 43  ARG A CG  1 
ATOM   306 C CD  . ARG A 1 44  ? 12.819  10.495  0.964   1.00 33.35  ? 43  ARG A CD  1 
ATOM   307 N NE  . ARG A 1 44  ? 13.223  11.744  1.611   1.00 41.75  ? 43  ARG A NE  1 
ATOM   308 C CZ  . ARG A 1 44  ? 12.826  12.949  1.222   1.00 55.90  ? 43  ARG A CZ  1 
ATOM   309 N NH1 . ARG A 1 44  ? 11.989  13.081  0.205   1.00 42.75  ? 43  ARG A NH1 1 
ATOM   310 N NH2 . ARG A 1 44  ? 13.267  14.034  1.847   1.00 41.35  ? 43  ARG A NH2 1 
ATOM   311 N N   . ALA A 1 45  ? 11.434  5.992   2.638   1.00 34.57  ? 44  ALA A N   1 
ATOM   312 C CA  . ALA A 1 45  ? 11.461  4.661   2.029   1.00 35.57  ? 44  ALA A CA  1 
ATOM   313 C C   . ALA A 1 45  ? 10.129  4.343   1.293   1.00 36.29  ? 44  ALA A C   1 
ATOM   314 O O   . ALA A 1 45  ? 10.159  3.783   0.183   1.00 33.95  ? 44  ALA A O   1 
ATOM   315 C CB  . ALA A 1 45  ? 11.756  3.607   3.087   1.00 37.16  ? 44  ALA A CB  1 
ATOM   316 N N   . ALA A 1 46  ? 8.974   4.739   1.887   1.00 32.01  ? 45  ALA A N   1 
ATOM   317 C CA  . ALA A 1 46  ? 7.648   4.561   1.266   1.00 30.97  ? 45  ALA A CA  1 
ATOM   318 C C   . ALA A 1 46  ? 7.539   5.456   -0.002  1.00 34.77  ? 45  ALA A C   1 
ATOM   319 O O   . ALA A 1 46  ? 7.112   4.971   -1.046  1.00 33.14  ? 45  ALA A O   1 
ATOM   320 C CB  . ALA A 1 46  ? 6.552   4.909   2.272   1.00 31.12  ? 45  ALA A CB  1 
ATOM   321 N N   . CYS A 1 47  ? 7.997   6.724   0.071   1.00 34.45  ? 46  CYS A N   1 
ATOM   322 C CA  . CYS A 1 47  ? 8.014   7.654   -1.078  1.00 35.76  ? 46  CYS A CA  1 
ATOM   323 C C   . CYS A 1 47  ? 8.807   7.072   -2.249  1.00 37.41  ? 46  CYS A C   1 
ATOM   324 O O   . CYS A 1 47  ? 8.296   7.083   -3.373  1.00 35.21  ? 46  CYS A O   1 
ATOM   325 C CB  . CYS A 1 47  ? 8.573   9.011   -0.670  1.00 37.35  ? 46  CYS A CB  1 
ATOM   326 S SG  . CYS A 1 47  ? 7.502   9.904   0.477   1.00 40.65  ? 46  CYS A SG  1 
ATOM   327 N N   . ASP A 1 48  ? 10.037  6.549   -1.979  1.00 35.39  ? 47  ASP A N   1 
ATOM   328 C CA  . ASP A 1 48  ? 10.917  5.896   -2.967  1.00 35.70  ? 47  ASP A CA  1 
ATOM   329 C C   . ASP A 1 48  ? 10.188  4.703   -3.613  1.00 37.16  ? 47  ASP A C   1 
ATOM   330 O O   . ASP A 1 48  ? 10.225  4.533   -4.835  1.00 34.70  ? 47  ASP A O   1 
ATOM   331 C CB  . ASP A 1 48  ? 12.223  5.384   -2.304  1.00 38.30  ? 47  ASP A CB  1 
ATOM   332 C CG  . ASP A 1 48  ? 13.178  6.394   -1.680  1.00 47.18  ? 47  ASP A CG  1 
ATOM   333 O OD1 . ASP A 1 48  ? 13.189  7.551   -2.123  1.00 46.35  ? 47  ASP A OD1 1 
ATOM   334 O OD2 . ASP A 1 48  ? 13.939  6.002   -0.752  1.00 52.27  ? 47  ASP A OD2 1 
ATOM   335 N N   . ALA A 1 49  ? 9.542   3.866   -2.767  1.00 34.19  ? 48  ALA A N   1 
ATOM   336 C CA  . ALA A 1 49  ? 8.807   2.665   -3.204  1.00 34.05  ? 48  ALA A CA  1 
ATOM   337 C C   . ALA A 1 49  ? 7.652   3.044   -4.139  1.00 36.15  ? 48  ALA A C   1 
ATOM   338 O O   . ALA A 1 49  ? 7.508   2.430   -5.202  1.00 34.94  ? 48  ALA A O   1 
ATOM   339 C CB  . ALA A 1 49  ? 8.296   1.879   -2.006  1.00 34.24  ? 48  ALA A CB  1 
ATOM   340 N N   . LEU A 1 50  ? 6.914   4.125   -3.809  1.00 33.01  ? 49  LEU A N   1 
ATOM   341 C CA  . LEU A 1 50  ? 5.820   4.635   -4.659  1.00 32.76  ? 49  LEU A CA  1 
ATOM   342 C C   . LEU A 1 50  ? 6.350   5.133   -5.995  1.00 37.68  ? 49  LEU A C   1 
ATOM   343 O O   . LEU A 1 50  ? 5.807   4.796   -7.053  1.00 37.26  ? 49  LEU A O   1 
ATOM   344 C CB  . LEU A 1 50  ? 5.069   5.769   -3.940  1.00 32.60  ? 49  LEU A CB  1 
ATOM   345 C CG  . LEU A 1 50  ? 4.185   5.349   -2.787  1.00 36.46  ? 49  LEU A CG  1 
ATOM   346 C CD1 . LEU A 1 50  ? 3.565   6.577   -2.137  1.00 36.95  ? 49  LEU A CD1 1 
ATOM   347 C CD2 . LEU A 1 50  ? 3.111   4.355   -3.245  1.00 37.39  ? 49  LEU A CD2 1 
ATOM   348 N N   . ASN A 1 51  ? 7.448   5.898   -5.958  1.00 35.70  ? 50  ASN A N   1 
ATOM   349 C CA  . ASN A 1 51  ? 8.068   6.394   -7.185  1.00 37.12  ? 50  ASN A CA  1 
ATOM   350 C C   . ASN A 1 51  ? 8.554   5.245   -8.072  1.00 40.72  ? 50  ASN A C   1 
ATOM   351 O O   . ASN A 1 51  ? 8.438   5.341   -9.292  1.00 41.85  ? 50  ASN A O   1 
ATOM   352 C CB  . ASN A 1 51  ? 9.212   7.362   -6.854  1.00 37.57  ? 50  ASN A CB  1 
ATOM   353 C CG  . ASN A 1 51  ? 8.727   8.741   -6.462  1.00 65.59  ? 50  ASN A CG  1 
ATOM   354 O OD1 . ASN A 1 51  ? 7.650   9.195   -6.868  1.00 56.23  ? 50  ASN A OD1 1 
ATOM   355 N ND2 . ASN A 1 51  ? 9.511   9.440   -5.654  1.00 64.39  ? 50  ASN A ND2 1 
ATOM   356 N N   . ALA A 1 52  ? 9.034   4.141   -7.480  1.00 37.49  ? 51  ALA A N   1 
ATOM   357 C CA  . ALA A 1 52  ? 9.534   2.990   -8.247  1.00 38.28  ? 51  ALA A CA  1 
ATOM   358 C C   . ALA A 1 52  ? 8.435   2.284   -9.088  1.00 41.87  ? 51  ALA A C   1 
ATOM   359 O O   . ALA A 1 52  ? 8.774   1.585   -10.044 1.00 41.30  ? 51  ALA A O   1 
ATOM   360 C CB  . ALA A 1 52  ? 10.200  1.982   -7.321  1.00 38.60  ? 51  ALA A CB  1 
ATOM   361 N N   . THR A 1 53  ? 7.142   2.451   -8.729  1.00 38.31  ? 52  THR A N   1 
ATOM   362 C CA  . THR A 1 53  ? 6.022   1.811   -9.440  1.00 38.17  ? 52  THR A CA  1 
ATOM   363 C C   . THR A 1 53  ? 5.672   2.550   -10.735 1.00 44.01  ? 52  THR A C   1 
ATOM   364 O O   . THR A 1 53  ? 4.932   2.008   -11.561 1.00 42.38  ? 52  THR A O   1 
ATOM   365 C CB  . THR A 1 53  ? 4.759   1.737   -8.558  1.00 36.52  ? 52  THR A CB  1 
ATOM   366 O OG1 . THR A 1 53  ? 4.192   3.045   -8.400  1.00 36.64  ? 52  THR A OG1 1 
ATOM   367 C CG2 . THR A 1 53  ? 5.014   1.071   -7.208  1.00 33.78  ? 52  THR A CG2 1 
ATOM   368 N N   . ASP A 1 54  ? 6.124   3.823   -10.848 1.00 43.43  ? 53  ASP A N   1 
ATOM   369 C CA  . ASP A 1 54  ? 5.835   4.756   -11.942 1.00 45.29  ? 53  ASP A CA  1 
ATOM   370 C C   . ASP A 1 54  ? 4.294   5.002   -12.042 1.00 49.42  ? 53  ASP A C   1 
ATOM   371 O O   . ASP A 1 54  ? 3.750   5.124   -13.141 1.00 52.42  ? 53  ASP A O   1 
ATOM   372 C CB  . ASP A 1 54  ? 6.437   4.245   -13.273 1.00 48.36  ? 53  ASP A CB  1 
ATOM   373 C CG  . ASP A 1 54  ? 6.609   5.297   -14.352 1.00 64.17  ? 53  ASP A CG  1 
ATOM   374 O OD1 . ASP A 1 54  ? 6.889   6.470   -14.005 1.00 65.45  ? 53  ASP A OD1 1 
ATOM   375 O OD2 . ASP A 1 54  ? 6.494   4.945   -15.544 1.00 71.71  ? 53  ASP A OD2 1 
ATOM   376 N N   . GLY A 1 55  ? 3.618   5.029   -10.892 1.00 42.81  ? 54  GLY A N   1 
ATOM   377 C CA  . GLY A 1 55  ? 2.176   5.259   -10.793 1.00 41.76  ? 54  GLY A CA  1 
ATOM   378 C C   . GLY A 1 55  ? 1.266   4.046   -10.895 1.00 44.33  ? 54  GLY A C   1 
ATOM   379 O O   . GLY A 1 55  ? 0.047   4.185   -10.753 1.00 43.38  ? 54  GLY A O   1 
ATOM   380 N N   . GLU A 1 56  ? 1.827   2.848   -11.181 1.00 40.26  ? 55  GLU A N   1 
ATOM   381 C CA  . GLU A 1 56  ? 1.021   1.632   -11.279 1.00 38.87  ? 55  GLU A CA  1 
ATOM   382 C C   . GLU A 1 56  ? 1.230   0.841   -9.989  1.00 37.97  ? 55  GLU A C   1 
ATOM   383 O O   . GLU A 1 56  ? 2.175   0.058   -9.875  1.00 35.76  ? 55  GLU A O   1 
ATOM   384 C CB  . GLU A 1 56  ? 1.354   0.818   -12.556 1.00 41.43  ? 55  GLU A CB  1 
ATOM   385 C CG  . GLU A 1 56  ? 0.546   -0.475  -12.692 1.00 53.58  ? 55  GLU A CG  1 
ATOM   386 C CD  . GLU A 1 56  ? -0.947  -0.352  -12.430 1.00 70.76  ? 55  GLU A CD  1 
ATOM   387 O OE1 . GLU A 1 56  ? -1.400  -0.683  -11.303 1.00 42.61  ? 55  GLU A OE1 1 
ATOM   388 O OE2 . GLU A 1 56  ? -1.654  0.130   -13.347 1.00 59.79  ? 55  GLU A OE2 1 
ATOM   389 N N   . LEU A 1 57  ? 0.345   1.068   -9.002  1.00 33.23  ? 56  LEU A N   1 
ATOM   390 C CA  . LEU A 1 57  ? 0.475   0.479   -7.672  1.00 31.82  ? 56  LEU A CA  1 
ATOM   391 C C   . LEU A 1 57  ? 0.334   -1.038  -7.631  1.00 32.29  ? 56  LEU A C   1 
ATOM   392 O O   . LEU A 1 57  ? 0.700   -1.622  -6.616  1.00 30.32  ? 56  LEU A O   1 
ATOM   393 C CB  . LEU A 1 57  ? -0.459  1.149   -6.654  1.00 31.64  ? 56  LEU A CB  1 
ATOM   394 C CG  . LEU A 1 57  ? 0.140   2.417   -6.009  1.00 35.83  ? 56  LEU A CG  1 
ATOM   395 C CD1 . LEU A 1 57  ? 0.378   3.538   -7.034  1.00 36.78  ? 56  LEU A CD1 1 
ATOM   396 C CD2 . LEU A 1 57  ? -0.759  2.942   -4.910  1.00 35.05  ? 56  LEU A CD2 1 
ATOM   397 N N   . ASN A 1 58  ? -0.063  -1.698  -8.733  1.00 30.70  ? 57  ASN A N   1 
ATOM   398 C CA  . ASN A 1 58  ? -0.035  -3.173  -8.750  1.00 30.12  ? 57  ASN A CA  1 
ATOM   399 C C   . ASN A 1 58  ? 1.430   -3.652  -8.636  1.00 32.81  ? 57  ASN A C   1 
ATOM   400 O O   . ASN A 1 58  ? 1.676   -4.788  -8.243  1.00 31.76  ? 57  ASN A O   1 
ATOM   401 C CB  . ASN A 1 58  ? -0.671  -3.732  -10.030 1.00 31.00  ? 57  ASN A CB  1 
ATOM   402 C CG  . ASN A 1 58  ? -2.172  -3.791  -10.002 1.00 46.86  ? 57  ASN A CG  1 
ATOM   403 O OD1 . ASN A 1 58  ? -2.813  -3.655  -8.958  1.00 41.19  ? 57  ASN A OD1 1 
ATOM   404 N ND2 . ASN A 1 58  ? -2.761  -4.007  -11.166 1.00 38.86  ? 57  ASN A ND2 1 
ATOM   405 N N   . ARG A 1 59  ? 2.393   -2.769  -8.989  1.00 30.74  ? 58  ARG A N   1 
ATOM   406 C CA  . ARG A 1 59  ? 3.835   -3.037  -8.902  1.00 31.20  ? 58  ARG A CA  1 
ATOM   407 C C   . ARG A 1 59  ? 4.319   -3.083  -7.439  1.00 32.56  ? 58  ARG A C   1 
ATOM   408 O O   . ARG A 1 59  ? 5.457   -3.488  -7.209  1.00 32.33  ? 58  ARG A O   1 
ATOM   409 C CB  . ARG A 1 59  ? 4.658   -2.024  -9.727  1.00 30.08  ? 58  ARG A CB  1 
ATOM   410 C CG  . ARG A 1 59  ? 4.467   -2.248  -11.218 1.00 34.42  ? 58  ARG A CG  1 
ATOM   411 C CD  . ARG A 1 59  ? 5.176   -1.248  -12.104 1.00 38.98  ? 58  ARG A CD  1 
ATOM   412 N NE  . ARG A 1 59  ? 4.730   -1.423  -13.487 1.00 50.72  ? 58  ARG A NE  1 
ATOM   413 C CZ  . ARG A 1 59  ? 4.777   -0.492  -14.436 1.00 64.61  ? 58  ARG A CZ  1 
ATOM   414 N NH1 . ARG A 1 59  ? 5.267   0.714   -14.172 1.00 49.57  ? 58  ARG A NH1 1 
ATOM   415 N NH2 . ARG A 1 59  ? 4.330   -0.756  -15.654 1.00 55.48  ? 58  ARG A NH2 1 
ATOM   416 N N   . LEU A 1 60  ? 3.460   -2.709  -6.450  1.00 28.74  ? 59  LEU A N   1 
ATOM   417 C CA  . LEU A 1 60  ? 3.791   -2.836  -5.016  1.00 27.75  ? 59  LEU A CA  1 
ATOM   418 C C   . LEU A 1 60  ? 3.769   -4.330  -4.621  1.00 32.53  ? 59  LEU A C   1 
ATOM   419 O O   . LEU A 1 60  ? 4.386   -4.718  -3.641  1.00 32.01  ? 59  LEU A O   1 
ATOM   420 C CB  . LEU A 1 60  ? 2.819   -2.034  -4.115  1.00 27.01  ? 59  LEU A CB  1 
ATOM   421 C CG  . LEU A 1 60  ? 2.882   -0.498  -4.198  1.00 30.63  ? 59  LEU A CG  1 
ATOM   422 C CD1 . LEU A 1 60  ? 1.835   0.135   -3.324  1.00 29.86  ? 59  LEU A CD1 1 
ATOM   423 C CD2 . LEU A 1 60  ? 4.253   0.035   -3.817  1.00 32.93  ? 59  LEU A CD2 1 
ATOM   424 N N   . LEU A 1 61  ? 3.027   -5.153  -5.382  1.00 30.32  ? 60  LEU A N   1 
ATOM   425 C CA  . LEU A 1 61  ? 2.949   -6.587  -5.149  1.00 31.31  ? 60  LEU A CA  1 
ATOM   426 C C   . LEU A 1 61  ? 4.103   -7.236  -5.878  1.00 35.98  ? 60  LEU A C   1 
ATOM   427 O O   . LEU A 1 61  ? 4.468   -6.784  -6.964  1.00 35.79  ? 60  LEU A O   1 
ATOM   428 C CB  . LEU A 1 61  ? 1.598   -7.170  -5.612  1.00 32.17  ? 60  LEU A CB  1 
ATOM   429 C CG  . LEU A 1 61  ? 0.401   -6.946  -4.684  1.00 37.89  ? 60  LEU A CG  1 
ATOM   430 C CD1 . LEU A 1 61  ? -0.212  -5.614  -4.915  1.00 39.20  ? 60  LEU A CD1 1 
ATOM   431 C CD2 . LEU A 1 61  ? -0.670  -7.976  -4.944  1.00 41.16  ? 60  LEU A CD2 1 
ATOM   432 N N   . ALA A 1 62  ? 4.729   -8.237  -5.255  1.00 32.82  ? 61  ALA A N   1 
ATOM   433 C CA  . ALA A 1 62  ? 5.860   -8.943  -5.871  1.00 33.93  ? 61  ALA A CA  1 
ATOM   434 C C   . ALA A 1 62  ? 5.721   -10.444 -5.658  1.00 37.65  ? 61  ALA A C   1 
ATOM   435 O O   . ALA A 1 62  ? 5.070   -10.857 -4.694  1.00 35.56  ? 61  ALA A O   1 
ATOM   436 C CB  . ALA A 1 62  ? 7.169   -8.440  -5.278  1.00 35.39  ? 61  ALA A CB  1 
ATOM   437 N N   . ALA A 1 63  ? 6.288   -11.266 -6.577  1.00 34.50  ? 62  ALA A N   1 
ATOM   438 C CA  . ALA A 1 63  ? 6.283   -12.727 -6.435  1.00 33.86  ? 62  ALA A CA  1 
ATOM   439 C C   . ALA A 1 63  ? 6.867   -13.051 -5.048  1.00 34.32  ? 62  ALA A C   1 
ATOM   440 O O   . ALA A 1 63  ? 7.926   -12.521 -4.681  1.00 33.85  ? 62  ALA A O   1 
ATOM   441 C CB  . ALA A 1 63  ? 7.114   -13.370 -7.557  1.00 35.68  ? 62  ALA A CB  1 
ATOM   442 N N   . PRO A 1 64  ? 6.141   -13.783 -4.191  1.00 28.92  ? 63  PRO A N   1 
ATOM   443 C CA  . PRO A 1 64  ? 6.634   -13.982 -2.812  1.00 29.05  ? 63  PRO A CA  1 
ATOM   444 C C   . PRO A 1 64  ? 7.905   -14.816 -2.694  1.00 34.30  ? 63  PRO A C   1 
ATOM   445 O O   . PRO A 1 64  ? 8.227   -15.560 -3.611  1.00 35.20  ? 63  PRO A O   1 
ATOM   446 C CB  . PRO A 1 64  ? 5.479   -14.746 -2.141  1.00 29.43  ? 63  PRO A CB  1 
ATOM   447 C CG  . PRO A 1 64  ? 4.265   -14.421 -2.969  1.00 32.47  ? 63  PRO A CG  1 
ATOM   448 C CD  . PRO A 1 64  ? 4.796   -14.374 -4.372  1.00 29.17  ? 63  PRO A CD  1 
ATOM   449 N N   . ASP A 1 65  ? 8.582   -14.744 -1.528  1.00 33.11  ? 64  ASP A N   1 
ATOM   450 C CA  . ASP A 1 65  ? 9.721   -15.622 -1.219  1.00 33.68  ? 64  ASP A CA  1 
ATOM   451 C C   . ASP A 1 65  ? 9.181   -17.067 -1.403  1.00 36.28  ? 64  ASP A C   1 
ATOM   452 O O   . ASP A 1 65  ? 8.160   -17.425 -0.798  1.00 34.70  ? 64  ASP A O   1 
ATOM   453 C CB  . ASP A 1 65  ? 10.248  -15.339 0.202   1.00 36.27  ? 64  ASP A CB  1 
ATOM   454 C CG  . ASP A 1 65  ? 11.198  -16.367 0.832   1.00 42.97  ? 64  ASP A CG  1 
ATOM   455 O OD1 . ASP A 1 65  ? 11.524  -17.387 0.160   1.00 39.11  ? 64  ASP A OD1 1 
ATOM   456 O OD2 . ASP A 1 65  ? 11.573  -16.178 2.011   1.00 48.41  ? 64  ASP A OD2 1 
ATOM   457 N N   . PRO A 1 66  ? 9.757   -17.847 -2.337  1.00 32.80  ? 65  PRO A N   1 
ATOM   458 C CA  . PRO A 1 66  ? 9.193   -19.166 -2.651  1.00 32.44  ? 65  PRO A CA  1 
ATOM   459 C C   . PRO A 1 66  ? 9.196   -20.185 -1.490  1.00 37.27  ? 65  PRO A C   1 
ATOM   460 O O   . PRO A 1 66  ? 8.491   -21.187 -1.583  1.00 37.80  ? 65  PRO A O   1 
ATOM   461 C CB  . PRO A 1 66  ? 10.058  -19.635 -3.828  1.00 35.19  ? 65  PRO A CB  1 
ATOM   462 C CG  . PRO A 1 66  ? 11.327  -18.892 -3.683  1.00 40.41  ? 65  PRO A CG  1 
ATOM   463 C CD  . PRO A 1 66  ? 10.924  -17.550 -3.195  1.00 36.05  ? 65  PRO A CD  1 
ATOM   464 N N   . SER A 1 67  ? 9.930   -19.916 -0.386  1.00 32.67  ? 66  SER A N   1 
ATOM   465 C CA  . SER A 1 67  ? 9.964   -20.797 0.788   1.00 32.58  ? 66  SER A CA  1 
ATOM   466 C C   . SER A 1 67  ? 8.839   -20.472 1.795   1.00 33.36  ? 66  SER A C   1 
ATOM   467 O O   . SER A 1 67  ? 8.663   -21.218 2.760   1.00 33.12  ? 66  SER A O   1 
ATOM   468 C CB  . SER A 1 67  ? 11.329  -20.720 1.478   1.00 37.90  ? 66  SER A CB  1 
ATOM   469 O OG  . SER A 1 67  ? 11.509  -19.449 2.086   1.00 43.43  ? 66  SER A OG  1 
ATOM   470 N N   . LEU A 1 68  ? 8.091   -19.371 1.602   1.00 28.58  ? 67  LEU A N   1 
ATOM   471 C CA  . LEU A 1 68  ? 7.000   -19.023 2.509   1.00 28.35  ? 67  LEU A CA  1 
ATOM   472 C C   . LEU A 1 68  ? 5.806   -19.972 2.353   1.00 30.73  ? 67  LEU A C   1 
ATOM   473 O O   . LEU A 1 68  ? 5.515   -20.436 1.253   1.00 27.93  ? 67  LEU A O   1 
ATOM   474 C CB  . LEU A 1 68  ? 6.524   -17.575 2.293   1.00 29.04  ? 67  LEU A CB  1 
ATOM   475 C CG  . LEU A 1 68  ? 7.560   -16.443 2.573   1.00 35.41  ? 67  LEU A CG  1 
ATOM   476 C CD1 . LEU A 1 68  ? 6.987   -15.089 2.197   1.00 34.70  ? 67  LEU A CD1 1 
ATOM   477 C CD2 . LEU A 1 68  ? 8.005   -16.425 4.035   1.00 37.25  ? 67  LEU A CD2 1 
ATOM   478 N N   . VAL A 1 69  ? 5.143   -20.268 3.472   1.00 28.24  ? 68  VAL A N   1 
ATOM   479 C CA  . VAL A 1 69  ? 3.949   -21.106 3.505   1.00 28.66  ? 68  VAL A CA  1 
ATOM   480 C C   . VAL A 1 69  ? 2.854   -20.332 4.231   1.00 30.96  ? 68  VAL A C   1 
ATOM   481 O O   . VAL A 1 69  ? 3.145   -19.603 5.183   1.00 31.65  ? 68  VAL A O   1 
ATOM   482 C CB  . VAL A 1 69  ? 4.182   -22.529 4.108   1.00 33.60  ? 68  VAL A CB  1 
ATOM   483 C CG1 . VAL A 1 69  ? 5.147   -23.358 3.246   1.00 33.07  ? 68  VAL A CG1 1 
ATOM   484 C CG2 . VAL A 1 69  ? 4.672   -22.471 5.560   1.00 35.87  ? 68  VAL A CG2 1 
ATOM   485 N N   . CYS A 1 70  ? 1.595   -20.468 3.782   1.00 27.38  ? 69  CYS A N   1 
ATOM   486 C CA  . CYS A 1 70  ? 0.460   -19.773 4.413   1.00 27.30  ? 69  CYS A CA  1 
ATOM   487 C C   . CYS A 1 70  ? -0.703  -20.737 4.627   1.00 29.56  ? 69  CYS A C   1 
ATOM   488 O O   . CYS A 1 70  ? -0.938  -21.618 3.777   1.00 26.09  ? 69  CYS A O   1 
ATOM   489 C CB  . CYS A 1 70  ? 0.001   -18.576 3.568   1.00 28.17  ? 69  CYS A CB  1 
ATOM   490 S SG  . CYS A 1 70  ? 1.058   -17.093 3.687   1.00 31.93  ? 69  CYS A SG  1 
ATOM   491 N N   . PRO A 1 71  ? -1.507  -20.510 5.688   1.00 28.92  ? 70  PRO A N   1 
ATOM   492 C CA  . PRO A 1 71  ? -2.772  -21.259 5.807   1.00 29.21  ? 70  PRO A CA  1 
ATOM   493 C C   . PRO A 1 71  ? -3.708  -20.769 4.684   1.00 31.01  ? 70  PRO A C   1 
ATOM   494 O O   . PRO A 1 71  ? -3.560  -19.635 4.190   1.00 28.50  ? 70  PRO A O   1 
ATOM   495 C CB  . PRO A 1 71  ? -3.266  -20.901 7.216   1.00 31.06  ? 70  PRO A CB  1 
ATOM   496 C CG  . PRO A 1 71  ? -2.727  -19.530 7.464   1.00 35.42  ? 70  PRO A CG  1 
ATOM   497 C CD  . PRO A 1 71  ? -1.396  -19.466 6.737   1.00 31.17  ? 70  PRO A CD  1 
ATOM   498 N N   . MET A 1 72  ? -4.669  -21.605 4.275   1.00 29.63  ? 71  MET A N   1 
ATOM   499 C CA  . MET A 1 72  ? -5.530  -21.251 3.134   1.00 28.06  ? 71  MET A CA  1 
ATOM   500 C C   . MET A 1 72  ? -6.933  -20.822 3.530   1.00 31.76  ? 71  MET A C   1 
ATOM   501 O O   . MET A 1 72  ? -7.764  -20.615 2.645   1.00 31.56  ? 71  MET A O   1 
ATOM   502 C CB  . MET A 1 72  ? -5.594  -22.428 2.145   1.00 30.21  ? 71  MET A CB  1 
ATOM   503 C CG  . MET A 1 72  ? -4.240  -22.758 1.532   1.00 32.86  ? 71  MET A CG  1 
ATOM   504 S SD  . MET A 1 72  ? -3.860  -21.646 0.189   1.00 35.83  ? 71  MET A SD  1 
ATOM   505 C CE  . MET A 1 72  ? -2.951  -20.428 0.991   1.00 31.67  ? 71  MET A CE  1 
ATOM   506 N N   . TYR A 1 73  ? -7.196  -20.584 4.816   1.00 28.52  ? 72  TYR A N   1 
ATOM   507 C CA  . TYR A 1 73  ? -8.531  -20.105 5.193   1.00 29.02  ? 72  TYR A CA  1 
ATOM   508 C C   . TYR A 1 73  ? -8.797  -18.749 4.549   1.00 33.30  ? 72  TYR A C   1 
ATOM   509 O O   . TYR A 1 73  ? -7.857  -17.964 4.302   1.00 31.86  ? 72  TYR A O   1 
ATOM   510 C CB  . TYR A 1 73  ? -8.699  -20.044 6.729   1.00 30.76  ? 72  TYR A CB  1 
ATOM   511 C CG  . TYR A 1 73  ? -7.701  -19.143 7.422   1.00 31.12  ? 72  TYR A CG  1 
ATOM   512 C CD1 . TYR A 1 73  ? -7.840  -17.756 7.383   1.00 32.03  ? 72  TYR A CD1 1 
ATOM   513 C CD2 . TYR A 1 73  ? -6.687  -19.674 8.218   1.00 31.69  ? 72  TYR A CD2 1 
ATOM   514 C CE1 . TYR A 1 73  ? -6.907  -16.921 7.987   1.00 31.66  ? 72  TYR A CE1 1 
ATOM   515 C CE2 . TYR A 1 73  ? -5.776  -18.847 8.873   1.00 31.50  ? 72  TYR A CE2 1 
ATOM   516 C CZ  . TYR A 1 73  ? -5.886  -17.468 8.742   1.00 33.13  ? 72  TYR A CZ  1 
ATOM   517 O OH  . TYR A 1 73  ? -5.029  -16.620 9.388   1.00 28.78  ? 72  TYR A OH  1 
ATOM   518 N N   . PHE A 1 74  ? -10.050 -18.516 4.170   1.00 33.88  ? 73  PHE A N   1 
ATOM   519 C CA  . PHE A 1 74  ? -10.453 -17.262 3.543   1.00 33.17  ? 73  PHE A CA  1 
ATOM   520 C C   . PHE A 1 74  ? -10.933 -16.322 4.636   1.00 37.83  ? 73  PHE A C   1 
ATOM   521 O O   . PHE A 1 74  ? -11.944 -16.584 5.291   1.00 38.52  ? 73  PHE A O   1 
ATOM   522 C CB  . PHE A 1 74  ? -11.543 -17.487 2.473   1.00 35.71  ? 73  PHE A CB  1 
ATOM   523 C CG  . PHE A 1 74  ? -12.036 -16.231 1.791   1.00 37.94  ? 73  PHE A CG  1 
ATOM   524 C CD1 . PHE A 1 74  ? -11.205 -15.504 0.945   1.00 41.07  ? 73  PHE A CD1 1 
ATOM   525 C CD2 . PHE A 1 74  ? -13.345 -15.787 1.974   1.00 42.33  ? 73  PHE A CD2 1 
ATOM   526 C CE1 . PHE A 1 74  ? -11.670 -14.347 0.305   1.00 42.55  ? 73  PHE A CE1 1 
ATOM   527 C CE2 . PHE A 1 74  ? -13.814 -14.640 1.317   1.00 44.87  ? 73  PHE A CE2 1 
ATOM   528 C CZ  . PHE A 1 74  ? -12.979 -13.937 0.478   1.00 41.83  ? 73  PHE A CZ  1 
ATOM   529 N N   . ASP A 1 75  ? -10.169 -15.251 4.864   1.00 31.31  ? 74  ASP A N   1 
ATOM   530 C CA  . ASP A 1 75  ? -10.492 -14.249 5.874   1.00 31.25  ? 74  ASP A CA  1 
ATOM   531 C C   . ASP A 1 75  ? -9.907  -12.978 5.289   1.00 33.66  ? 74  ASP A C   1 
ATOM   532 O O   . ASP A 1 75  ? -8.785  -12.605 5.621   1.00 32.09  ? 74  ASP A O   1 
ATOM   533 C CB  . ASP A 1 75  ? -9.915  -14.671 7.245   1.00 32.99  ? 74  ASP A CB  1 
ATOM   534 C CG  . ASP A 1 75  ? -10.436 -13.878 8.415   1.00 40.11  ? 74  ASP A CG  1 
ATOM   535 O OD1 . ASP A 1 75  ? -11.171 -12.873 8.181   1.00 35.87  ? 74  ASP A OD1 1 
ATOM   536 O OD2 . ASP A 1 75  ? -10.159 -14.283 9.567   1.00 40.97  ? 74  ASP A OD2 1 
ATOM   537 N N   . PRO A 1 76  ? -10.618 -12.413 4.283   1.00 31.55  ? 75  PRO A N   1 
ATOM   538 C CA  . PRO A 1 76  ? -10.040 -11.337 3.464   1.00 30.80  ? 75  PRO A CA  1 
ATOM   539 C C   . PRO A 1 76  ? -9.636  -10.075 4.205   1.00 33.88  ? 75  PRO A C   1 
ATOM   540 O O   . PRO A 1 76  ? -10.247 -9.664  5.205   1.00 32.26  ? 75  PRO A O   1 
ATOM   541 C CB  . PRO A 1 76  ? -11.136 -11.047 2.427   1.00 33.50  ? 75  PRO A CB  1 
ATOM   542 C CG  . PRO A 1 76  ? -12.407 -11.567 3.052   1.00 38.23  ? 75  PRO A CG  1 
ATOM   543 C CD  . PRO A 1 76  ? -11.941 -12.813 3.756   1.00 33.58  ? 75  PRO A CD  1 
ATOM   544 N N   . VAL A 1 77  ? -8.561  -9.482  3.686   1.00 29.77  ? 76  VAL A N   1 
ATOM   545 C CA  . VAL A 1 77  ? -7.939  -8.256  4.158   1.00 30.05  ? 76  VAL A CA  1 
ATOM   546 C C   . VAL A 1 77  ? -7.640  -7.416  2.909   1.00 34.32  ? 76  VAL A C   1 
ATOM   547 O O   . VAL A 1 77  ? -7.068  -7.924  1.936   1.00 33.97  ? 76  VAL A O   1 
ATOM   548 C CB  . VAL A 1 77  ? -6.693  -8.510  5.079   1.00 34.80  ? 76  VAL A CB  1 
ATOM   549 C CG1 . VAL A 1 77  ? -5.611  -9.343  4.384   1.00 33.57  ? 76  VAL A CG1 1 
ATOM   550 C CG2 . VAL A 1 77  ? -6.097  -7.199  5.591   1.00 34.75  ? 76  VAL A CG2 1 
ATOM   551 N N   . THR A 1 78  ? -8.057  -6.141  2.930   1.00 30.41  ? 77  THR A N   1 
ATOM   552 C CA  . THR A 1 78  ? -7.919  -5.254  1.773   1.00 30.01  ? 77  THR A CA  1 
ATOM   553 C C   . THR A 1 78  ? -7.026  -4.068  2.092   1.00 33.70  ? 77  THR A C   1 
ATOM   554 O O   . THR A 1 78  ? -7.165  -3.439  3.137   1.00 33.73  ? 77  THR A O   1 
ATOM   555 C CB  . THR A 1 78  ? -9.333  -4.821  1.325   1.00 36.64  ? 77  THR A CB  1 
ATOM   556 O OG1 . THR A 1 78  ? -10.047 -6.008  0.943   1.00 35.29  ? 77  THR A OG1 1 
ATOM   557 C CG2 . THR A 1 78  ? -9.330  -3.787  0.152   1.00 30.62  ? 77  THR A CG2 1 
ATOM   558 N N   . VAL A 1 79  ? -6.093  -3.779  1.185   1.00 29.59  ? 78  VAL A N   1 
ATOM   559 C CA  . VAL A 1 79  ? -5.212  -2.620  1.282   1.00 27.38  ? 78  VAL A CA  1 
ATOM   560 C C   . VAL A 1 79  ? -5.771  -1.557  0.342   1.00 31.54  ? 78  VAL A C   1 
ATOM   561 O O   . VAL A 1 79  ? -6.321  -1.895  -0.710  1.00 30.54  ? 78  VAL A O   1 
ATOM   562 C CB  . VAL A 1 79  ? -3.715  -2.910  1.010   1.00 30.11  ? 78  VAL A CB  1 
ATOM   563 C CG1 . VAL A 1 79  ? -3.110  -3.774  2.106   1.00 30.05  ? 78  VAL A CG1 1 
ATOM   564 C CG2 . VAL A 1 79  ? -3.469  -3.530  -0.371  1.00 29.05  ? 78  VAL A CG2 1 
ATOM   565 N N   . THR A 1 80  ? -5.679  -0.289  0.739   1.00 28.18  ? 79  THR A N   1 
ATOM   566 C CA  . THR A 1 80  ? -6.150  0.836   -0.077  1.00 27.10  ? 79  THR A CA  1 
ATOM   567 C C   . THR A 1 80  ? -5.068  1.890   -0.161  1.00 30.16  ? 79  THR A C   1 
ATOM   568 O O   . THR A 1 80  ? -4.244  2.005   0.746   1.00 28.48  ? 79  THR A O   1 
ATOM   569 C CB  . THR A 1 80  ? -7.459  1.465   0.456   1.00 31.75  ? 79  THR A CB  1 
ATOM   570 O OG1 . THR A 1 80  ? -7.204  2.153   1.682   1.00 30.67  ? 79  THR A OG1 1 
ATOM   571 C CG2 . THR A 1 80  ? -8.594  0.471   0.604   1.00 31.66  ? 79  THR A CG2 1 
ATOM   572 N N   . ALA A 1 81  ? -5.045  2.627   -1.273  1.00 27.90  ? 80  ALA A N   1 
ATOM   573 C CA  . ALA A 1 81  ? -4.132  3.739   -1.499  1.00 28.69  ? 80  ALA A CA  1 
ATOM   574 C C   . ALA A 1 81  ? -4.918  4.833   -2.217  1.00 32.38  ? 80  ALA A C   1 
ATOM   575 O O   . ALA A 1 81  ? -5.534  4.562   -3.250  1.00 31.47  ? 80  ALA A O   1 
ATOM   576 C CB  . ALA A 1 81  ? -2.933  3.282   -2.313  1.00 29.99  ? 80  ALA A CB  1 
ATOM   577 N N   . ASP A 1 82  ? -5.044  6.011   -1.592  1.00 29.63  ? 81  ASP A N   1 
ATOM   578 C CA  . ASP A 1 82  ? -5.793  7.126   -2.198  1.00 29.85  ? 81  ASP A CA  1 
ATOM   579 C C   . ASP A 1 82  ? -5.056  8.427   -2.017  1.00 35.03  ? 81  ASP A C   1 
ATOM   580 O O   . ASP A 1 82  ? -4.436  8.629   -0.975  1.00 34.37  ? 81  ASP A O   1 
ATOM   581 C CB  . ASP A 1 82  ? -7.212  7.266   -1.607  1.00 30.56  ? 81  ASP A CB  1 
ATOM   582 C CG  . ASP A 1 82  ? -8.107  6.064   -1.800  1.00 32.90  ? 81  ASP A CG  1 
ATOM   583 O OD1 . ASP A 1 82  ? -8.828  6.023   -2.807  1.00 32.94  ? 81  ASP A OD1 1 
ATOM   584 O OD2 . ASP A 1 82  ? -8.134  5.191   -0.902  1.00 34.50  ? 81  ASP A OD2 1 
ATOM   585 N N   . GLY A 1 83  ? -5.178  9.316   -3.004  1.00 32.09  ? 82  GLY A N   1 
ATOM   586 C CA  . GLY A 1 83  ? -4.592  10.646  -2.931  1.00 31.51  ? 82  GLY A CA  1 
ATOM   587 C C   . GLY A 1 83  ? -4.057  11.115  -4.247  1.00 35.16  ? 82  GLY A C   1 
ATOM   588 O O   . GLY A 1 83  ? -4.738  10.995  -5.271  1.00 35.64  ? 82  GLY A O   1 
ATOM   589 N N   . VAL A 1 84  ? -2.834  11.645  -4.227  1.00 30.55  ? 83  VAL A N   1 
ATOM   590 C CA  . VAL A 1 84  ? -2.193  12.128  -5.450  1.00 31.02  ? 83  VAL A CA  1 
ATOM   591 C C   . VAL A 1 84  ? -0.732  11.708  -5.405  1.00 33.20  ? 83  VAL A C   1 
ATOM   592 O O   . VAL A 1 84  ? -0.133  11.721  -4.340  1.00 32.15  ? 83  VAL A O   1 
ATOM   593 C CB  . VAL A 1 84  ? -2.410  13.665  -5.656  1.00 35.72  ? 83  VAL A CB  1 
ATOM   594 C CG1 . VAL A 1 84  ? -1.889  14.497  -4.489  1.00 34.71  ? 83  VAL A CG1 1 
ATOM   595 C CG2 . VAL A 1 84  ? -1.815  14.147  -6.970  1.00 37.33  ? 83  VAL A CG2 1 
ATOM   596 N N   . LEU A 1 85  ? -0.178  11.304  -6.552  1.00 33.41  ? 84  LEU A N   1 
ATOM   597 C CA  . LEU A 1 85  ? 1.202   10.877  -6.681  1.00 34.77  ? 84  LEU A CA  1 
ATOM   598 C C   . LEU A 1 85  ? 1.784   11.524  -7.916  1.00 42.12  ? 84  LEU A C   1 
ATOM   599 O O   . LEU A 1 85  ? 1.336   11.230  -9.032  1.00 42.59  ? 84  LEU A O   1 
ATOM   600 C CB  . LEU A 1 85  ? 1.299   9.334   -6.744  1.00 34.91  ? 84  LEU A CB  1 
ATOM   601 C CG  . LEU A 1 85  ? 2.705   8.701   -6.966  1.00 40.83  ? 84  LEU A CG  1 
ATOM   602 C CD1 . LEU A 1 85  ? 3.698   9.125   -5.869  1.00 41.35  ? 84  LEU A CD1 1 
ATOM   603 C CD2 . LEU A 1 85  ? 2.619   7.171   -6.999  1.00 41.86  ? 84  LEU A CD2 1 
ATOM   604 N N   . ASN A 1 86  ? 2.768   12.423  -7.713  1.00 38.90  ? 85  ASN A N   1 
ATOM   605 C CA  . ASN A 1 86  ? 3.450   13.174  -8.769  1.00 40.69  ? 85  ASN A CA  1 
ATOM   606 C C   . ASN A 1 86  ? 2.410   13.833  -9.713  1.00 46.97  ? 85  ASN A C   1 
ATOM   607 O O   . ASN A 1 86  ? 2.522   13.735  -10.932 1.00 47.63  ? 85  ASN A O   1 
ATOM   608 C CB  . ASN A 1 86  ? 4.465   12.278  -9.526  1.00 40.29  ? 85  ASN A CB  1 
ATOM   609 C CG  . ASN A 1 86  ? 5.558   11.729  -8.632  1.00 57.72  ? 85  ASN A CG  1 
ATOM   610 O OD1 . ASN A 1 86  ? 6.144   12.442  -7.799  1.00 49.91  ? 85  ASN A OD1 1 
ATOM   611 N ND2 . ASN A 1 86  ? 5.855   10.442  -8.773  1.00 48.00  ? 85  ASN A ND2 1 
ATOM   612 N N   . GLY A 1 87  ? 1.381   14.444  -9.109  1.00 43.68  ? 86  GLY A N   1 
ATOM   613 C CA  . GLY A 1 87  ? 0.313   15.140  -9.817  1.00 44.14  ? 86  GLY A CA  1 
ATOM   614 C C   . GLY A 1 87  ? -0.858  14.312  -10.308 1.00 47.77  ? 86  GLY A C   1 
ATOM   615 O O   . GLY A 1 87  ? -1.842  14.894  -10.749 1.00 49.12  ? 86  GLY A O   1 
ATOM   616 N N   . ARG A 1 88  ? -0.783  12.968  -10.267 1.00 44.23  ? 87  ARG A N   1 
ATOM   617 C CA  . ARG A 1 88  ? -1.921  12.160  -10.736 1.00 44.04  ? 87  ARG A CA  1 
ATOM   618 C C   . ARG A 1 88  ? -2.691  11.553  -9.586  1.00 43.10  ? 87  ARG A C   1 
ATOM   619 O O   . ARG A 1 88  ? -2.104  10.996  -8.661  1.00 40.66  ? 87  ARG A O   1 
ATOM   620 C CB  . ARG A 1 88  ? -1.570  11.067  -11.760 1.00 46.11  ? 87  ARG A CB  1 
ATOM   621 C CG  . ARG A 1 88  ? -0.245  10.348  -11.601 1.00 62.68  ? 87  ARG A CG  1 
ATOM   622 C CD  . ARG A 1 88  ? 0.444   10.198  -12.955 1.00 79.45  ? 87  ARG A CD  1 
ATOM   623 N NE  . ARG A 1 88  ? 0.236   8.873   -13.546 1.00 89.56  ? 87  ARG A NE  1 
ATOM   624 C CZ  . ARG A 1 88  ? 1.201   7.982   -13.762 1.00 104.88 ? 87  ARG A CZ  1 
ATOM   625 N NH1 . ARG A 1 88  ? 2.461   8.268   -13.456 1.00 90.20  ? 87  ARG A NH1 1 
ATOM   626 N NH2 . ARG A 1 88  ? 0.913   6.800   -14.292 1.00 94.48  ? 87  ARG A NH2 1 
ATOM   627 N N   . ARG A 1 89  ? -4.018  11.682  -9.662  1.00 40.95  ? 88  ARG A N   1 
ATOM   628 C CA  . ARG A 1 89  ? -4.983  11.164  -8.694  1.00 40.71  ? 88  ARG A CA  1 
ATOM   629 C C   . ARG A 1 89  ? -4.831  9.638   -8.633  1.00 43.07  ? 88  ARG A C   1 
ATOM   630 O O   . ARG A 1 89  ? -4.693  8.985   -9.673  1.00 43.24  ? 88  ARG A O   1 
ATOM   631 C CB  . ARG A 1 89  ? -6.410  11.597  -9.105  1.00 41.97  ? 88  ARG A CB  1 
ATOM   632 C CG  . ARG A 1 89  ? -7.492  11.344  -8.049  1.00 55.93  ? 88  ARG A CG  1 
ATOM   633 C CD  . ARG A 1 89  ? -7.883  12.594  -7.261  1.00 67.82  ? 88  ARG A CD  1 
ATOM   634 N NE  . ARG A 1 89  ? -7.507  12.469  -5.852  1.00 72.22  ? 88  ARG A NE  1 
ATOM   635 C CZ  . ARG A 1 89  ? -8.256  11.900  -4.910  1.00 84.83  ? 88  ARG A CZ  1 
ATOM   636 N NH1 . ARG A 1 89  ? -9.469  11.439  -5.200  1.00 68.76  ? 88  ARG A NH1 1 
ATOM   637 N NH2 . ARG A 1 89  ? -7.807  11.804  -3.667  1.00 73.42  ? 88  ARG A NH2 1 
ATOM   638 N N   . VAL A 1 90  ? -4.781  9.092   -7.412  1.00 37.80  ? 89  VAL A N   1 
ATOM   639 C CA  . VAL A 1 90  ? -4.611  7.660   -7.142  1.00 36.43  ? 89  VAL A CA  1 
ATOM   640 C C   . VAL A 1 90  ? -5.807  7.177   -6.301  1.00 37.79  ? 89  VAL A C   1 
ATOM   641 O O   . VAL A 1 90  ? -6.137  7.808   -5.319  1.00 36.07  ? 89  VAL A O   1 
ATOM   642 C CB  . VAL A 1 90  ? -3.249  7.365   -6.427  1.00 39.90  ? 89  VAL A CB  1 
ATOM   643 C CG1 . VAL A 1 90  ? -3.158  5.905   -5.948  1.00 39.07  ? 89  VAL A CG1 1 
ATOM   644 C CG2 . VAL A 1 90  ? -2.056  7.714   -7.326  1.00 40.34  ? 89  VAL A CG2 1 
ATOM   645 N N   . ALA A 1 91  ? -6.430  6.070   -6.706  1.00 35.95  ? 90  ALA A N   1 
ATOM   646 C CA  . ALA A 1 91  ? -7.531  5.373   -6.037  1.00 36.89  ? 90  ALA A CA  1 
ATOM   647 C C   . ALA A 1 91  ? -7.303  3.917   -6.348  1.00 39.91  ? 90  ALA A C   1 
ATOM   648 O O   . ALA A 1 91  ? -7.600  3.459   -7.458  1.00 40.77  ? 90  ALA A O   1 
ATOM   649 C CB  . ALA A 1 91  ? -8.885  5.873   -6.548  1.00 39.48  ? 90  ALA A CB  1 
ATOM   650 N N   . TRP A 1 92  ? -6.605  3.228   -5.435  1.00 33.71  ? 91  TRP A N   1 
ATOM   651 C CA  . TRP A 1 92  ? -6.186  1.844   -5.654  1.00 32.67  ? 91  TRP A CA  1 
ATOM   652 C C   . TRP A 1 92  ? -6.534  0.971   -4.463  1.00 34.14  ? 91  TRP A C   1 
ATOM   653 O O   . TRP A 1 92  ? -6.516  1.430   -3.319  1.00 30.76  ? 91  TRP A O   1 
ATOM   654 C CB  . TRP A 1 92  ? -4.667  1.796   -5.926  1.00 31.11  ? 91  TRP A CB  1 
ATOM   655 C CG  . TRP A 1 92  ? -4.079  0.426   -6.164  1.00 31.43  ? 91  TRP A CG  1 
ATOM   656 C CD1 . TRP A 1 92  ? -3.988  -0.232  -7.360  1.00 34.67  ? 91  TRP A CD1 1 
ATOM   657 C CD2 . TRP A 1 92  ? -3.449  -0.421  -5.191  1.00 30.42  ? 91  TRP A CD2 1 
ATOM   658 N NE1 . TRP A 1 92  ? -3.351  -1.438  -7.193  1.00 33.65  ? 91  TRP A NE1 1 
ATOM   659 C CE2 . TRP A 1 92  ? -3.001  -1.579  -5.870  1.00 33.99  ? 91  TRP A CE2 1 
ATOM   660 C CE3 . TRP A 1 92  ? -3.177  -0.296  -3.815  1.00 30.84  ? 91  TRP A CE3 1 
ATOM   661 C CZ2 . TRP A 1 92  ? -2.329  -2.618  -5.216  1.00 32.06  ? 91  TRP A CZ2 1 
ATOM   662 C CZ3 . TRP A 1 92  ? -2.477  -1.310  -3.175  1.00 31.72  ? 91  TRP A CZ3 1 
ATOM   663 C CH2 . TRP A 1 92  ? -2.054  -2.453  -3.875  1.00 32.20  ? 91  TRP A CH2 1 
ATOM   664 N N   . LYS A 1 93  ? -6.856  -0.295  -4.743  1.00 31.54  ? 92  LYS A N   1 
ATOM   665 C CA  . LYS A 1 93  ? -7.107  -1.276  -3.694  1.00 30.48  ? 92  LYS A CA  1 
ATOM   666 C C   . LYS A 1 93  ? -6.715  -2.676  -4.175  1.00 34.45  ? 92  LYS A C   1 
ATOM   667 O O   . LYS A 1 93  ? -6.602  -2.920  -5.379  1.00 33.76  ? 92  LYS A O   1 
ATOM   668 C CB  . LYS A 1 93  ? -8.564  -1.247  -3.195  1.00 32.87  ? 92  LYS A CB  1 
ATOM   669 C CG  . LYS A 1 93  ? -9.606  -1.696  -4.221  1.00 44.45  ? 92  LYS A CG  1 
ATOM   670 C CD  . LYS A 1 93  ? -11.012 -1.651  -3.629  1.00 57.26  ? 92  LYS A CD  1 
ATOM   671 C CE  . LYS A 1 93  ? -12.076 -1.945  -4.662  1.00 71.98  ? 92  LYS A CE  1 
ATOM   672 N NZ  . LYS A 1 93  ? -13.451 -1.760  -4.117  1.00 83.13  ? 92  LYS A NZ  1 
ATOM   673 N N   . HIS A 1 94  ? -6.504  -3.583  -3.223  1.00 31.20  ? 93  HIS A N   1 
ATOM   674 C CA  . HIS A 1 94  ? -6.209  -4.997  -3.489  1.00 31.01  ? 93  HIS A CA  1 
ATOM   675 C C   . HIS A 1 94  ? -6.646  -5.800  -2.303  1.00 32.24  ? 93  HIS A C   1 
ATOM   676 O O   . HIS A 1 94  ? -6.308  -5.436  -1.180  1.00 31.48  ? 93  HIS A O   1 
ATOM   677 C CB  . HIS A 1 94  ? -4.721  -5.260  -3.802  1.00 30.81  ? 93  HIS A CB  1 
ATOM   678 C CG  . HIS A 1 94  ? -4.484  -6.637  -4.346  1.00 34.02  ? 93  HIS A CG  1 
ATOM   679 N ND1 . HIS A 1 94  ? -4.486  -6.887  -5.714  1.00 35.95  ? 93  HIS A ND1 1 
ATOM   680 C CD2 . HIS A 1 94  ? -4.300  -7.812  -3.688  1.00 34.13  ? 93  HIS A CD2 1 
ATOM   681 C CE1 . HIS A 1 94  ? -4.265  -8.189  -5.842  1.00 35.08  ? 93  HIS A CE1 1 
ATOM   682 N NE2 . HIS A 1 94  ? -4.149  -8.789  -4.655  1.00 34.16  ? 93  HIS A NE2 1 
ATOM   683 N N   . THR A 1 95  ? -7.408  -6.877  -2.551  1.00 29.39  ? 94  THR A N   1 
ATOM   684 C CA  . THR A 1 95  ? -7.916  -7.800  -1.520  1.00 29.38  ? 94  THR A CA  1 
ATOM   685 C C   . THR A 1 95  ? -7.081  -9.085  -1.523  1.00 30.40  ? 94  THR A C   1 
ATOM   686 O O   . THR A 1 95  ? -6.885  -9.692  -2.573  1.00 29.09  ? 94  THR A O   1 
ATOM   687 C CB  . THR A 1 95  ? -9.408  -8.112  -1.744  1.00 33.18  ? 94  THR A CB  1 
ATOM   688 O OG1 . THR A 1 95  ? -10.136 -6.889  -1.737  1.00 35.63  ? 94  THR A OG1 1 
ATOM   689 C CG2 . THR A 1 95  ? -9.991  -9.044  -0.667  1.00 33.66  ? 94  THR A CG2 1 
ATOM   690 N N   . PHE A 1 96  ? -6.574  -9.465  -0.350  1.00 26.32  ? 95  PHE A N   1 
ATOM   691 C CA  . PHE A 1 96  ? -5.814  -10.695 -0.151  1.00 26.86  ? 95  PHE A CA  1 
ATOM   692 C C   . PHE A 1 96  ? -6.693  -11.732 0.583   1.00 31.30  ? 95  PHE A C   1 
ATOM   693 O O   . PHE A 1 96  ? -7.554  -11.340 1.371   1.00 30.41  ? 95  PHE A O   1 
ATOM   694 C CB  . PHE A 1 96  ? -4.526  -10.413 0.637   1.00 27.72  ? 95  PHE A CB  1 
ATOM   695 C CG  . PHE A 1 96  ? -3.566  -9.463  -0.042  1.00 28.71  ? 95  PHE A CG  1 
ATOM   696 C CD1 . PHE A 1 96  ? -2.667  -9.923  -1.006  1.00 29.62  ? 95  PHE A CD1 1 
ATOM   697 C CD2 . PHE A 1 96  ? -3.537  -8.111  0.302   1.00 30.07  ? 95  PHE A CD2 1 
ATOM   698 C CE1 . PHE A 1 96  ? -1.774  -9.044  -1.630  1.00 30.26  ? 95  PHE A CE1 1 
ATOM   699 C CE2 . PHE A 1 96  ? -2.619  -7.235  -0.304  1.00 31.12  ? 95  PHE A CE2 1 
ATOM   700 C CZ  . PHE A 1 96  ? -1.745  -7.707  -1.265  1.00 29.63  ? 95  PHE A CZ  1 
ATOM   701 N N   . SER A 1 97  ? -6.442  -13.049 0.352   1.00 27.59  ? 96  SER A N   1 
ATOM   702 C CA  . SER A 1 97  ? -7.164  -14.195 0.955   1.00 28.24  ? 96  SER A CA  1 
ATOM   703 C C   . SER A 1 97  ? -7.182  -14.113 2.486   1.00 31.91  ? 96  SER A C   1 
ATOM   704 O O   . SER A 1 97  ? -8.197  -14.414 3.104   1.00 32.27  ? 96  SER A O   1 
ATOM   705 C CB  . SER A 1 97  ? -6.489  -15.510 0.540   1.00 31.78  ? 96  SER A CB  1 
ATOM   706 O OG  . SER A 1 97  ? -6.435  -15.648 -0.867  1.00 46.88  ? 96  SER A OG  1 
ATOM   707 N N   . ASN A 1 98  ? -6.033  -13.739 3.084   1.00 29.04  ? 97  ASN A N   1 
ATOM   708 C CA  . ASN A 1 98  ? -5.831  -13.583 4.527   1.00 29.61  ? 97  ASN A CA  1 
ATOM   709 C C   . ASN A 1 98  ? -4.561  -12.753 4.774   1.00 31.08  ? 97  ASN A C   1 
ATOM   710 O O   . ASN A 1 98  ? -3.897  -12.355 3.814   1.00 28.63  ? 97  ASN A O   1 
ATOM   711 C CB  . ASN A 1 98  ? -5.775  -14.957 5.244   1.00 26.51  ? 97  ASN A CB  1 
ATOM   712 C CG  . ASN A 1 98  ? -4.704  -15.872 4.722   1.00 32.63  ? 97  ASN A CG  1 
ATOM   713 O OD1 . ASN A 1 98  ? -3.548  -15.485 4.590   1.00 29.40  ? 97  ASN A OD1 1 
ATOM   714 N ND2 . ASN A 1 98  ? -5.046  -17.120 4.427   1.00 31.55  ? 97  ASN A ND2 1 
ATOM   715 N N   . THR A 1 99  ? -4.242  -12.474 6.046   1.00 28.11  ? 98  THR A N   1 
ATOM   716 C CA  . THR A 1 99  ? -3.081  -11.643 6.395   1.00 27.73  ? 98  THR A CA  1 
ATOM   717 C C   . THR A 1 99  ? -1.761  -12.271 6.011   1.00 28.99  ? 98  THR A C   1 
ATOM   718 O O   . THR A 1 99  ? -0.843  -11.531 5.633   1.00 27.16  ? 98  THR A O   1 
ATOM   719 C CB  . THR A 1 99  ? -3.072  -11.292 7.880   1.00 34.35  ? 98  THR A CB  1 
ATOM   720 O OG1 . THR A 1 99  ? -2.976  -12.500 8.641   1.00 37.65  ? 98  THR A OG1 1 
ATOM   721 C CG2 . THR A 1 99  ? -4.295  -10.465 8.279   1.00 29.80  ? 98  THR A CG2 1 
ATOM   722 N N   . CYS A 1 100 ? -1.639  -13.613 6.106   1.00 26.50  ? 99  CYS A N   1 
ATOM   723 C CA  . CYS A 1 100 ? -0.396  -14.289 5.725   1.00 26.37  ? 99  CYS A CA  1 
ATOM   724 C C   . CYS A 1 100 ? -0.115  -14.052 4.229   1.00 27.82  ? 99  CYS A C   1 
ATOM   725 O O   . CYS A 1 100 ? 1.018   -13.755 3.855   1.00 26.53  ? 99  CYS A O   1 
ATOM   726 C CB  . CYS A 1 100 ? -0.461  -15.781 6.049   1.00 27.81  ? 99  CYS A CB  1 
ATOM   727 S SG  . CYS A 1 100 ? 1.080   -16.674 5.693   1.00 32.42  ? 99  CYS A SG  1 
ATOM   728 N N   . VAL A 1 101 ? -1.137  -14.236 3.378   1.00 25.55  ? 100 VAL A N   1 
ATOM   729 C CA  . VAL A 1 101 ? -1.039  -14.056 1.913   1.00 25.23  ? 100 VAL A CA  1 
ATOM   730 C C   . VAL A 1 101 ? -0.693  -12.573 1.591   1.00 28.02  ? 100 VAL A C   1 
ATOM   731 O O   . VAL A 1 101 ? 0.148   -12.293 0.730   1.00 25.93  ? 100 VAL A O   1 
ATOM   732 C CB  . VAL A 1 101 ? -2.324  -14.530 1.170   1.00 27.93  ? 100 VAL A CB  1 
ATOM   733 C CG1 . VAL A 1 101 ? -2.218  -14.264 -0.341  1.00 27.35  ? 100 VAL A CG1 1 
ATOM   734 C CG2 . VAL A 1 101 ? -2.586  -16.020 1.426   1.00 27.61  ? 100 VAL A CG2 1 
ATOM   735 N N   . MET A 1 102 ? -1.289  -11.654 2.332   1.00 25.72  ? 101 MET A N   1 
ATOM   736 C CA  . MET A 1 102 ? -0.995  -10.230 2.186   1.00 24.78  ? 101 MET A CA  1 
ATOM   737 C C   . MET A 1 102 ? 0.476   -9.956  2.441   1.00 27.96  ? 101 MET A C   1 
ATOM   738 O O   . MET A 1 102 ? 1.140   -9.340  1.593   1.00 27.21  ? 101 MET A O   1 
ATOM   739 C CB  . MET A 1 102 ? -1.859  -9.398  3.145   1.00 25.93  ? 101 MET A CB  1 
ATOM   740 C CG  . MET A 1 102 ? -1.426  -7.953  3.177   1.00 28.88  ? 101 MET A CG  1 
ATOM   741 S SD  . MET A 1 102 ? -2.516  -6.924  4.181   1.00 31.51  ? 101 MET A SD  1 
ATOM   742 C CE  . MET A 1 102 ? -1.316  -5.552  4.588   1.00 30.19  ? 101 MET A CE  1 
ATOM   743 N N   . SER A 1 103 ? 0.988   -10.450 3.588   1.00 27.26  ? 102 SER A N   1 
ATOM   744 C CA  . SER A 1 103 ? 2.397   -10.277 3.970   1.00 28.97  ? 102 SER A CA  1 
ATOM   745 C C   . SER A 1 103 ? 3.334   -10.872 2.906   1.00 32.91  ? 102 SER A C   1 
ATOM   746 O O   . SER A 1 103 ? 4.309   -10.200 2.500   1.00 30.91  ? 102 SER A O   1 
ATOM   747 C CB  . SER A 1 103 ? 2.669   -10.891 5.341   1.00 32.94  ? 102 SER A CB  1 
ATOM   748 O OG  . SER A 1 103 ? 4.047   -10.805 5.668   1.00 44.02  ? 102 SER A OG  1 
ATOM   749 N N   . ALA A 1 104 ? 3.006   -12.085 2.401   1.00 29.02  ? 103 ALA A N   1 
ATOM   750 C CA  . ALA A 1 104 ? 3.831   -12.768 1.390   1.00 29.24  ? 103 ALA A CA  1 
ATOM   751 C C   . ALA A 1 104 ? 3.957   -11.951 0.091   1.00 32.66  ? 103 ALA A C   1 
ATOM   752 O O   . ALA A 1 104 ? 5.056   -11.866 -0.475  1.00 31.86  ? 103 ALA A O   1 
ATOM   753 C CB  . ALA A 1 104 ? 3.263   -14.147 1.078   1.00 30.24  ? 103 ALA A CB  1 
ATOM   754 N N   . ASN A 1 105 ? 2.853   -11.334 -0.356  1.00 29.01  ? 104 ASN A N   1 
ATOM   755 C CA  . ASN A 1 105 ? 2.839   -10.588 -1.621  1.00 28.82  ? 104 ASN A CA  1 
ATOM   756 C C   . ASN A 1 105 ? 3.250   -9.135  -1.490  1.00 33.48  ? 104 ASN A C   1 
ATOM   757 O O   . ASN A 1 105 ? 3.549   -8.512  -2.510  1.00 33.18  ? 104 ASN A O   1 
ATOM   758 C CB  . ASN A 1 105 ? 1.453   -10.648 -2.235  1.00 26.65  ? 104 ASN A CB  1 
ATOM   759 C CG  . ASN A 1 105 ? 1.176   -11.994 -2.825  1.00 42.19  ? 104 ASN A CG  1 
ATOM   760 O OD1 . ASN A 1 105 ? 1.532   -12.264 -3.977  1.00 32.43  ? 104 ASN A OD1 1 
ATOM   761 N ND2 . ASN A 1 105 ? 0.625   -12.893 -2.017  1.00 33.15  ? 104 ASN A ND2 1 
ATOM   762 N N   . LEU A 1 106 ? 3.244   -8.576  -0.268  1.00 31.45  ? 105 LEU A N   1 
ATOM   763 C CA  . LEU A 1 106 ? 3.602   -7.173  -0.127  1.00 33.94  ? 105 LEU A CA  1 
ATOM   764 C C   . LEU A 1 106 ? 5.027   -7.016  0.323   1.00 49.14  ? 105 LEU A C   1 
ATOM   765 O O   . LEU A 1 106 ? 5.353   -5.986  0.919   1.00 50.55  ? 105 LEU A O   1 
ATOM   766 C CB  . LEU A 1 106 ? 2.633   -6.391  0.773   1.00 33.43  ? 105 LEU A CB  1 
ATOM   767 C CG  . LEU A 1 106 ? 1.405   -5.861  0.041   1.00 38.49  ? 105 LEU A CG  1 
ATOM   768 C CD1 . LEU A 1 106 ? 0.430   -5.230  1.024   1.00 40.01  ? 105 LEU A CD1 1 
ATOM   769 C CD2 . LEU A 1 106 ? 1.786   -4.854  -1.080  1.00 39.66  ? 105 LEU A CD2 1 
ATOM   770 N N   . ASN A 1 107 ? 5.889   -8.033  -0.005  1.00 51.69  ? 106 ASN A N   1 
ATOM   771 C CA  . ASN A 1 107 ? 7.350   -8.066  0.190   1.00 55.24  ? 106 ASN A CA  1 
ATOM   772 C C   . ASN A 1 107 ? 7.635   -7.803  1.659   1.00 62.23  ? 106 ASN A C   1 
ATOM   773 O O   . ASN A 1 107 ? 7.164   -8.527  2.540   1.00 63.56  ? 106 ASN A O   1 
ATOM   774 C CB  . ASN A 1 107 ? 7.952   -6.950  -0.731  1.00 60.44  ? 106 ASN A CB  1 
ATOM   775 C CG  . ASN A 1 107 ? 9.386   -7.054  -1.160  1.00 94.00  ? 106 ASN A CG  1 
ATOM   776 O OD1 . ASN A 1 107 ? 10.192  -6.157  -0.887  1.00 92.74  ? 106 ASN A OD1 1 
ATOM   777 N ND2 . ASN A 1 107 ? 9.688   -8.040  -1.991  1.00 87.97  ? 106 ASN A ND2 1 
ATOM   778 N N   . SER A 1 108 ? 8.388   -6.746  1.893   1.00 58.15  ? 107 SER A N   1 
ATOM   779 C CA  . SER A 1 108 ? 8.677   -6.047  3.133   1.00 57.50  ? 107 SER A CA  1 
ATOM   780 C C   . SER A 1 108 ? 8.664   -4.576  2.695   1.00 57.20  ? 107 SER A C   1 
ATOM   781 O O   . SER A 1 108 ? 9.359   -3.718  3.255   1.00 57.57  ? 107 SER A O   1 
ATOM   782 C CB  . SER A 1 108 ? 9.989   -6.521  3.752   1.00 62.65  ? 107 SER A CB  1 
ATOM   783 O OG  . SER A 1 108 ? 9.752   -7.612  4.625   1.00 70.68  ? 107 SER A OG  1 
ATOM   784 N N   . ASN A 1 109 ? 7.847   -4.328  1.622   1.00 48.97  ? 108 ASN A N   1 
ATOM   785 C CA  . ASN A 1 109 ? 7.615   -3.072  0.925   1.00 46.48  ? 108 ASN A CA  1 
ATOM   786 C C   . ASN A 1 109 ? 7.307   -2.011  1.942   1.00 46.16  ? 108 ASN A C   1 
ATOM   787 O O   . ASN A 1 109 ? 6.379   -2.175  2.742   1.00 47.73  ? 108 ASN A O   1 
ATOM   788 C CB  . ASN A 1 109 ? 6.478   -3.221  -0.090  1.00 48.62  ? 108 ASN A CB  1 
ATOM   789 C CG  . ASN A 1 109 ? 6.388   -2.118  -1.103  1.00 44.95  ? 108 ASN A CG  1 
ATOM   790 O OD1 . ASN A 1 109 ? 6.004   -1.005  -0.792  1.00 38.07  ? 108 ASN A OD1 1 
ATOM   791 N ND2 . ASN A 1 109 ? 6.745   -2.404  -2.331  1.00 34.21  ? 108 ASN A ND2 1 
ATOM   792 N N   . PRO A 1 110 ? 8.109   -0.938  1.983   1.00 38.52  ? 109 PRO A N   1 
ATOM   793 C CA  . PRO A 1 110 ? 7.898   0.083   3.027   1.00 38.08  ? 109 PRO A CA  1 
ATOM   794 C C   . PRO A 1 110 ? 6.470   0.651   3.057   1.00 39.57  ? 109 PRO A C   1 
ATOM   795 O O   . PRO A 1 110 ? 5.988   0.951   4.135   1.00 37.30  ? 109 PRO A O   1 
ATOM   796 C CB  . PRO A 1 110 ? 8.919   1.162   2.662   1.00 40.59  ? 109 PRO A CB  1 
ATOM   797 C CG  . PRO A 1 110 ? 9.984   0.421   1.933   1.00 44.75  ? 109 PRO A CG  1 
ATOM   798 C CD  . PRO A 1 110 ? 9.260   -0.598  1.124   1.00 39.37  ? 109 PRO A CD  1 
ATOM   799 N N   . VAL A 1 111 ? 5.780   0.735   1.890   1.00 34.66  ? 110 VAL A N   1 
ATOM   800 C CA  . VAL A 1 111 ? 4.437   1.324   1.774   1.00 31.00  ? 110 VAL A CA  1 
ATOM   801 C C   . VAL A 1 111 ? 3.470   0.730   2.806   1.00 33.87  ? 110 VAL A C   1 
ATOM   802 O O   . VAL A 1 111 ? 2.868   1.511   3.547   1.00 32.27  ? 110 VAL A O   1 
ATOM   803 C CB  . VAL A 1 111 ? 3.857   1.262   0.337   1.00 32.73  ? 110 VAL A CB  1 
ATOM   804 C CG1 . VAL A 1 111 ? 2.432   1.824   0.299   1.00 31.28  ? 110 VAL A CG1 1 
ATOM   805 C CG2 . VAL A 1 111 ? 4.750   2.036   -0.632  1.00 32.64  ? 110 VAL A CG2 1 
ATOM   806 N N   . TYR A 1 112 ? 3.356   -0.606  2.889   1.00 30.58  ? 111 TYR A N   1 
ATOM   807 C CA  . TYR A 1 112 ? 2.449   -1.226  3.855   1.00 31.01  ? 111 TYR A CA  1 
ATOM   808 C C   . TYR A 1 112 ? 3.175   -1.782  5.091   1.00 37.04  ? 111 TYR A C   1 
ATOM   809 O O   . TYR A 1 112 ? 2.616   -2.624  5.799   1.00 36.65  ? 111 TYR A O   1 
ATOM   810 C CB  . TYR A 1 112 ? 1.559   -2.285  3.186   1.00 30.22  ? 111 TYR A CB  1 
ATOM   811 C CG  . TYR A 1 112 ? 0.525   -1.619  2.303   1.00 29.75  ? 111 TYR A CG  1 
ATOM   812 C CD1 . TYR A 1 112 ? -0.587  -0.977  2.860   1.00 31.61  ? 111 TYR A CD1 1 
ATOM   813 C CD2 . TYR A 1 112 ? 0.742   -1.470  0.933   1.00 29.17  ? 111 TYR A CD2 1 
ATOM   814 C CE1 . TYR A 1 112 ? -1.485  -0.259  2.066   1.00 31.04  ? 111 TYR A CE1 1 
ATOM   815 C CE2 . TYR A 1 112 ? -0.178  -0.795  0.123   1.00 29.35  ? 111 TYR A CE2 1 
ATOM   816 C CZ  . TYR A 1 112 ? -1.290  -0.194  0.694   1.00 32.07  ? 111 TYR A CZ  1 
ATOM   817 O OH  . TYR A 1 112 ? -2.185  0.493   -0.096  1.00 29.91  ? 111 TYR A OH  1 
ATOM   818 N N   . ALA A 1 113 ? 4.361   -1.240  5.412   1.00 35.57  ? 112 ALA A N   1 
ATOM   819 C CA  . ALA A 1 113 ? 5.095   -1.655  6.619   1.00 36.42  ? 112 ALA A CA  1 
ATOM   820 C C   . ALA A 1 113 ? 4.642   -0.776  7.807   1.00 39.89  ? 112 ALA A C   1 
ATOM   821 O O   . ALA A 1 113 ? 5.386   0.087   8.290   1.00 38.87  ? 112 ALA A O   1 
ATOM   822 C CB  . ALA A 1 113 ? 6.605   -1.571  6.389   1.00 37.84  ? 112 ALA A CB  1 
ATOM   823 N N   . PHE A 1 114 ? 3.365   -0.954  8.212   1.00 36.64  ? 113 PHE A N   1 
ATOM   824 C CA  . PHE A 1 114 ? 2.733   -0.229  9.331   1.00 35.61  ? 113 PHE A CA  1 
ATOM   825 C C   . PHE A 1 114 ? 1.619   -1.071  9.972   1.00 37.65  ? 113 PHE A C   1 
ATOM   826 O O   . PHE A 1 114 ? 1.115   -1.989  9.296   1.00 37.35  ? 113 PHE A O   1 
ATOM   827 C CB  . PHE A 1 114 ? 2.191   1.149   8.883   1.00 36.11  ? 113 PHE A CB  1 
ATOM   828 C CG  . PHE A 1 114 ? 1.038   1.137   7.903   1.00 35.88  ? 113 PHE A CG  1 
ATOM   829 C CD1 . PHE A 1 114 ? -0.278  1.140   8.353   1.00 37.09  ? 113 PHE A CD1 1 
ATOM   830 C CD2 . PHE A 1 114 ? 1.270   1.202   6.531   1.00 36.95  ? 113 PHE A CD2 1 
ATOM   831 C CE1 . PHE A 1 114 ? -1.347  1.154   7.446   1.00 37.67  ? 113 PHE A CE1 1 
ATOM   832 C CE2 . PHE A 1 114 ? 0.199   1.220   5.623   1.00 38.63  ? 113 PHE A CE2 1 
ATOM   833 C CZ  . PHE A 1 114 ? -1.101  1.197   6.085   1.00 36.25  ? 113 PHE A CZ  1 
ATOM   834 O OXT . PHE A 1 114 ? 1.211   -0.763  11.120  1.00 47.22  ? 113 PHE A OXT 1 
HETATM 835 C C1  . GOL B 2 .   ? 9.521   14.179  -4.247  1.00 54.23  ? 501 GOL A C1  1 
HETATM 836 O O1  . GOL B 2 .   ? 9.274   14.127  -5.656  1.00 54.44  ? 501 GOL A O1  1 
HETATM 837 C C2  . GOL B 2 .   ? 10.080  12.832  -3.781  1.00 51.61  ? 501 GOL A C2  1 
HETATM 838 O O2  . GOL B 2 .   ? 9.140   11.814  -4.107  1.00 50.53  ? 501 GOL A O2  1 
HETATM 839 C C3  . GOL B 2 .   ? 10.322  12.864  -2.266  1.00 49.12  ? 501 GOL A C3  1 
HETATM 840 O O3  . GOL B 2 .   ? 10.829  11.600  -1.801  1.00 43.95  ? 501 GOL A O3  1 
HETATM 841 C C   . ACT C 3 .   ? 8.931   13.796  -11.218 1.00 78.78  ? 502 ACT A C   1 
HETATM 842 O O   . ACT C 3 .   ? 8.048   14.621  -10.902 1.00 79.42  ? 502 ACT A O   1 
HETATM 843 O OXT . ACT C 3 .   ? 9.055   12.763  -10.574 1.00 79.02  ? 502 ACT A OXT 1 
HETATM 844 C CH3 . ACT C 3 .   ? 9.835   14.071  -12.394 1.00 78.52  ? 502 ACT A CH3 1 
HETATM 845 C C   . ACT D 3 .   ? -10.100 2.571   -3.129  1.00 59.11  ? 503 ACT A C   1 
HETATM 846 O O   . ACT D 3 .   ? -10.778 2.118   -2.172  1.00 56.26  ? 503 ACT A O   1 
HETATM 847 O OXT . ACT D 3 .   ? -9.040  3.155   -2.914  1.00 58.35  ? 503 ACT A OXT 1 
HETATM 848 C CH3 . ACT D 3 .   ? -10.589 2.395   -4.549  1.00 58.71  ? 503 ACT A CH3 1 
HETATM 849 C C   . ACT E 3 .   ? -2.989  -12.135 -4.906  1.00 70.50  ? 504 ACT A C   1 
HETATM 850 O O   . ACT E 3 .   ? -3.235  -13.286 -5.333  1.00 77.21  ? 504 ACT A O   1 
HETATM 851 O OXT . ACT E 3 .   ? -3.708  -11.630 -4.052  1.00 68.00  ? 504 ACT A OXT 1 
HETATM 852 C CH3 . ACT E 3 .   ? -1.814  -11.368 -5.461  1.00 69.92  ? 504 ACT A CH3 1 
HETATM 853 O O   . HOH F 4 .   ? -11.734 -20.754 4.469   1.00 31.90  ? 601 HOH A O   1 
HETATM 854 O O   . HOH F 4 .   ? 15.284  17.759  1.091   1.00 36.74  ? 602 HOH A O   1 
HETATM 855 O O   . HOH F 4 .   ? -2.405  7.987   10.834  1.00 37.58  ? 603 HOH A O   1 
HETATM 856 O O   . HOH F 4 .   ? -12.132 -10.684 6.676   1.00 34.70  ? 604 HOH A O   1 
HETATM 857 O O   . HOH F 4 .   ? 7.168   9.596   9.994   1.00 56.16  ? 605 HOH A O   1 
HETATM 858 O O   . HOH F 4 .   ? -6.582  4.750   1.209   1.00 32.71  ? 606 HOH A O   1 
HETATM 859 O O   . HOH F 4 .   ? 12.478  6.093   5.341   1.00 44.04  ? 607 HOH A O   1 
HETATM 860 O O   . HOH F 4 .   ? -7.635  -0.865  -7.772  1.00 40.27  ? 608 HOH A O   1 
HETATM 861 O O   . HOH F 4 .   ? 4.549   -17.074 5.446   1.00 35.34  ? 609 HOH A O   1 
HETATM 862 O O   . HOH F 4 .   ? -8.805  -8.864  10.160  1.00 48.87  ? 610 HOH A O   1 
HETATM 863 O O   . HOH F 4 .   ? 4.024   8.598   -10.562 1.00 51.60  ? 611 HOH A O   1 
HETATM 864 O O   . HOH F 4 .   ? 6.202   16.514  2.718   1.00 38.52  ? 612 HOH A O   1 
HETATM 865 O O   . HOH F 4 .   ? -0.309  13.231  9.115   1.00 36.55  ? 613 HOH A O   1 
HETATM 866 O O   . HOH F 4 .   ? -8.135  -7.473  -5.433  1.00 40.63  ? 614 HOH A O   1 
HETATM 867 O O   . HOH F 4 .   ? -5.105  -13.403 -2.434  1.00 33.05  ? 615 HOH A O   1 
HETATM 868 O O   . HOH F 4 .   ? 2.457   -19.695 7.985   1.00 44.82  ? 616 HOH A O   1 
HETATM 869 O O   . HOH F 4 .   ? 2.020   -10.669 -6.181  1.00 41.37  ? 617 HOH A O   1 
HETATM 870 O O   . HOH F 4 .   ? 6.589   11.301  -4.951  1.00 41.36  ? 618 HOH A O   1 
HETATM 871 O O   . HOH F 4 .   ? -4.134  -7.149  9.614   1.00 42.54  ? 619 HOH A O   1 
HETATM 872 O O   . HOH F 4 .   ? -14.956 -5.698  9.170   1.00 49.61  ? 620 HOH A O   1 
HETATM 873 O O   . HOH F 4 .   ? 6.067   15.369  -5.294  1.00 59.34  ? 621 HOH A O   1 
HETATM 874 O O   . HOH F 4 .   ? -3.985  -3.710  12.890  1.00 42.63  ? 622 HOH A O   1 
HETATM 875 O O   . HOH F 4 .   ? 7.651   -12.450 0.164   1.00 42.05  ? 623 HOH A O   1 
HETATM 876 O O   . HOH F 4 .   ? 7.939   -0.140  -5.085  1.00 40.73  ? 624 HOH A O   1 
HETATM 877 O O   . HOH F 4 .   ? -5.173  -4.620  -7.175  1.00 47.77  ? 625 HOH A O   1 
HETATM 878 O O   . HOH F 4 .   ? 3.155   17.314  -0.484  1.00 53.20  ? 626 HOH A O   1 
HETATM 879 O O   . HOH F 4 .   ? 9.854   -2.879  5.578   1.00 54.45  ? 627 HOH A O   1 
HETATM 880 O O   . HOH F 4 .   ? 7.702   -10.120 -8.793  1.00 54.45  ? 628 HOH A O   1 
HETATM 881 O O   . HOH F 4 .   ? 5.515   -12.808 4.850   1.00 36.97  ? 629 HOH A O   1 
HETATM 882 O O   . HOH F 4 .   ? 2.438   -4.827  9.228   1.00 64.13  ? 630 HOH A O   1 
HETATM 883 O O   . HOH F 4 .   ? 7.844   -1.476  -7.217  1.00 48.94  ? 631 HOH A O   1 
HETATM 884 O O   . HOH F 4 .   ? 12.234  4.935   -6.404  1.00 43.33  ? 632 HOH A O   1 
HETATM 885 O O   . HOH F 4 .   ? 12.011  8.689   6.321   1.00 54.38  ? 633 HOH A O   1 
HETATM 886 O O   . HOH F 4 .   ? 9.408   4.982   12.646  1.00 56.30  ? 634 HOH A O   1 
HETATM 887 O O   . HOH F 4 .   ? 3.736   -14.645 4.550   1.00 36.50  ? 635 HOH A O   1 
HETATM 888 O O   . HOH F 4 .   ? 6.681   -19.643 6.042   1.00 38.35  ? 636 HOH A O   1 
HETATM 889 O O   . HOH F 4 .   ? -0.323  -9.084  7.075   1.00 41.30  ? 637 HOH A O   1 
HETATM 890 O O   . HOH F 4 .   ? 8.023   -12.101 3.241   1.00 50.96  ? 638 HOH A O   1 
HETATM 891 O O   . HOH F 4 .   ? 3.822   16.900  -2.615  1.00 40.23  ? 639 HOH A O   1 
HETATM 892 O O   . HOH F 4 .   ? -3.686  3.578   12.551  1.00 38.31  ? 640 HOH A O   1 
HETATM 893 O O   . HOH F 4 .   ? -0.919  3.004   12.148  1.00 55.34  ? 641 HOH A O   1 
HETATM 894 O O   . HOH F 4 .   ? 10.082  -11.800 -3.055  1.00 49.80  ? 642 HOH A O   1 
HETATM 895 O O   . HOH F 4 .   ? 9.684   12.753  8.628   1.00 50.86  ? 643 HOH A O   1 
HETATM 896 O O   . HOH F 4 .   ? -7.385  -12.192 -3.602  1.00 53.75  ? 644 HOH A O   1 
HETATM 897 O O   . HOH F 4 .   ? -4.662  -17.393 -1.776  1.00 41.26  ? 645 HOH A O   1 
HETATM 898 O O   . HOH F 4 .   ? -9.931  -5.254  -5.955  1.00 59.82  ? 646 HOH A O   1 
HETATM 899 O O   . HOH F 4 .   ? 12.129  1.977   -0.205  1.00 43.94  ? 647 HOH A O   1 
HETATM 900 O O   . HOH F 4 .   ? 10.833  -13.468 2.982   1.00 51.23  ? 648 HOH A O   1 
HETATM 901 O O   . HOH F 4 .   ? 6.373   -5.694  -8.944  1.00 54.53  ? 649 HOH A O   1 
HETATM 902 O O   . HOH F 4 .   ? 10.492  -0.778  -3.756  1.00 54.35  ? 650 HOH A O   1 
HETATM 903 O O   . HOH F 4 .   ? -6.345  -19.495 -1.039  1.00 40.74  ? 651 HOH A O   1 
HETATM 904 O O   . HOH F 4 .   ? -9.032  -13.118 -1.974  1.00 53.32  ? 652 HOH A O   1 
HETATM 905 O O   . HOH F 4 .   ? -3.145  -15.365 8.096   1.00 30.93  ? 653 HOH A O   1 
HETATM 906 O O   . HOH F 4 .   ? 6.047   -6.588  -2.830  1.00 48.05  ? 654 HOH A O   1 
HETATM 907 O O   . HOH F 4 .   ? -6.231  -13.288 8.081   1.00 39.31  ? 655 HOH A O   1 
HETATM 908 O O   . HOH F 4 .   ? -9.188  -16.243 -2.037  1.00 47.77  ? 656 HOH A O   1 
HETATM 909 O O   . HOH F 4 .   ? -10.040 -18.180 -0.954  1.00 35.71  ? 657 HOH A O   1 
HETATM 910 O O   . HOH F 4 .   ? -7.990  -18.500 0.831   1.00 34.11  ? 658 HOH A O   1 
HETATM 911 O O   . HOH F 4 .   ? -12.643 -12.214 10.836  1.00 71.22  ? 659 HOH A O   1 
HETATM 912 O O   . HOH F 4 .   ? -2.284  2.363   -9.710  1.00 47.95  ? 660 HOH A O   1 
HETATM 913 O O   . HOH F 4 .   ? -4.893  4.757   -9.434  1.00 60.73  ? 661 HOH A O   1 
HETATM 914 O O   . HOH F 4 .   ? -4.813  -13.440 10.743  1.00 41.46  ? 662 HOH A O   1 
HETATM 915 O O   . HOH F 4 .   ? 2.789   -12.386 -8.142  1.00 63.16  ? 663 HOH A O   1 
HETATM 916 O O   . HOH F 4 .   ? -13.604 -15.889 7.961   1.00 52.28  ? 664 HOH A O   1 
HETATM 917 O O   . HOH F 4 .   ? 5.253   -4.360  3.960   1.00 43.02  ? 665 HOH A O   1 
HETATM 918 O O   . HOH F 4 .   ? 3.439   -6.224  4.496   1.00 53.90  ? 666 HOH A O   1 
HETATM 919 O O   . HOH F 4 .   ? 1.582   -6.941  5.890   1.00 51.72  ? 667 HOH A O   1 
HETATM 920 O O   . HOH F 4 .   ? -6.144  -8.635  10.714  1.00 50.11  ? 668 HOH A O   1 
HETATM 921 O O   . HOH F 4 .   ? 9.460   12.319  -7.537  1.00 51.43  ? 669 HOH A O   1 
HETATM 922 O O   . HOH F 4 .   ? 11.583  8.987   -2.894  1.00 42.12  ? 670 HOH A O   1 
HETATM 923 O O   . HOH F 4 .   ? 12.340  8.918   -5.365  1.00 37.91  ? 671 HOH A O   1 
HETATM 924 O O   . HOH F 4 .   ? 7.819   -24.107 -0.062  1.00 71.08  ? 672 HOH A O   1 
HETATM 925 O O   . HOH F 4 .   ? 1.627   8.749   -10.281 1.00 43.08  ? 673 HOH A O   1 
HETATM 926 O O   . HOH F 4 .   ? 4.741   19.438  -3.857  1.00 58.47  ? 674 HOH A O   1 
HETATM 927 O O   . HOH F 4 .   ? -9.970  0.169   14.221  1.00 53.65  ? 675 HOH A O   1 
HETATM 928 O O   . HOH F 4 .   ? -11.450 -5.368  14.410  1.00 57.89  ? 676 HOH A O   1 
HETATM 929 O O   . HOH F 4 .   ? 14.498  3.379   -0.088  1.00 47.24  ? 677 HOH A O   1 
HETATM 930 O O   . HOH F 4 .   ? -14.851 -14.437 6.455   1.00 65.50  ? 678 HOH A O   1 
HETATM 931 O O   . HOH F 4 .   ? -15.812 -12.941 4.339   1.00 65.20  ? 679 HOH A O   1 
HETATM 932 O O   . HOH F 4 .   ? 16.236  5.634   -3.656  1.00 52.18  ? 680 HOH A O   1 
HETATM 933 O O   . HOH F 4 .   ? 0.083   -12.891 9.405   1.00 57.95  ? 681 HOH A O   1 
HETATM 934 O O   . HOH F 4 .   ? 8.005   0.100   -12.444 1.00 47.09  ? 682 HOH A O   1 
HETATM 935 O O   . HOH F 4 .   ? 1.279   -22.071 7.907   1.00 52.72  ? 683 HOH A O   1 
HETATM 936 O O   . HOH F 4 .   ? 2.975   -13.574 7.942   1.00 52.26  ? 684 HOH A O   1 
HETATM 937 O O   . HOH F 4 .   ? -10.336 12.619  -9.024  1.00 52.88  ? 685 HOH A O   1 
HETATM 938 O O   . HOH F 4 .   ? -11.275 -12.187 -2.709  1.00 53.39  ? 686 HOH A O   1 
HETATM 939 O O   . HOH F 4 .   ? 15.273  5.559   4.054   1.00 50.12  ? 687 HOH A O   1 
HETATM 940 O O   . HOH F 4 .   ? 6.741   15.266  -8.899  1.00 53.28  ? 688 HOH A O   1 
HETATM 941 O O   . HOH F 4 .   ? 7.278   19.150  -4.414  1.00 61.17  ? 689 HOH A O   1 
HETATM 942 O O   . HOH F 4 .   ? -9.436  -2.300  15.002  1.00 55.05  ? 690 HOH A O   1 
HETATM 943 O O   . HOH F 4 .   ? 8.511   19.853  1.728   1.00 56.31  ? 691 HOH A O   1 
HETATM 944 O O   . HOH F 4 .   ? 5.792   19.234  2.528   1.00 57.70  ? 692 HOH A O   1 
HETATM 945 O O   . HOH F 4 .   ? -6.988  -2.675  14.737  1.00 68.40  ? 693 HOH A O   1 
HETATM 946 O O   . HOH F 4 .   ? 1.311   -5.351  11.458  1.00 59.59  ? 694 HOH A O   1 
HETATM 947 O O   . HOH F 4 .   ? 3.055   1.825   12.463  1.00 57.18  ? 695 HOH A O   1 
HETATM 948 O O   . HOH F 4 .   ? 12.110  5.476   -8.875  1.00 54.17  ? 696 HOH A O   1 
HETATM 949 O O   . HOH F 4 .   ? -0.448  7.173   -10.473 1.00 53.62  ? 697 HOH A O   1 
HETATM 950 O O   . HOH F 4 .   ? -3.089  7.190   -11.016 1.00 50.09  ? 698 HOH A O   1 
HETATM 951 O O   . HOH F 4 .   ? -5.022  -0.972  -10.841 1.00 64.05  ? 699 HOH A O   1 
HETATM 952 O O   . HOH F 4 .   ? -6.580  1.421   -9.635  1.00 61.61  ? 700 HOH A O   1 
HETATM 953 O O   . HOH F 4 .   ? -7.323  -9.831  -5.389  1.00 62.34  ? 701 HOH A O   1 
HETATM 954 O O   . HOH F 4 .   ? 7.520   -24.083 6.680   1.00 71.19  ? 702 HOH A O   1 
HETATM 955 O O   . HOH F 4 .   ? 2.690   -24.260 8.122   1.00 47.32  ? 703 HOH A O   1 
HETATM 956 O O   . HOH F 4 .   ? -2.894  -10.778 12.309  1.00 70.44  ? 704 HOH A O   1 
HETATM 957 O O   . HOH F 4 .   ? -13.508 0.215   -2.560  1.00 64.93  ? 705 HOH A O   1 
HETATM 958 O O   . HOH F 4 .   ? 3.279   10.000  14.021  1.00 66.02  ? 706 HOH A O   1 
HETATM 959 O O   . HOH F 4 .   ? -1.219  -8.005  10.972  1.00 74.39  ? 707 HOH A O   1 
HETATM 960 O O   . HOH F 4 .   ? 0.945   -4.220  6.860   1.00 57.03  ? 708 HOH A O   1 
HETATM 961 O O   . HOH F 4 .   ? 9.152   -10.110 -1.185  1.00 56.14  ? 709 HOH A O   1 
HETATM 962 O O   . HOH F 4 .   ? 13.872  -18.494 -0.882  1.00 63.18  ? 710 HOH A O   1 
HETATM 963 O O   . HOH F 4 .   ? 6.948   -13.490 -11.597 1.00 59.85  ? 711 HOH A O   1 
HETATM 964 O O   . HOH F 4 .   ? 1.744   -17.493 9.272   1.00 58.00  ? 712 HOH A O   1 
HETATM 965 O O   . HOH F 4 .   ? 5.217   -20.378 8.295   1.00 62.17  ? 713 HOH A O   1 
HETATM 966 O O   . HOH F 4 .   ? 6.320   -5.081  6.689   1.00 63.27  ? 714 HOH A O   1 
HETATM 967 O O   . HOH F 4 .   ? 12.120  7.760   8.933   1.00 70.23  ? 715 HOH A O   1 
HETATM 968 O O   . HOH F 4 .   ? -4.887  -11.427 -7.413  1.00 65.60  ? 716 HOH A O   1 
HETATM 969 O O   . HOH F 4 .   ? 12.366  1.554   5.801   1.00 57.61  ? 717 HOH A O   1 
HETATM 970 O O   . HOH F 4 .   ? 6.142   13.951  10.515  1.00 64.73  ? 718 HOH A O   1 
HETATM 971 O O   . HOH F 4 .   ? 9.131   -4.503  -5.713  1.00 72.41  ? 719 HOH A O   1 
HETATM 972 O O   . HOH F 4 .   ? 10.632  -8.850  -4.606  1.00 57.01  ? 720 HOH A O   1 
HETATM 973 O O   . HOH F 4 .   ? -15.541 -13.646 -2.190  1.00 55.43  ? 721 HOH A O   1 
HETATM 974 O O   . HOH F 4 .   ? -0.898  16.240  -14.701 1.00 69.54  ? 722 HOH A O   1 
HETATM 975 O O   . HOH F 4 .   ? -2.753  -7.933  -9.195  1.00 65.93  ? 723 HOH A O   1 
HETATM 976 O O   . HOH F 4 .   ? -16.284 -12.342 -0.378  1.00 79.79  ? 724 HOH A O   1 
HETATM 977 O O   . HOH F 4 .   ? 5.696   -8.315  4.240   1.00 49.83  ? 725 HOH A O   1 
HETATM 978 O O   . HOH F 4 .   ? 13.295  -0.193  1.781   1.00 65.45  ? 726 HOH A O   1 
# 
loop_
_atom_site_anisotrop.id 
_atom_site_anisotrop.type_symbol 
_atom_site_anisotrop.pdbx_label_atom_id 
_atom_site_anisotrop.pdbx_label_alt_id 
_atom_site_anisotrop.pdbx_label_comp_id 
_atom_site_anisotrop.pdbx_label_asym_id 
_atom_site_anisotrop.pdbx_label_seq_id 
_atom_site_anisotrop.pdbx_PDB_ins_code 
_atom_site_anisotrop.U[1][1] 
_atom_site_anisotrop.U[2][2] 
_atom_site_anisotrop.U[3][3] 
_atom_site_anisotrop.U[1][2] 
_atom_site_anisotrop.U[1][3] 
_atom_site_anisotrop.U[2][3] 
_atom_site_anisotrop.pdbx_auth_seq_id 
_atom_site_anisotrop.pdbx_auth_comp_id 
_atom_site_anisotrop.pdbx_auth_asym_id 
_atom_site_anisotrop.pdbx_auth_atom_id 
1   N N   . GLY A 1   ? 1.5852 1.0372 1.1272 -0.1139 0.3837  -0.0380 -1  GLY A N   
2   C CA  . GLY A 1   ? 1.5362 1.0335 1.0980 -0.0987 0.3432  -0.0229 -1  GLY A CA  
3   C C   . GLY A 1   ? 1.6140 1.0808 1.1255 -0.0877 0.3286  -0.0042 -1  GLY A C   
4   O O   . GLY A 1   ? 1.6207 1.0805 1.1339 -0.0865 0.3398  -0.0045 -1  GLY A O   
5   N N   . SER A 2   ? 1.5747 1.0229 1.0424 -0.0794 0.3030  0.0118  1   SER A N   
6   C CA  . SER A 2   ? 1.5904 1.0086 1.0095 -0.0671 0.2836  0.0306  1   SER A CA  
7   C C   . SER A 2   ? 1.5273 0.9951 0.9910 -0.0548 0.2607  0.0384  1   SER A C   
8   O O   . SER A 2   ? 1.5468 0.9939 0.9896 -0.0480 0.2611  0.0467  1   SER A O   
9   C CB  . SER A 2   ? 1.6698 1.0635 1.0415 -0.0615 0.2582  0.0431  1   SER A CB  
10  O OG  . SER A 2   ? 1.7320 1.1805 1.1489 -0.0577 0.2321  0.0440  1   SER A OG  
11  N N   . ALA A 3   ? 1.3701 0.8998 0.8928 -0.0520 0.2425  0.0356  2   ALA A N   
12  C CA  . ALA A 3   ? 1.2932 0.8708 0.8598 -0.0414 0.2220  0.0419  2   ALA A CA  
13  C C   . ALA A 3   ? 1.2718 0.8660 0.8733 -0.0456 0.2429  0.0310  2   ALA A C   
14  O O   . ALA A 3   ? 1.2334 0.8512 0.8736 -0.0551 0.2584  0.0148  2   ALA A O   
15  C CB  . ALA A 3   ? 1.2447 0.8754 0.8566 -0.0384 0.1996  0.0413  2   ALA A CB  
16  N N   . HIS A 4   ? 1.2149 0.7961 0.8038 -0.0383 0.2424  0.0395  3   HIS A N   
17  C CA  . HIS A 4   ? 1.1808 0.7752 0.7984 -0.0410 0.2596  0.0311  3   HIS A CA  
18  C C   . HIS A 4   ? 1.1245 0.7295 0.7455 -0.0276 0.2419  0.0453  3   HIS A C   
19  O O   . HIS A 4   ? 1.1484 0.7212 0.7281 -0.0185 0.2307  0.0602  3   HIS A O   
20  C CB  . HIS A 4   ? 1.2586 0.8036 0.8448 -0.0519 0.2954  0.0215  3   HIS A CB  
21  C CG  . HIS A 4   ? 1.3023 0.8613 0.9202 -0.0557 0.3134  0.0113  3   HIS A CG  
22  N ND1 . HIS A 4   ? 1.2949 0.8917 0.9673 -0.0653 0.3246  -0.0079 3   HIS A ND1 
23  C CD2 . HIS A 4   ? 1.3528 0.8943 0.9564 -0.0505 0.3190  0.0178  3   HIS A CD2 
24  C CE1 . HIS A 4   ? 1.2875 0.8875 0.9752 -0.0665 0.3368  -0.0130 3   HIS A CE1 
25  N NE2 . HIS A 4   ? 1.3250 0.8922 0.9724 -0.0581 0.3352  0.0022  3   HIS A NE2 
26  N N   . GLY A 5   ? 0.9616 0.6095 0.6311 -0.0264 0.2394  0.0398  4   GLY A N   
27  C CA  . GLY A 5   ? 0.9151 0.5766 0.5954 -0.0152 0.2267  0.0507  4   GLY A CA  
28  C C   . GLY A 5   ? 0.8396 0.5544 0.5737 -0.0139 0.2171  0.0450  4   GLY A C   
29  O O   . GLY A 5   ? 0.7957 0.5349 0.5591 -0.0223 0.2227  0.0306  4   GLY A O   
30  N N   . PRO A 6   ? 0.7489 0.4810 0.4969 -0.0031 0.2026  0.0555  5   PRO A N   
31  C CA  . PRO A 6   ? 0.6791 0.4559 0.4719 -0.0021 0.1950  0.0501  5   PRO A CA  
32  C C   . PRO A 6   ? 0.6471 0.4558 0.4616 -0.0013 0.1766  0.0493  5   PRO A C   
33  O O   . PRO A 6   ? 0.6429 0.4443 0.4414 0.0018  0.1638  0.0575  5   PRO A O   
34  C CB  . PRO A 6   ? 0.7062 0.4852 0.5016 0.0094  0.1860  0.0632  5   PRO A CB  
35  C CG  . PRO A 6   ? 0.8071 0.5435 0.5628 0.0141  0.1907  0.0735  5   PRO A CG  
36  C CD  . PRO A 6   ? 0.7830 0.4929 0.5068 0.0089  0.1931  0.0722  5   PRO A CD  
37  N N   . SER A 7   ? 0.5645 0.4065 0.4139 -0.0042 0.1749  0.0392  6   SER A N   
38  C CA  . SER A 7   ? 0.5251 0.3971 0.3964 -0.0032 0.1590  0.0377  6   SER A CA  
39  C C   . SER A 7   ? 0.5513 0.4510 0.4486 0.0021  0.1501  0.0385  6   SER A C   
40  O O   . SER A 7   ? 0.5410 0.4523 0.4556 -0.0020 0.1572  0.0269  6   SER A O   
41  C CB  . SER A 7   ? 0.5323 0.4107 0.4155 -0.0132 0.1675  0.0219  6   SER A CB  
42  O OG  . SER A 7   ? 0.5935 0.4432 0.4493 -0.0185 0.1764  0.0219  6   SER A OG  
43  N N   . ALA A 8   ? 0.4962 0.4038 0.3952 0.0113  0.1352  0.0519  7   ALA A N   
44  C CA  . ALA A 8   ? 0.4562 0.3843 0.3752 0.0171  0.1279  0.0551  7   ALA A CA  
45  C C   . ALA A 8   ? 0.4649 0.4076 0.3920 0.0229  0.1107  0.0642  7   ALA A C   
46  O O   . ALA A 8   ? 0.4457 0.3788 0.3628 0.0277  0.1028  0.0746  7   ALA A O   
47  C CB  . ALA A 8   ? 0.4764 0.3916 0.3902 0.0223  0.1348  0.0623  7   ALA A CB  
48  N N   . MET A 9   ? 0.4041 0.3684 0.3486 0.0226  0.1045  0.0595  8   MET A N   
49  C CA  . MET A 9   ? 0.3960 0.3737 0.3490 0.0265  0.0907  0.0657  8   MET A CA  
50  C C   . MET A 9   ? 0.4155 0.4086 0.3844 0.0305  0.0873  0.0666  8   MET A C   
51  O O   . MET A 9   ? 0.4174 0.4135 0.3895 0.0289  0.0932  0.0591  8   MET A O   
52  C CB  . MET A 9   ? 0.4228 0.4066 0.3756 0.0208  0.0870  0.0580  8   MET A CB  
53  C CG  . MET A 9   ? 0.4985 0.4629 0.4316 0.0155  0.0918  0.0564  8   MET A CG  
54  S SD  . MET A 9   ? 0.5690 0.5196 0.4852 0.0207  0.0796  0.0707  8   MET A SD  
55  C CE  . MET A 9   ? 0.5052 0.4783 0.4380 0.0216  0.0652  0.0717  8   MET A CE  
56  N N   . VAL A 10  ? 0.3644 0.3661 0.3422 0.0349  0.0778  0.0743  9   VAL A N   
57  C CA  . VAL A 10  ? 0.3616 0.3746 0.3518 0.0381  0.0757  0.0753  9   VAL A CA  
58  C C   . VAL A 10  ? 0.4029 0.4261 0.3980 0.0373  0.0654  0.0756  9   VAL A C   
59  O O   . VAL A 10  ? 0.3905 0.4129 0.3853 0.0375  0.0582  0.0806  9   VAL A O   
60  C CB  . VAL A 10  ? 0.4146 0.4259 0.4153 0.0441  0.0791  0.0838  9   VAL A CB  
61  C CG1 . VAL A 10  ? 0.4266 0.4372 0.4350 0.0481  0.0713  0.0932  9   VAL A CG1 
62  C CG2 . VAL A 10  ? 0.4061 0.4240 0.4154 0.0462  0.0801  0.0839  9   VAL A CG2 
63  N N   . PHE A 11  ? 0.3530 0.3833 0.3499 0.0367  0.0641  0.0698  10  PHE A N   
64  C CA  . PHE A 11  ? 0.3368 0.3754 0.3380 0.0364  0.0561  0.0697  10  PHE A CA  
65  C C   . PHE A 11  ? 0.3730 0.4138 0.3805 0.0406  0.0568  0.0735  10  PHE A C   
66  O O   . PHE A 11  ? 0.3680 0.4036 0.3704 0.0423  0.0624  0.0712  10  PHE A O   
67  C CB  . PHE A 11  ? 0.3530 0.3951 0.3505 0.0327  0.0539  0.0593  10  PHE A CB  
68  C CG  . PHE A 11  ? 0.3747 0.4115 0.3667 0.0274  0.0577  0.0538  10  PHE A CG  
69  C CD1 . PHE A 11  ? 0.3873 0.4199 0.3740 0.0244  0.0552  0.0565  10  PHE A CD1 
70  C CD2 . PHE A 11  ? 0.3984 0.4315 0.3887 0.0248  0.0649  0.0453  10  PHE A CD2 
71  C CE1 . PHE A 11  ? 0.4097 0.4312 0.3863 0.0189  0.0617  0.0515  10  PHE A CE1 
72  C CE2 . PHE A 11  ? 0.4212 0.4462 0.4065 0.0191  0.0719  0.0396  10  PHE A CE2 
73  C CZ  . PHE A 11  ? 0.4093 0.4273 0.3865 0.0161  0.0712  0.0429  10  PHE A CZ  
74  N N   . THR A 12  ? 0.3262 0.3722 0.3432 0.0416  0.0523  0.0789  11  THR A N   
75  C CA  . THR A 12  ? 0.3376 0.3828 0.3604 0.0446  0.0561  0.0818  11  THR A CA  
76  C C   . THR A 12  ? 0.3921 0.4424 0.4170 0.0435  0.0502  0.0810  11  THR A C   
77  O O   . THR A 12  ? 0.3764 0.4324 0.4026 0.0405  0.0427  0.0800  11  THR A O   
78  C CB  . THR A 12  ? 0.4072 0.4519 0.4466 0.0475  0.0617  0.0892  11  THR A CB  
79  O OG1 . THR A 12  ? 0.3558 0.4092 0.4124 0.0470  0.0546  0.0931  11  THR A OG1 
80  C CG2 . THR A 12  ? 0.3438 0.3838 0.3840 0.0490  0.0663  0.0913  11  THR A CG2 
81  N N   . VAL A 13  ? 0.3608 0.4053 0.3827 0.0458  0.0550  0.0815  12  VAL A N   
82  C CA  . VAL A 13  ? 0.3515 0.3972 0.3749 0.0454  0.0524  0.0816  12  VAL A CA  
83  C C   . VAL A 13  ? 0.3944 0.4355 0.4300 0.0467  0.0619  0.0867  12  VAL A C   
84  O O   . VAL A 13  ? 0.3799 0.4084 0.4080 0.0492  0.0724  0.0876  12  VAL A O   
85  C CB  . VAL A 13  ? 0.3972 0.4357 0.4019 0.0472  0.0494  0.0760  12  VAL A CB  
86  C CG1 . VAL A 13  ? 0.3977 0.4346 0.4027 0.0473  0.0483  0.0769  12  VAL A CG1 
87  C CG2 . VAL A 13  ? 0.3814 0.4263 0.3819 0.0453  0.0417  0.0691  12  VAL A CG2 
88  N N   . ILE A 14  ? 0.3373 0.3877 0.3926 0.0445  0.0590  0.0892  13  ILE A N   
89  C CA  . ILE A 14  ? 0.3454 0.3956 0.4222 0.0445  0.0677  0.0925  13  ILE A CA  
90  C C   . ILE A 14  ? 0.3947 0.4410 0.4727 0.0427  0.0714  0.0915  13  ILE A C   
91  O O   . ILE A 14  ? 0.3679 0.4206 0.4435 0.0403  0.0620  0.0896  13  ILE A O   
92  C CB  . ILE A 14  ? 0.3758 0.4407 0.4801 0.0436  0.0596  0.0952  13  ILE A CB  
93  C CG1 . ILE A 14  ? 0.3828 0.4474 0.4836 0.0461  0.0578  0.0969  13  ILE A CG1 
94  C CG2 . ILE A 14  ? 0.3898 0.4586 0.5264 0.0435  0.0674  0.0968  13  ILE A CG2 
95  C CD1 . ILE A 14  ? 0.4646 0.5397 0.5839 0.0465  0.0451  0.0999  13  ILE A CD1 
96  N N   . GLN A 15  ? 0.3919 0.4249 0.4721 0.0437  0.0870  0.0925  14  GLN A N   
97  C CA  . GLN A 15  ? 0.4028 0.4283 0.4849 0.0417  0.0945  0.0917  14  GLN A CA  
98  C C   . GLN A 15  ? 0.4740 0.5167 0.5964 0.0377  0.0931  0.0916  14  GLN A C   
99  O O   . GLN A 15  ? 0.4753 0.5200 0.6239 0.0377  0.1027  0.0925  14  GLN A O   
100 C CB  . GLN A 15  ? 0.4496 0.4484 0.5136 0.0438  0.1141  0.0925  14  GLN A CB  
101 C CG  . GLN A 15  ? 0.6173 0.6010 0.6746 0.0422  0.1243  0.0917  14  GLN A CG  
102 C CD  . GLN A 15  ? 0.9015 0.8536 0.9388 0.0439  0.1464  0.0927  14  GLN A CD  
103 O OE1 . GLN A 15  ? 0.8715 0.7980 0.8671 0.0481  0.1484  0.0930  14  GLN A OE1 
104 N NE2 . GLN A 15  ? 0.8360 0.7876 0.9020 0.0411  0.1632  0.0928  14  GLN A NE2 
105 N N   . GLY A 16  ? 0.4099 0.4650 0.5384 0.0344  0.0800  0.0899  15  GLY A N   
106 C CA  . GLY A 16  ? 0.3959 0.4680 0.5606 0.0304  0.0733  0.0886  15  GLY A CA  
107 C C   . GLY A 16  ? 0.4383 0.5247 0.6025 0.0289  0.0521  0.0883  15  GLY A C   
108 O O   . GLY A 16  ? 0.3896 0.4725 0.5259 0.0298  0.0451  0.0884  15  GLY A O   
109 N N   . SER A 17  ? 0.4373 0.5381 0.6324 0.0266  0.0420  0.0873  16  SER A N   
110 C CA  . SER A 17  ? 0.4479 0.5572 0.6392 0.0248  0.0211  0.0870  16  SER A CA  
111 C C   . SER A 17  ? 0.5067 0.6187 0.6986 0.0294  0.0112  0.0906  16  SER A C   
112 O O   . SER A 17  ? 0.5059 0.6197 0.6896 0.0285  -0.0056 0.0909  16  SER A O   
113 C CB  . SER A 17  ? 0.5162 0.6367 0.7370 0.0201  0.0120  0.0832  16  SER A CB  
114 O OG  . SER A 17  ? 0.6728 0.7886 0.8877 0.0152  0.0201  0.0796  16  SER A OG  
115 N N   . GLY A 18  ? 0.4806 0.5895 0.6782 0.0340  0.0225  0.0933  17  GLY A N   
116 C CA  . GLY A 18  ? 0.4967 0.6060 0.6947 0.0388  0.0158  0.0970  17  GLY A CA  
117 C C   . GLY A 18  ? 0.5772 0.6969 0.8167 0.0424  0.0119  0.0982  17  GLY A C   
118 O O   . GLY A 18  ? 0.5868 0.7080 0.8294 0.0466  -0.0013 0.1012  17  GLY A O   
119 N N   . GLU A 19  ? 0.5413 0.6664 0.8137 0.0410  0.0242  0.0955  18  GLU A N   
120 C CA  . GLU A 19  ? 0.5499 0.6865 0.8711 0.0442  0.0240  0.0948  18  GLU A CA  
121 C C   . GLU A 19  ? 0.6185 0.7476 0.9393 0.0499  0.0374  0.0987  18  GLU A C   
122 O O   . GLU A 19  ? 0.6091 0.7240 0.9018 0.0490  0.0547  0.0996  18  GLU A O   
123 C CB  . GLU A 19  ? 0.5651 0.7076 0.9225 0.0396  0.0378  0.0891  18  GLU A CB  
124 C CG  . GLU A 19  ? 0.6789 0.8290 1.0407 0.0333  0.0259  0.0843  18  GLU A CG  
125 C CD  . GLU A 19  ? 0.9906 1.1563 1.3780 0.0342  -0.0016 0.0823  18  GLU A CD  
126 O OE1 . GLU A 19  ? 0.9839 1.1642 1.4233 0.0338  -0.0038 0.0773  18  GLU A OE1 
127 O OE2 . GLU A 19  ? 0.9281 1.0899 1.2831 0.0352  -0.0210 0.0852  18  GLU A OE2 
128 N N   . PRO A 20  ? 0.5909 0.7274 0.9410 0.0561  0.0294  0.1010  19  PRO A N   
129 C CA  . PRO A 20  ? 0.5935 0.7209 0.9417 0.0613  0.0439  0.1046  19  PRO A CA  
130 C C   . PRO A 20  ? 0.6340 0.7508 0.9867 0.0589  0.0737  0.1026  19  PRO A C   
131 O O   . PRO A 20  ? 0.6381 0.7411 0.9706 0.0611  0.0877  0.1051  19  PRO A O   
132 C CB  . PRO A 20  ? 0.6230 0.7630 1.0172 0.0682  0.0315  0.1057  19  PRO A CB  
133 C CG  . PRO A 20  ? 0.6750 0.8319 1.1022 0.0659  0.0133  0.1009  19  PRO A CG  
134 C CD  . PRO A 20  ? 0.6145 0.7661 0.9990 0.0593  0.0055  0.1000  19  PRO A CD  
135 N N   . THR A 21  ? 0.5877 0.7078 0.9627 0.0538  0.0840  0.0976  20  THR A N   
136 C CA  . THR A 21  ? 0.5991 0.7047 0.9770 0.0503  0.1135  0.0948  20  THR A CA  
137 C C   . THR A 21  ? 0.6409 0.7247 0.9612 0.0475  0.1235  0.0960  20  THR A C   
138 O O   . THR A 21  ? 0.6546 0.7176 0.9578 0.0473  0.1461  0.0961  20  THR A O   
139 C CB  . THR A 21  ? 0.7499 0.8660 1.1697 0.0451  0.1181  0.0883  20  THR A CB  
140 O OG1 . THR A 21  ? 0.7813 0.9220 1.2495 0.0476  0.0968  0.0862  20  THR A OG1 
141 C CG2 . THR A 21  ? 0.7746 0.8761 1.2145 0.0422  0.1513  0.0846  20  THR A CG2 
142 N N   . ASP A 22  ? 0.5553 0.6423 0.8467 0.0454  0.1066  0.0961  21  ASP A N   
143 C CA  . ASP A 22  ? 0.5287 0.5991 0.7718 0.0434  0.1108  0.0962  21  ASP A CA  
144 C C   . ASP A 22  ? 0.5406 0.5920 0.7472 0.0464  0.1209  0.0984  21  ASP A C   
145 O O   . ASP A 22  ? 0.5346 0.5891 0.7404 0.0498  0.1160  0.1008  21  ASP A O   
146 C CB  . ASP A 22  ? 0.5293 0.6095 0.7533 0.0419  0.0882  0.0961  21  ASP A CB  
147 C CG  . ASP A 22  ? 0.6297 0.7221 0.8748 0.0374  0.0795  0.0928  21  ASP A CG  
148 O OD1 . ASP A 22  ? 0.6658 0.7560 0.9339 0.0344  0.0935  0.0897  21  ASP A OD1 
149 O OD2 . ASP A 22  ? 0.6774 0.7786 0.9134 0.0360  0.0603  0.0926  21  ASP A OD2 
150 N N   . THR A 23  ? 0.4738 0.5035 0.6481 0.0452  0.1342  0.0973  22  THR A N   
151 C CA  . THR A 23  ? 0.4732 0.4810 0.6076 0.0477  0.1425  0.0980  22  THR A CA  
152 C C   . THR A 23  ? 0.4798 0.4936 0.5859 0.0491  0.1235  0.0978  22  THR A C   
153 O O   . THR A 23  ? 0.4587 0.4785 0.5544 0.0477  0.1112  0.0963  22  THR A O   
154 C CB  . THR A 23  ? 0.6116 0.5916 0.7181 0.0466  0.1595  0.0966  22  THR A CB  
155 O OG1 . THR A 23  ? 0.6674 0.6393 0.8018 0.0444  0.1815  0.0959  22  THR A OG1 
156 C CG2 . THR A 23  ? 0.6139 0.5678 0.6725 0.0494  0.1643  0.0966  22  THR A CG2 
157 N N   . VAL A 24  ? 0.4172 0.4273 0.5112 0.0515  0.1233  0.0985  23  VAL A N   
158 C CA  . VAL A 24  ? 0.4166 0.4301 0.4863 0.0521  0.1091  0.0967  23  VAL A CA  
159 C C   . VAL A 24  ? 0.4733 0.4651 0.5049 0.0532  0.1140  0.0937  23  VAL A C   
160 O O   . VAL A 24  ? 0.4815 0.4540 0.4988 0.0545  0.1276  0.0937  23  VAL A O   
161 C CB  . VAL A 24  ? 0.4655 0.4844 0.5419 0.0537  0.1070  0.0981  23  VAL A CB  
162 C CG1 . VAL A 24  ? 0.4561 0.4765 0.5084 0.0531  0.0957  0.0948  23  VAL A CG1 
163 C CG2 . VAL A 24  ? 0.4528 0.4896 0.5651 0.0544  0.1000  0.1017  23  VAL A CG2 
164 N N   . LEU A 25  ? 0.4190 0.4120 0.4335 0.0530  0.1027  0.0909  24  LEU A N   
165 C CA  . LEU A 25  ? 0.4452 0.4175 0.4238 0.0555  0.1028  0.0877  24  LEU A CA  
166 C C   . LEU A 25  ? 0.5063 0.4751 0.4660 0.0569  0.0967  0.0835  24  LEU A C   
167 O O   . LEU A 25  ? 0.5351 0.4814 0.4675 0.0592  0.1023  0.0817  24  LEU A O   
168 C CB  . LEU A 25  ? 0.4367 0.4133 0.4084 0.0557  0.0912  0.0857  24  LEU A CB  
169 C CG  . LEU A 25  ? 0.4901 0.4678 0.4773 0.0537  0.0972  0.0886  24  LEU A CG  
170 C CD1 . LEU A 25  ? 0.4810 0.4650 0.4626 0.0537  0.0848  0.0862  24  LEU A CD1 
171 C CD2 . LEU A 25  ? 0.5603 0.5098 0.5318 0.0549  0.1158  0.0905  24  LEU A CD2 
172 N N   . ARG A 26  ? 0.4291 0.4176 0.4014 0.0552  0.0856  0.0812  25  ARG A N   
173 C CA  . ARG A 26  ? 0.4246 0.4117 0.3832 0.0553  0.0804  0.0755  25  ARG A CA  
174 C C   . ARG A 26  ? 0.4192 0.4244 0.3966 0.0524  0.0756  0.0751  25  ARG A C   
175 O O   . ARG A 26  ? 0.3784 0.3971 0.3737 0.0507  0.0716  0.0784  25  ARG A O   
176 C CB  . ARG A 26  ? 0.4370 0.4194 0.3755 0.0575  0.0681  0.0685  25  ARG A CB  
177 C CG  . ARG A 26  ? 0.4661 0.4646 0.4166 0.0564  0.0569  0.0668  25  ARG A CG  
178 C CD  . ARG A 26  ? 0.5765 0.5674 0.5091 0.0603  0.0460  0.0607  25  ARG A CD  
179 N NE  . ARG A 26  ? 0.5131 0.5189 0.4591 0.0591  0.0372  0.0587  25  ARG A NE  
180 C CZ  . ARG A 26  ? 0.5497 0.5544 0.4983 0.0595  0.0384  0.0630  25  ARG A CZ  
181 N NH1 . ARG A 26  ? 0.4612 0.4509 0.4011 0.0610  0.0486  0.0693  25  ARG A NH1 
182 N NH2 . ARG A 26  ? 0.4437 0.4609 0.4037 0.0578  0.0313  0.0606  25  ARG A NH2 
183 N N   . ALA A 27  ? 0.3919 0.3946 0.3624 0.0516  0.0766  0.0709  26  ALA A N   
184 C CA  . ALA A 27  ? 0.3895 0.4033 0.3721 0.0487  0.0748  0.0702  26  ALA A CA  
185 C C   . ALA A 27  ? 0.4547 0.4659 0.4270 0.0468  0.0735  0.0614  26  ALA A C   
186 O O   . ALA A 27  ? 0.4673 0.4663 0.4239 0.0481  0.0758  0.0573  26  ALA A O   
187 C CB  . ALA A 27  ? 0.3922 0.4046 0.3881 0.0497  0.0843  0.0777  26  ALA A CB  
188 N N   . THR A 28  ? 0.3822 0.4022 0.3621 0.0431  0.0707  0.0581  27  THR A N   
189 C CA  . THR A 28  ? 0.3937 0.4119 0.3692 0.0399  0.0722  0.0487  27  THR A CA  
190 C C   . THR A 28  ? 0.4174 0.4353 0.3985 0.0369  0.0789  0.0510  27  THR A C   
191 O O   . THR A 28  ? 0.3928 0.4138 0.3798 0.0370  0.0772  0.0579  27  THR A O   
192 C CB  . THR A 28  ? 0.5058 0.5318 0.4833 0.0376  0.0627  0.0375  27  THR A CB  
193 O OG1 . THR A 28  ? 0.4665 0.5014 0.4532 0.0355  0.0592  0.0394  27  THR A OG1 
194 C CG2 . THR A 28  ? 0.5198 0.5422 0.4875 0.0418  0.0542  0.0332  27  THR A CG2 
195 N N   . THR A 29  ? 0.3819 0.3935 0.3586 0.0343  0.0857  0.0447  28  THR A N   
196 C CA  . THR A 29  ? 0.3728 0.3793 0.3501 0.0310  0.0936  0.0450  28  THR A CA  
197 C C   . THR A 29  ? 0.4031 0.4133 0.3829 0.0248  0.0930  0.0324  28  THR A C   
198 O O   . THR A 29  ? 0.3806 0.3971 0.3639 0.0236  0.0872  0.0220  28  THR A O   
199 C CB  . THR A 29  ? 0.4335 0.4282 0.4055 0.0315  0.1049  0.0461  28  THR A CB  
200 O OG1 . THR A 29  ? 0.4522 0.4450 0.4191 0.0288  0.1055  0.0343  28  THR A OG1 
201 C CG2 . THR A 29  ? 0.4037 0.3937 0.3779 0.0376  0.1088  0.0580  28  THR A CG2 
202 N N   . LEU A 30  ? 0.3616 0.3657 0.3397 0.0211  0.0993  0.0328  29  LEU A N   
203 C CA  . LEU A 30  ? 0.3633 0.3675 0.3453 0.0139  0.1036  0.0203  29  LEU A CA  
204 C C   . LEU A 30  ? 0.4415 0.4289 0.4137 0.0100  0.1171  0.0215  29  LEU A C   
205 O O   . LEU A 30  ? 0.4322 0.4092 0.3933 0.0129  0.1176  0.0333  29  LEU A O   
206 C CB  . LEU A 30  ? 0.3543 0.3671 0.3419 0.0125  0.0959  0.0185  29  LEU A CB  
207 C CG  . LEU A 30  ? 0.3997 0.4137 0.3967 0.0047  0.1019  0.0038  29  LEU A CG  
208 C CD1 . LEU A 30  ? 0.3895 0.4155 0.4030 0.0036  0.0976  -0.0108 29  LEU A CD1 
209 C CD2 . LEU A 30  ? 0.4192 0.4363 0.4178 0.0030  0.0977  0.0043  29  LEU A CD2 
210 N N   . SER A 31  ? 0.4049 0.3882 0.3811 0.0038  0.1274  0.0088  30  SER A N   
211 C CA  . SER A 31  ? 0.4416 0.4054 0.4069 -0.0012 0.1433  0.0074  30  SER A CA  
212 C C   . SER A 31  ? 0.4782 0.4431 0.4543 -0.0104 0.1511  -0.0087 30  SER A C   
213 O O   . SER A 31  ? 0.4571 0.4384 0.4536 -0.0127 0.1461  -0.0219 30  SER A O   
214 C CB  . SER A 31  ? 0.4837 0.4384 0.4452 -0.0009 0.1529  0.0068  30  SER A CB  
215 O OG  . SER A 31  ? 0.6685 0.6023 0.6192 -0.0065 0.1701  0.0038  30  SER A OG  
216 N N   . CYS A 32  ? 0.4793 0.4258 0.4423 -0.0151 0.1622  -0.0080 31  CYS A N   
217 C CA  . CYS A 32  ? 0.5024 0.4465 0.4766 -0.0250 0.1740  -0.0240 31  CYS A CA  
218 C C   . CYS A 32  ? 0.6034 0.5192 0.5619 -0.0318 0.1967  -0.0278 31  CYS A C   
219 O O   . CYS A 32  ? 0.6251 0.5150 0.5539 -0.0304 0.2026  -0.0161 31  CYS A O   
220 C CB  . CYS A 32  ? 0.5062 0.4513 0.4777 -0.0256 0.1686  -0.0218 31  CYS A CB  
221 S SG  . CYS A 32  ? 0.5227 0.4952 0.5059 -0.0167 0.1432  -0.0138 31  CYS A SG  
222 N N   . ALA A 33  ? 0.5859 0.5050 0.5637 -0.0392 0.2089  -0.0445 32  ALA A N   
223 C CA  . ALA A 33  ? 0.6126 0.5052 0.5806 -0.0476 0.2341  -0.0520 32  ALA A CA  
224 C C   . ALA A 33  ? 0.6568 0.5644 0.6618 -0.0576 0.2434  -0.0766 32  ALA A C   
225 O O   . ALA A 33  ? 0.6409 0.5685 0.6725 -0.0600 0.2362  -0.0873 32  ALA A O   
226 C CB  . ALA A 33  ? 0.6342 0.5119 0.5815 -0.0422 0.2374  -0.0405 32  ALA A CB  
227 N N   . TYR A 34  ? 0.6180 0.5172 0.6284 -0.0633 0.2584  -0.0865 33  TYR A N   
228 C CA  . TYR A 34  ? 0.6018 0.5172 0.6517 -0.0730 0.2651  -0.1114 33  TYR A CA  
229 C C   . TYR A 34  ? 0.6154 0.5668 0.6931 -0.0670 0.2377  -0.1169 33  TYR A C   
230 O O   . TYR A 34  ? 0.5933 0.5655 0.7077 -0.0713 0.2325  -0.1348 33  TYR A O   
231 C CB  . TYR A 34  ? 0.6308 0.5297 0.6781 -0.0796 0.2846  -0.1195 33  TYR A CB  
232 C CG  . TYR A 34  ? 0.6684 0.5307 0.6968 -0.0888 0.3160  -0.1220 33  TYR A CG  
233 C CD1 . TYR A 34  ? 0.6900 0.5503 0.7475 -0.1023 0.3370  -0.1451 33  TYR A CD1 
234 C CD2 . TYR A 34  ? 0.7037 0.5320 0.6851 -0.0835 0.3240  -0.1014 33  TYR A CD2 
235 C CE1 . TYR A 34  ? 0.7308 0.5522 0.7666 -0.1113 0.3688  -0.1475 33  TYR A CE1 
236 C CE2 . TYR A 34  ? 0.7531 0.5415 0.7092 -0.0912 0.3524  -0.1029 33  TYR A CE2 
237 C CZ  . TYR A 34  ? 0.8360 0.6193 0.8175 -0.1055 0.3763  -0.1258 33  TYR A CZ  
238 O OH  . TYR A 34  ? 0.8622 0.6010 0.8149 -0.1136 0.4073  -0.1273 33  TYR A OH  
239 N N   . THR A 35  ? 0.5484 0.5047 0.6075 -0.0565 0.2204  -0.1008 34  THR A N   
240 C CA  . THR A 35  ? 0.5276 0.5101 0.6009 -0.0492 0.1944  -0.1017 34  THR A CA  
241 C C   . THR A 35  ? 0.5544 0.5399 0.6110 -0.0401 0.1806  -0.0831 34  THR A C   
242 O O   . THR A 35  ? 0.5301 0.4973 0.5603 -0.0377 0.1879  -0.0673 34  THR A O   
243 C CB  . THR A 35  ? 0.6416 0.6244 0.7064 -0.0454 0.1877  -0.0997 34  THR A CB  
244 O OG1 . THR A 35  ? 0.6657 0.6285 0.6981 -0.0402 0.1951  -0.0800 34  THR A OG1 
245 C CG2 . THR A 35  ? 0.6612 0.6436 0.7455 -0.0549 0.1986  -0.1206 34  THR A CG2 
246 N N   . ALA A 36  ? 0.5124 0.5194 0.5844 -0.0350 0.1603  -0.0861 35  ALA A N   
247 C CA  . ALA A 36  ? 0.4917 0.5043 0.5514 -0.0263 0.1453  -0.0705 35  ALA A CA  
248 C C   . ALA A 36  ? 0.5218 0.5419 0.5748 -0.0185 0.1291  -0.0654 35  ALA A C   
249 O O   . ALA A 36  ? 0.5147 0.5473 0.5844 -0.0184 0.1179  -0.0789 35  ALA A O   
250 C CB  . ALA A 36  ? 0.4830 0.5109 0.5652 -0.0275 0.1376  -0.0792 35  ALA A CB  
251 N N   . GLU A 37  ? 0.4779 0.4875 0.5061 -0.0121 0.1288  -0.0472 36  GLU A N   
252 C CA  . GLU A 37  ? 0.4711 0.4826 0.4899 -0.0055 0.1177  -0.0425 36  GLU A CA  
253 C C   . GLU A 37  ? 0.5041 0.5113 0.5052 0.0027  0.1129  -0.0228 36  GLU A C   
254 O O   . GLU A 37  ? 0.4981 0.5008 0.4936 0.0035  0.1172  -0.0121 36  GLU A O   
255 C CB  . GLU A 37  ? 0.5059 0.5057 0.5182 -0.0089 0.1287  -0.0474 36  GLU A CB  
256 C CG  . GLU A 37  ? 0.6274 0.6089 0.6271 -0.0114 0.1480  -0.0388 36  GLU A CG  
257 C CD  . GLU A 37  ? 0.8687 0.8387 0.8643 -0.0157 0.1601  -0.0457 36  GLU A CD  
258 O OE1 . GLU A 37  ? 0.8191 0.7827 0.8013 -0.0108 0.1586  -0.0383 36  GLU A OE1 
259 O OE2 . GLU A 37  ? 0.7578 0.7238 0.7640 -0.0243 0.1726  -0.0592 36  GLU A OE2 
260 N N   . GLY A 38  ? 0.4790 0.4857 0.4711 0.0083  0.1044  -0.0194 37  GLY A N   
261 C CA  . GLY A 38  ? 0.4680 0.4705 0.4470 0.0156  0.1013  -0.0032 37  GLY A CA  
262 C C   . GLY A 38  ? 0.5283 0.5337 0.5014 0.0207  0.0873  -0.0049 37  GLY A C   
263 O O   . GLY A 38  ? 0.5260 0.5356 0.5031 0.0195  0.0781  -0.0183 37  GLY A O   
264 N N   . THR A 39  ? 0.4644 0.4664 0.4282 0.0267  0.0851  0.0083  38  THR A N   
265 C CA  . THR A 39  ? 0.4671 0.4665 0.4201 0.0319  0.0737  0.0083  38  THR A CA  
266 C C   . THR A 39  ? 0.4881 0.5011 0.4521 0.0331  0.0609  0.0049  38  THR A C   
267 O O   . THR A 39  ? 0.4923 0.5031 0.4478 0.0378  0.0492  0.0027  38  THR A O   
268 C CB  . THR A 39  ? 0.5487 0.5367 0.4894 0.0368  0.0801  0.0222  38  THR A CB  
269 O OG1 . THR A 39  ? 0.4862 0.4823 0.4393 0.0373  0.0835  0.0328  38  THR A OG1 
270 C CG2 . THR A 39  ? 0.5721 0.5445 0.5015 0.0361  0.0930  0.0239  38  THR A CG2 
271 N N   . HIS A 40  ? 0.4277 0.4519 0.4081 0.0290  0.0635  0.0040  39  HIS A N   
272 C CA  . HIS A 40  ? 0.4072 0.4435 0.3998 0.0293  0.0535  -0.0007 39  HIS A CA  
273 C C   . HIS A 40  ? 0.4516 0.4933 0.4520 0.0296  0.0416  -0.0166 39  HIS A C   
274 O O   . HIS A 40  ? 0.4611 0.5026 0.4678 0.0253  0.0450  -0.0274 39  HIS A O   
275 C CB  . HIS A 40  ? 0.4070 0.4493 0.4122 0.0235  0.0610  -0.0008 39  HIS A CB  
276 C CG  . HIS A 40  ? 0.4282 0.4797 0.4425 0.0242  0.0532  -0.0019 39  HIS A CG  
277 N ND1 . HIS A 40  ? 0.4407 0.5019 0.4707 0.0236  0.0450  -0.0154 39  HIS A ND1 
278 C CD2 . HIS A 40  ? 0.4362 0.4887 0.4476 0.0256  0.0520  0.0085  39  HIS A CD2 
279 C CE1 . HIS A 40  ? 0.4212 0.4876 0.4557 0.0249  0.0405  -0.0123 39  HIS A CE1 
280 N NE2 . HIS A 40  ? 0.4241 0.4853 0.4466 0.0255  0.0447  0.0018  39  HIS A NE2 
281 N N   . PRO A 41  ? 0.4519 0.4969 0.4518 0.0353  0.0271  -0.0186 40  PRO A N   
282 C CA  . PRO A 41  ? 0.4680 0.5167 0.4750 0.0375  0.0121  -0.0339 40  PRO A CA  
283 C C   . PRO A 41  ? 0.5258 0.5917 0.5663 0.0322  0.0106  -0.0496 40  PRO A C   
284 O O   . PRO A 41  ? 0.5265 0.5974 0.5799 0.0327  -0.0004 -0.0647 40  PRO A O   
285 C CB  . PRO A 41  ? 0.5017 0.5448 0.4946 0.0465  -0.0024 -0.0288 40  PRO A CB  
286 C CG  . PRO A 41  ? 0.5441 0.5890 0.5360 0.0466  0.0054  -0.0155 40  PRO A CG  
287 C CD  . PRO A 41  ? 0.4729 0.5167 0.4648 0.0405  0.0226  -0.0074 40  PRO A CD  
288 N N   . ALA A 42  ? 0.4713 0.5445 0.5261 0.0269  0.0219  -0.0471 41  ALA A N   
289 C CA  . ALA A 42  ? 0.4471 0.5332 0.5338 0.0203  0.0259  -0.0622 41  ALA A CA  
290 C C   . ALA A 42  ? 0.4690 0.5487 0.5540 0.0115  0.0474  -0.0583 41  ALA A C   
291 O O   . ALA A 42  ? 0.4417 0.5211 0.5282 0.0088  0.0546  -0.0533 41  ALA A O   
292 C CB  . ALA A 42  ? 0.4445 0.5401 0.5454 0.0237  0.0172  -0.0636 41  ALA A CB  
293 N N   . PRO A 43  ? 0.4401 0.5109 0.5165 0.0077  0.0577  -0.0587 42  PRO A N   
294 C CA  . PRO A 43  ? 0.4344 0.4937 0.5011 0.0013  0.0770  -0.0517 42  PRO A CA  
295 C C   . PRO A 43  ? 0.4569 0.5164 0.5403 -0.0073 0.0904  -0.0610 42  PRO A C   
296 O O   . PRO A 43  ? 0.4271 0.4769 0.4970 -0.0089 0.0984  -0.0509 42  PRO A O   
297 C CB  . PRO A 43  ? 0.4698 0.5202 0.5287 -0.0010 0.0846  -0.0541 42  PRO A CB  
298 C CG  . PRO A 43  ? 0.5336 0.5870 0.5869 0.0055  0.0689  -0.0560 42  PRO A CG  
299 C CD  . PRO A 43  ? 0.4734 0.5410 0.5440 0.0093  0.0520  -0.0645 42  PRO A CD  
300 N N   . ARG A 44  ? 0.4002 0.4683 0.5121 -0.0129 0.0932  -0.0807 43  ARG A N   
301 C CA  . ARG A 44  ? 0.3857 0.4504 0.5140 -0.0223 0.1104  -0.0908 43  ARG A CA  
302 C C   . ARG A 44  ? 0.4023 0.4709 0.5341 -0.0208 0.1070  -0.0869 43  ARG A C   
303 O O   . ARG A 44  ? 0.4030 0.4570 0.5231 -0.0265 0.1223  -0.0828 43  ARG A O   
304 C CB  . ARG A 44  ? 0.3377 0.4132 0.5036 -0.0290 0.1147  -0.1147 43  ARG A CB  
305 C CG  . ARG A 44  ? 0.3473 0.4130 0.5272 -0.0406 0.1397  -0.1252 43  ARG A CG  
306 C CD  . ARG A 44  ? 0.3594 0.3986 0.5090 -0.0465 0.1615  -0.1170 43  ARG A CD  
307 N NE  . ARG A 44  ? 0.4625 0.5011 0.6225 -0.0511 0.1684  -0.1284 43  ARG A NE  
308 C CZ  . ARG A 44  ? 0.6569 0.6728 0.7942 -0.0560 0.1872  -0.1239 43  ARG A CZ  
309 N NH1 . ARG A 44  ? 0.5103 0.5019 0.6119 -0.0558 0.1986  -0.1076 43  ARG A NH1 
310 N NH2 . ARG A 44  ? 0.4686 0.4846 0.6178 -0.0608 0.1937  -0.1359 43  ARG A NH2 
311 N N   . ALA A 45  ? 0.3619 0.4463 0.5054 -0.0130 0.0872  -0.0876 44  ALA A N   
312 C CA  . ALA A 45  ? 0.3719 0.4603 0.5191 -0.0109 0.0831  -0.0840 44  ALA A CA  
313 C C   . ALA A 45  ? 0.3977 0.4715 0.5098 -0.0095 0.0865  -0.0636 44  ALA A C   
314 O O   . ALA A 45  ? 0.3717 0.4383 0.4799 -0.0137 0.0949  -0.0617 44  ALA A O   
315 C CB  . ALA A 45  ? 0.3823 0.4867 0.5431 -0.0011 0.0601  -0.0868 44  ALA A CB  
316 N N   . ALA A 46  ? 0.3534 0.4217 0.4411 -0.0040 0.0806  -0.0495 45  ALA A N   
317 C CA  . ALA A 46  ? 0.3535 0.4099 0.4134 -0.0022 0.0820  -0.0314 45  ALA A CA  
318 C C   . ALA A 46  ? 0.4130 0.4501 0.4581 -0.0100 0.1001  -0.0295 45  ALA A C   
319 O O   . ALA A 46  ? 0.4008 0.4274 0.4310 -0.0119 0.1031  -0.0222 45  ALA A O   
320 C CB  . ALA A 46  ? 0.3608 0.4163 0.4053 0.0050  0.0740  -0.0197 45  ALA A CB  
321 N N   . CYS A 47  ? 0.4105 0.4404 0.4580 -0.0148 0.1122  -0.0372 46  CYS A N   
322 C CA  . CYS A 47  ? 0.4406 0.4472 0.4711 -0.0222 0.1313  -0.0365 46  CYS A CA  
323 C C   . CYS A 47  ? 0.4631 0.4610 0.4971 -0.0297 0.1427  -0.0445 46  CYS A C   
324 O O   . CYS A 47  ? 0.4519 0.4277 0.4582 -0.0322 0.1499  -0.0358 46  CYS A O   
325 C CB  . CYS A 47  ? 0.4600 0.4617 0.4976 -0.0267 0.1435  -0.0466 46  CYS A CB  
326 S SG  . CYS A 47  ? 0.5059 0.5082 0.5305 -0.0192 0.1358  -0.0356 46  CYS A SG  
327 N N   . ASP A 48  ? 0.4209 0.4349 0.4889 -0.0330 0.1435  -0.0614 47  ASP A N   
328 C CA  . ASP A 48  ? 0.4231 0.4313 0.5021 -0.0404 0.1558  -0.0716 47  ASP A CA  
329 C C   . ASP A 48  ? 0.4497 0.4533 0.5089 -0.0371 0.1472  -0.0588 47  ASP A C   
330 O O   . ASP A 48  ? 0.4322 0.4138 0.4723 -0.0435 0.1605  -0.0576 47  ASP A O   
331 C CB  . ASP A 48  ? 0.4319 0.4650 0.5585 -0.0411 0.1517  -0.0910 47  ASP A CB  
332 C CG  . ASP A 48  ? 0.5315 0.5731 0.6878 -0.0457 0.1587  -0.1085 47  ASP A CG  
333 O OD1 . ASP A 48  ? 0.5318 0.5544 0.6749 -0.0526 0.1772  -0.1103 47  ASP A OD1 
334 O OD2 . ASP A 48  ? 0.5757 0.6419 0.7686 -0.0419 0.1449  -0.1212 47  ASP A OD2 
335 N N   . ALA A 49  ? 0.4047 0.4271 0.4674 -0.0276 0.1259  -0.0501 48  ALA A N   
336 C CA  . ALA A 49  ? 0.4081 0.4294 0.4561 -0.0241 0.1162  -0.0388 48  ALA A CA  
337 C C   . ALA A 49  ? 0.4554 0.4534 0.4646 -0.0250 0.1191  -0.0237 48  ALA A C   
338 O O   . ALA A 49  ? 0.4508 0.4339 0.4428 -0.0288 0.1229  -0.0206 48  ALA A O   
339 C CB  . ALA A 49  ? 0.4005 0.4429 0.4578 -0.0140 0.0954  -0.0326 48  ALA A CB  
340 N N   . LEU A 50  ? 0.4225 0.4144 0.4174 -0.0220 0.1181  -0.0155 49  LEU A N   
341 C CA  . LEU A 50  ? 0.4387 0.4076 0.3988 -0.0214 0.1188  -0.0017 49  LEU A CA  
342 C C   . LEU A 50  ? 0.5189 0.4568 0.4561 -0.0304 0.1375  -0.0063 49  LEU A C   
343 O O   . LEU A 50  ? 0.5302 0.4472 0.4383 -0.0317 0.1364  0.0016  49  LEU A O   
344 C CB  . LEU A 50  ? 0.4381 0.4073 0.3933 -0.0159 0.1159  0.0058  49  LEU A CB  
345 C CG  . LEU A 50  ? 0.4762 0.4664 0.4428 -0.0069 0.0992  0.0140  49  LEU A CG  
346 C CD1 . LEU A 50  ? 0.4850 0.4719 0.4470 -0.0028 0.1007  0.0197  49  LEU A CD1 
347 C CD2 . LEU A 50  ? 0.4912 0.4820 0.4473 -0.0030 0.0864  0.0260  49  LEU A CD2 
348 N N   . ASN A 51  ? 0.4912 0.4242 0.4410 -0.0370 0.1552  -0.0200 50  ASN A N   
349 C CA  . ASN A 51  ? 0.5276 0.4273 0.4556 -0.0469 0.1778  -0.0262 50  ASN A CA  
350 C C   . ASN A 51  ? 0.5768 0.4685 0.5019 -0.0525 0.1829  -0.0311 50  ASN A C   
351 O O   . ASN A 51  ? 0.6151 0.4717 0.5033 -0.0579 0.1941  -0.0279 50  ASN A O   
352 C CB  . ASN A 51  ? 0.5259 0.4253 0.4763 -0.0538 0.1973  -0.0425 50  ASN A CB  
353 C CG  . ASN A 51  ? 0.8882 0.7783 0.8256 -0.0512 0.2004  -0.0371 50  ASN A CG  
354 O OD1 . ASN A 51  ? 0.7878 0.6584 0.6903 -0.0463 0.1951  -0.0216 50  ASN A OD1 
355 N ND2 . ASN A 51  ? 0.8586 0.7624 0.8254 -0.0541 0.2081  -0.0502 50  ASN A ND2 
356 N N   . ALA A 52  ? 0.5146 0.4355 0.4743 -0.0508 0.1740  -0.0381 51  ALA A N   
357 C CA  . ALA A 52  ? 0.5261 0.4411 0.4872 -0.0559 0.1794  -0.0435 51  ALA A CA  
358 C C   . ALA A 52  ? 0.5904 0.4879 0.5126 -0.0538 0.1686  -0.0285 51  ALA A C   
359 O O   . ALA A 52  ? 0.5937 0.4731 0.5024 -0.0603 0.1780  -0.0321 51  ALA A O   
360 C CB  . ALA A 52  ? 0.5030 0.4536 0.5100 -0.0521 0.1693  -0.0528 51  ALA A CB  
361 N N   . THR A 53  ? 0.5485 0.4516 0.4553 -0.0453 0.1493  -0.0130 52  THR A N   
362 C CA  . THR A 53  ? 0.5614 0.4517 0.4372 -0.0427 0.1357  0.0003  52  THR A CA  
363 C C   . THR A 53  ? 0.6664 0.5130 0.4927 -0.0471 0.1443  0.0060  52  THR A C   
364 O O   . THR A 53  ? 0.6616 0.4908 0.4579 -0.0468 0.1346  0.0142  52  THR A O   
365 C CB  . THR A 53  ? 0.5303 0.4434 0.4138 -0.0320 0.1127  0.0133  52  THR A CB  
366 O OG1 . THR A 53  ? 0.5395 0.4429 0.4096 -0.0282 0.1126  0.0201  52  THR A OG1 
367 C CG2 . THR A 53  ? 0.4698 0.4199 0.3938 -0.0267 0.1039  0.0092  52  THR A CG2 
368 N N   . ASP A 54  ? 0.6686 0.4965 0.4852 -0.0502 0.1607  0.0021  53  ASP A N   
369 C CA  . ASP A 54  ? 0.7242 0.5060 0.4906 -0.0531 0.1705  0.0077  53  ASP A CA  
370 C C   . ASP A 54  ? 0.7864 0.5634 0.5280 -0.0429 0.1461  0.0256  53  ASP A C   
371 O O   . ASP A 54  ? 0.8521 0.5923 0.5471 -0.0432 0.1426  0.0333  53  ASP A O   
372 C CB  . ASP A 54  ? 0.7867 0.5305 0.5200 -0.0635 0.1872  0.0016  53  ASP A CB  
373 C CG  . ASP A 54  ? 1.0223 0.7118 0.7041 -0.0691 0.2067  0.0023  53  ASP A CG  
374 O OD1 . ASP A 54  ? 1.0390 0.7232 0.7247 -0.0691 0.2189  -0.0001 53  ASP A OD1 
375 O OD2 . ASP A 54  ? 1.1467 0.7960 0.7819 -0.0739 0.2108  0.0049  53  ASP A OD2 
376 N N   . GLY A 55  ? 0.6801 0.4933 0.4533 -0.0339 0.1293  0.0314  54  GLY A N   
377 C CA  . GLY A 55  ? 0.6690 0.4852 0.4324 -0.0237 0.1072  0.0464  54  GLY A CA  
378 C C   . GLY A 55  ? 0.6950 0.5263 0.4631 -0.0199 0.0853  0.0532  54  GLY A C   
379 O O   . GLY A 55  ? 0.6808 0.5185 0.4490 -0.0115 0.0666  0.0641  54  GLY A O   
380 N N   . GLU A 56  ? 0.6400 0.4762 0.4135 -0.0261 0.0881  0.0462  55  GLU A N   
381 C CA  . GLU A 56  ? 0.6159 0.4662 0.3949 -0.0236 0.0691  0.0512  55  GLU A CA  
382 C C   . GLU A 56  ? 0.5751 0.4671 0.4007 -0.0210 0.0662  0.0470  55  GLU A C   
383 O O   . GLU A 56  ? 0.5395 0.4397 0.3796 -0.0262 0.0755  0.0375  55  GLU A O   
384 C CB  . GLU A 56  ? 0.6686 0.4904 0.4153 -0.0319 0.0731  0.0477  55  GLU A CB  
385 C CG  . GLU A 56  ? 0.8162 0.6514 0.5684 -0.0304 0.0541  0.0517  55  GLU A CG  
386 C CD  . GLU A 56  ? 1.0273 0.8755 0.7860 -0.0212 0.0297  0.0632  55  GLU A CD  
387 O OE1 . GLU A 56  ? 0.6456 0.5296 0.4436 -0.0156 0.0222  0.0651  55  GLU A OE1 
388 O OE2 . GLU A 56  ? 0.9092 0.7294 0.6330 -0.0192 0.0186  0.0701  55  GLU A OE2 
389 N N   . LEU A 57  ? 0.4998 0.4154 0.3475 -0.0125 0.0538  0.0542  56  LEU A N   
390 C CA  . LEU A 57  ? 0.4581 0.4073 0.3435 -0.0090 0.0514  0.0512  56  LEU A CA  
391 C C   . LEU A 57  ? 0.4555 0.4185 0.3526 -0.0099 0.0437  0.0501  56  LEU A C   
392 O O   . LEU A 57  ? 0.4147 0.3996 0.3376 -0.0077 0.0442  0.0462  56  LEU A O   
393 C CB  . LEU A 57  ? 0.4451 0.4102 0.3470 -0.0005 0.0435  0.0589  56  LEU A CB  
394 C CG  . LEU A 57  ? 0.4969 0.4610 0.4033 0.0004  0.0554  0.0551  56  LEU A CG  
395 C CD1 . LEU A 57  ? 0.5294 0.4626 0.4054 -0.0029 0.0646  0.0557  56  LEU A CD1 
396 C CD2 . LEU A 57  ? 0.4762 0.4558 0.3997 0.0083  0.0491  0.0620  56  LEU A CD2 
397 N N   . ASN A 58  ? 0.4478 0.3951 0.3237 -0.0138 0.0377  0.0525  57  ASN A N   
398 C CA  . ASN A 58  ? 0.4334 0.3913 0.3195 -0.0161 0.0335  0.0497  57  ASN A CA  
399 C C   . ASN A 58  ? 0.4636 0.4235 0.3597 -0.0213 0.0488  0.0381  57  ASN A C   
400 O O   . ASN A 58  ? 0.4397 0.4139 0.3531 -0.0212 0.0476  0.0348  57  ASN A O   
401 C CB  . ASN A 58  ? 0.4607 0.3981 0.3190 -0.0203 0.0245  0.0531  57  ASN A CB  
402 C CG  . ASN A 58  ? 0.6577 0.6025 0.5200 -0.0148 0.0049  0.0624  57  ASN A CG  
403 O OD1 . ASN A 58  ? 0.5691 0.5370 0.4589 -0.0081 -0.0005 0.0665  57  ASN A OD1 
404 N ND2 . ASN A 58  ? 0.5725 0.4965 0.4076 -0.0177 -0.0059 0.0652  57  ASN A ND2 
405 N N   . ARG A 59  ? 0.4457 0.3900 0.3323 -0.0256 0.0641  0.0314  58  ARG A N   
406 C CA  . ARG A 59  ? 0.4455 0.3921 0.3477 -0.0307 0.0800  0.0184  58  ARG A CA  
407 C C   . ARG A 59  ? 0.4401 0.4170 0.3800 -0.0244 0.0778  0.0139  58  ARG A C   
408 O O   . ARG A 59  ? 0.4278 0.4122 0.3885 -0.0266 0.0862  0.0027  58  ARG A O   
409 C CB  . ARG A 59  ? 0.4469 0.3662 0.3297 -0.0379 0.0988  0.0117  58  ARG A CB  
410 C CG  . ARG A 59  ? 0.5278 0.4111 0.3689 -0.0453 0.1035  0.0136  58  ARG A CG  
411 C CD  . ARG A 59  ? 0.6065 0.4547 0.4199 -0.0527 0.1241  0.0080  58  ARG A CD  
412 N NE  . ARG A 59  ? 0.7850 0.5935 0.5487 -0.0580 0.1241  0.0126  58  ARG A NE  
413 C CZ  . ARG A 59  ? 0.9892 0.7562 0.7096 -0.0622 0.1351  0.0140  58  ARG A CZ  
414 N NH1 . ARG A 59  ? 0.8000 0.5605 0.5231 -0.0626 0.1490  0.0107  58  ARG A NH1 
415 N NH2 . ARG A 59  ? 0.9026 0.6315 0.5739 -0.0662 0.1319  0.0186  58  ARG A NH2 
416 N N   . LEU A 60  ? 0.3836 0.3761 0.3322 -0.0164 0.0660  0.0220  59  LEU A N   
417 C CA  . LEU A 60  ? 0.3537 0.3701 0.3305 -0.0099 0.0617  0.0188  59  LEU A CA  
418 C C   . LEU A 60  ? 0.4057 0.4348 0.3954 -0.0072 0.0543  0.0186  59  LEU A C   
419 O O   . LEU A 60  ? 0.3876 0.4311 0.3976 -0.0026 0.0519  0.0133  59  LEU A O   
420 C CB  . LEU A 60  ? 0.3415 0.3655 0.3190 -0.0031 0.0540  0.0277  59  LEU A CB  
421 C CG  . LEU A 60  ? 0.3938 0.4076 0.3626 -0.0041 0.0613  0.0278  59  LEU A CG  
422 C CD1 . LEU A 60  ? 0.3810 0.4017 0.3518 0.0029  0.0542  0.0369  59  LEU A CD1 
423 C CD2 . LEU A 60  ? 0.4168 0.4339 0.4004 -0.0070 0.0721  0.0146  59  LEU A CD2 
424 N N   . LEU A 61  ? 0.3847 0.4064 0.3608 -0.0095 0.0498  0.0244  60  LEU A N   
425 C CA  . LEU A 61  ? 0.3913 0.4215 0.3769 -0.0079 0.0447  0.0244  60  LEU A CA  
426 C C   . LEU A 61  ? 0.4519 0.4749 0.4402 -0.0140 0.0548  0.0142  60  LEU A C   
427 O O   . LEU A 61  ? 0.4608 0.4657 0.4331 -0.0215 0.0646  0.0106  60  LEU A O   
428 C CB  . LEU A 61  ? 0.4076 0.4341 0.3806 -0.0085 0.0355  0.0340  60  LEU A CB  
429 C CG  . LEU A 61  ? 0.4737 0.5117 0.4543 -0.0017 0.0262  0.0430  60  LEU A CG  
430 C CD1 . LEU A 61  ? 0.4954 0.5273 0.4666 -0.0009 0.0245  0.0483  60  LEU A CD1 
431 C CD2 . LEU A 61  ? 0.5147 0.5541 0.4951 -0.0024 0.0184  0.0484  60  LEU A CD2 
432 N N   . ALA A 62  ? 0.4013 0.4361 0.4097 -0.0104 0.0536  0.0091  61  ALA A N   
433 C CA  . ALA A 62  ? 0.4141 0.4437 0.4314 -0.0153 0.0639  -0.0015 61  ALA A CA  
434 C C   . ALA A 62  ? 0.4572 0.4919 0.4814 -0.0124 0.0588  -0.0002 61  ALA A C   
435 O O   . ALA A 62  ? 0.4260 0.4710 0.4541 -0.0048 0.0482  0.0065  61  ALA A O   
436 C CB  . ALA A 62  ? 0.4203 0.4600 0.4641 -0.0130 0.0693  -0.0133 61  ALA A CB  
437 N N   . ALA A 63  ? 0.4213 0.4454 0.4440 -0.0188 0.0683  -0.0064 62  ALA A N   
438 C CA  . ALA A 63  ? 0.4098 0.4369 0.4399 -0.0164 0.0657  -0.0063 62  ALA A CA  
439 C C   . ALA A 63  ? 0.4009 0.4457 0.4576 -0.0050 0.0580  -0.0090 62  ALA A C   
440 O O   . ALA A 63  ? 0.3855 0.4378 0.4630 -0.0024 0.0605  -0.0181 62  ALA A O   
441 C CB  . ALA A 63  ? 0.4378 0.4504 0.4674 -0.0249 0.0804  -0.0155 62  ALA A CB  
442 N N   . PRO A 64  ? 0.3312 0.3815 0.3859 0.0023  0.0477  -0.0011 63  PRO A N   
443 C CA  . PRO A 64  ? 0.3237 0.3849 0.3951 0.0143  0.0386  -0.0026 63  PRO A CA  
444 C C   . PRO A 64  ? 0.3813 0.4458 0.4762 0.0186  0.0401  -0.0127 63  PRO A C   
445 O O   . PRO A 64  ? 0.3942 0.4516 0.4915 0.0126  0.0495  -0.0169 63  PRO A O   
446 C CB  . PRO A 64  ? 0.3340 0.3927 0.3917 0.0192  0.0315  0.0083  63  PRO A CB  
447 C CG  . PRO A 64  ? 0.3805 0.4335 0.4199 0.0105  0.0339  0.0156  63  PRO A CG  
448 C CD  . PRO A 64  ? 0.3423 0.3872 0.3786 0.0004  0.0436  0.0091  63  PRO A CD  
449 N N   . ASP A 65  ? 0.3578 0.4311 0.4690 0.0297  0.0297  -0.0166 64  ASP A N   
450 C CA  . ASP A 65  ? 0.3554 0.4327 0.4916 0.0370  0.0266  -0.0256 64  ASP A CA  
451 C C   . ASP A 65  ? 0.3958 0.4628 0.5199 0.0382  0.0283  -0.0189 64  ASP A C   
452 O O   . ASP A 65  ? 0.3851 0.4459 0.4876 0.0420  0.0227  -0.0080 64  ASP A O   
453 C CB  . ASP A 65  ? 0.3819 0.4670 0.5292 0.0505  0.0098  -0.0282 64  ASP A CB  
454 C CG  . ASP A 65  ? 0.4594 0.5460 0.6272 0.0626  -0.0003 -0.0344 64  ASP A CG  
455 O OD1 . ASP A 65  ? 0.4084 0.4914 0.5862 0.0608  0.0075  -0.0372 64  ASP A OD1 
456 O OD2 . ASP A 65  ? 0.5264 0.6156 0.6975 0.0745  -0.0169 -0.0361 64  ASP A OD2 
457 N N   . PRO A 66  ? 0.3492 0.4120 0.4851 0.0328  0.0393  -0.0255 65  PRO A N   
458 C CA  . PRO A 66  ? 0.3529 0.4043 0.4755 0.0318  0.0433  -0.0196 65  PRO A CA  
459 C C   . PRO A 66  ? 0.4152 0.4634 0.5375 0.0459  0.0319  -0.0151 65  PRO A C   
460 O O   . PRO A 66  ? 0.4309 0.4681 0.5373 0.0450  0.0352  -0.0084 65  PRO A O   
461 C CB  . PRO A 66  ? 0.3837 0.4309 0.5225 0.0237  0.0584  -0.0301 65  PRO A CB  
462 C CG  . PRO A 66  ? 0.4353 0.4942 0.6061 0.0264  0.0586  -0.0427 65  PRO A CG  
463 C CD  . PRO A 66  ? 0.3807 0.4468 0.5423 0.0264  0.0512  -0.0392 65  PRO A CD  
464 N N   . SER A 67  ? 0.3499 0.4049 0.4864 0.0587  0.0183  -0.0187 66  SER A N   
465 C CA  . SER A 67  ? 0.3540 0.4004 0.4835 0.0737  0.0056  -0.0140 66  SER A CA  
466 C C   . SER A 67  ? 0.3774 0.4150 0.4751 0.0779  -0.0017 -0.0020 66  SER A C   
467 O O   . SER A 67  ? 0.3843 0.4078 0.4663 0.0891  -0.0094 0.0037  66  SER A O   
468 C CB  . SER A 67  ? 0.4089 0.4636 0.5675 0.0865  -0.0081 -0.0245 66  SER A CB  
469 O OG  . SER A 67  ? 0.4745 0.5392 0.6362 0.0884  -0.0179 -0.0274 66  SER A OG  
470 N N   . LEU A 68  ? 0.3186 0.3618 0.4058 0.0694  0.0016  0.0016  67  LEU A N   
471 C CA  . LEU A 68  ? 0.3273 0.3620 0.3879 0.0724  -0.0023 0.0121  67  LEU A CA  
472 C C   . LEU A 68  ? 0.3685 0.3898 0.4092 0.0684  0.0064  0.0216  67  LEU A C   
473 O O   . LEU A 68  ? 0.3312 0.3540 0.3760 0.0583  0.0164  0.0208  67  LEU A O   
474 C CB  . LEU A 68  ? 0.3334 0.3780 0.3920 0.0646  -0.0003 0.0129  67  LEU A CB  
475 C CG  . LEU A 68  ? 0.4041 0.4610 0.4804 0.0675  -0.0078 0.0036  67  LEU A CG  
476 C CD1 . LEU A 68  ? 0.3942 0.4580 0.4661 0.0586  -0.0027 0.0053  67  LEU A CD1 
477 C CD2 . LEU A 68  ? 0.4315 0.4823 0.5014 0.0819  -0.0236 0.0031  67  LEU A CD2 
478 N N   . VAL A 69  ? 0.3494 0.3556 0.3680 0.0761  0.0032  0.0295  68  VAL A N   
479 C CA  . VAL A 69  ? 0.3652 0.3573 0.3663 0.0725  0.0128  0.0377  68  VAL A CA  
480 C C   . VAL A 69  ? 0.4014 0.3887 0.3862 0.0716  0.0145  0.0450  68  VAL A C   
481 O O   . VAL A 69  ? 0.4143 0.3981 0.3904 0.0793  0.0064  0.0453  68  VAL A O   
482 C CB  . VAL A 69  ? 0.4388 0.4099 0.4279 0.0822  0.0129  0.0401  68  VAL A CB  
483 C CG1 . VAL A 69  ? 0.4237 0.4001 0.4326 0.0816  0.0142  0.0329  68  VAL A CG1 
484 C CG2 . VAL A 69  ? 0.4790 0.4337 0.4501 0.0980  0.0005  0.0421  68  VAL A CG2 
485 N N   . CYS A 70  ? 0.3571 0.3441 0.3393 0.0620  0.0249  0.0499  69  CYS A N   
486 C CA  . CYS A 70  ? 0.3606 0.3436 0.3329 0.0604  0.0290  0.0561  69  CYS A CA  
487 C C   . CYS A 70  ? 0.3971 0.3651 0.3608 0.0572  0.0411  0.0614  69  CYS A C   
488 O O   . CYS A 70  ? 0.3496 0.3197 0.3218 0.0503  0.0464  0.0598  69  CYS A O   
489 C CB  . CYS A 70  ? 0.3602 0.3632 0.3470 0.0508  0.0287  0.0550  69  CYS A CB  
490 S SG  . CYS A 70  ? 0.4013 0.4175 0.3943 0.0543  0.0185  0.0499  69  CYS A SG  
491 N N   . PRO A 71  ? 0.3993 0.3519 0.3476 0.0604  0.0471  0.0667  70  PRO A N   
492 C CA  . PRO A 71  ? 0.4076 0.3482 0.3541 0.0549  0.0618  0.0705  70  PRO A CA  
493 C C   . PRO A 71  ? 0.4138 0.3778 0.3867 0.0420  0.0641  0.0690  70  PRO A C   
494 O O   . PRO A 71  ? 0.3721 0.3547 0.3560 0.0394  0.0560  0.0675  70  PRO A O   
495 C CB  . PRO A 71  ? 0.4462 0.3640 0.3700 0.0614  0.0685  0.0756  70  PRO A CB  
496 C CG  . PRO A 71  ? 0.4975 0.4268 0.4214 0.0652  0.0573  0.0746  70  PRO A CG  
497 C CD  . PRO A 71  ? 0.4346 0.3807 0.3690 0.0674  0.0427  0.0689  70  PRO A CD  
498 N N   . MET A 72  ? 0.3938 0.3556 0.3764 0.0340  0.0740  0.0688  71  MET A N   
499 C CA  . MET A 72  ? 0.3585 0.3416 0.3661 0.0224  0.0722  0.0663  71  MET A CA  
500 C C   . MET A 72  ? 0.4001 0.3846 0.4218 0.0183  0.0809  0.0684  71  MET A C   
501 O O   . MET A 72  ? 0.3843 0.3856 0.4294 0.0095  0.0780  0.0660  71  MET A O   
502 C CB  . MET A 72  ? 0.3828 0.3671 0.3978 0.0147  0.0742  0.0623  71  MET A CB  
503 C CG  . MET A 72  ? 0.4187 0.4043 0.4258 0.0170  0.0666  0.0591  71  MET A CG  
504 S SD  . MET A 72  ? 0.4453 0.4532 0.4631 0.0104  0.0539  0.0553  71  MET A SD  
505 C CE  . MET A 72  ? 0.3941 0.4047 0.4046 0.0206  0.0473  0.0570  71  MET A CE  
506 N N   . TYR A 73  ? 0.3693 0.3366 0.3777 0.0247  0.0904  0.0723  72  TYR A N   
507 C CA  . TYR A 73  ? 0.3693 0.3380 0.3951 0.0204  0.1011  0.0733  72  TYR A CA  
508 C C   . TYR A 73  ? 0.4085 0.4021 0.4546 0.0178  0.0897  0.0729  72  TYR A C   
509 O O   . TYR A 73  ? 0.3907 0.3925 0.4275 0.0219  0.0771  0.0734  72  TYR A O   
510 C CB  . TYR A 73  ? 0.4089 0.3488 0.4110 0.0276  0.1156  0.0775  72  TYR A CB  
511 C CG  . TYR A 73  ? 0.4241 0.3575 0.4009 0.0375  0.1064  0.0803  72  TYR A CG  
512 C CD1 . TYR A 73  ? 0.4270 0.3757 0.4143 0.0375  0.1004  0.0809  72  TYR A CD1 
513 C CD2 . TYR A 73  ? 0.4510 0.3601 0.3930 0.0473  0.1040  0.0821  72  TYR A CD2 
514 C CE1 . TYR A 73  ? 0.4311 0.3748 0.3970 0.0456  0.0917  0.0822  72  TYR A CE1 
515 C CE2 . TYR A 73  ? 0.4574 0.3610 0.3784 0.0562  0.0935  0.0833  72  TYR A CE2 
516 C CZ  . TYR A 73  ? 0.4679 0.3895 0.4014 0.0546  0.0879  0.0829  72  TYR A CZ  
517 O OH  . TYR A 73  ? 0.4208 0.3373 0.3355 0.0624  0.0782  0.0828  72  TYR A OH  
518 N N   . PHE A 74  ? 0.4015 0.4077 0.4779 0.0107  0.0931  0.0712  73  PHE A N   
519 C CA  . PHE A 74  ? 0.3786 0.4065 0.4754 0.0089  0.0820  0.0713  73  PHE A CA  
520 C C   . PHE A 74  ? 0.4397 0.4604 0.5373 0.0136  0.0920  0.0747  73  PHE A C   
521 O O   . PHE A 74  ? 0.4465 0.4587 0.5583 0.0115  0.1080  0.0742  73  PHE A O   
522 C CB  . PHE A 74  ? 0.3931 0.4392 0.5246 -0.0002 0.0763  0.0670  73  PHE A CB  
523 C CG  . PHE A 74  ? 0.4081 0.4736 0.5598 -0.0008 0.0629  0.0673  73  PHE A CG  
524 C CD1 . PHE A 74  ? 0.4500 0.5231 0.5874 0.0006  0.0467  0.0684  73  PHE A CD1 
525 C CD2 . PHE A 74  ? 0.4492 0.5239 0.6353 -0.0027 0.0672  0.0662  73  PHE A CD2 
526 C CE1 . PHE A 74  ? 0.4593 0.5460 0.6112 0.0008  0.0344  0.0694  73  PHE A CE1 
527 C CE2 . PHE A 74  ? 0.4694 0.5608 0.6745 -0.0020 0.0531  0.0669  73  PHE A CE2 
528 C CZ  . PHE A 74  ? 0.4359 0.5321 0.6214 0.0001  0.0363  0.0689  73  PHE A CZ  
529 N N   . ASP A 75  ? 0.3620 0.3839 0.4437 0.0196  0.0844  0.0774  74  ASP A N   
530 C CA  . ASP A 75  ? 0.3651 0.3789 0.4433 0.0241  0.0931  0.0804  74  ASP A CA  
531 C C   . ASP A 75  ? 0.3904 0.4200 0.4684 0.0262  0.0781  0.0812  74  ASP A C   
532 O O   . ASP A 75  ? 0.3810 0.4043 0.4342 0.0313  0.0729  0.0817  74  ASP A O   
533 C CB  . ASP A 75  ? 0.4091 0.3929 0.4514 0.0307  0.1047  0.0827  74  ASP A CB  
534 C CG  . ASP A 75  ? 0.5072 0.4746 0.5421 0.0339  0.1187  0.0852  74  ASP A CG  
535 O OD1 . ASP A 75  ? 0.4400 0.4224 0.5006 0.0317  0.1193  0.0854  74  ASP A OD1 
536 O OD2 . ASP A 75  ? 0.5389 0.4761 0.5414 0.0388  0.1296  0.0871  74  ASP A OD2 
537 N N   . PRO A 76  ? 0.3477 0.3974 0.4536 0.0218  0.0695  0.0805  75  PRO A N   
538 C CA  . PRO A 76  ? 0.3350 0.3971 0.4380 0.0228  0.0547  0.0810  75  PRO A CA  
539 C C   . PRO A 76  ? 0.3798 0.4370 0.4705 0.0285  0.0573  0.0836  75  PRO A C   
540 O O   . PRO A 76  ? 0.3611 0.4096 0.4553 0.0309  0.0696  0.0855  75  PRO A O   
541 C CB  . PRO A 76  ? 0.3534 0.4322 0.4873 0.0183  0.0461  0.0803  75  PRO A CB  
542 C CG  . PRO A 76  ? 0.4047 0.4823 0.5656 0.0162  0.0593  0.0793  75  PRO A CG  
543 C CD  . PRO A 76  ? 0.3579 0.4188 0.4991 0.0158  0.0711  0.0782  75  PRO A CD  
544 N N   . VAL A 77  ? 0.3315 0.3924 0.4069 0.0297  0.0470  0.0826  76  VAL A N   
545 C CA  . VAL A 77  ? 0.3402 0.3982 0.4031 0.0339  0.0469  0.0835  76  VAL A CA  
546 C C   . VAL A 77  ? 0.3896 0.4588 0.4557 0.0316  0.0353  0.0829  76  VAL A C   
547 O O   . VAL A 77  ? 0.3857 0.4584 0.4468 0.0281  0.0274  0.0803  76  VAL A O   
548 C CB  . VAL A 77  ? 0.4138 0.4587 0.4498 0.0385  0.0486  0.0812  76  VAL A CB  
549 C CG1 . VAL A 77  ? 0.3999 0.4478 0.4277 0.0371  0.0401  0.0770  76  VAL A CG1 
550 C CG2 . VAL A 77  ? 0.4176 0.4598 0.4429 0.0420  0.0481  0.0806  76  VAL A CG2 
551 N N   . THR A 78  ? 0.3370 0.4087 0.4098 0.0334  0.0355  0.0855  77  THR A N   
552 C CA  . THR A 78  ? 0.3301 0.4073 0.4027 0.0319  0.0258  0.0861  77  THR A CA  
553 C C   . THR A 78  ? 0.3835 0.4559 0.4411 0.0344  0.0282  0.0851  77  THR A C   
554 O O   . THR A 78  ? 0.3856 0.4533 0.4426 0.0380  0.0364  0.0863  77  THR A O   
555 C CB  . THR A 78  ? 0.4035 0.4879 0.5009 0.0322  0.0219  0.0899  77  THR A CB  
556 O OG1 . THR A 78  ? 0.3794 0.4693 0.4923 0.0287  0.0185  0.0886  77  THR A OG1 
557 C CG2 . THR A 78  ? 0.3285 0.4134 0.4217 0.0324  0.0106  0.0917  77  THR A CG2 
558 N N   . VAL A 79  ? 0.3360 0.4074 0.3807 0.0318  0.0226  0.0821  78  VAL A N   
559 C CA  . VAL A 79  ? 0.3137 0.3805 0.3464 0.0326  0.0253  0.0797  78  VAL A CA  
560 C C   . VAL A 79  ? 0.3668 0.4313 0.4003 0.0323  0.0214  0.0837  78  VAL A C   
561 O O   . VAL A 79  ? 0.3531 0.4182 0.3889 0.0302  0.0129  0.0859  78  VAL A O   
562 C CB  . VAL A 79  ? 0.3530 0.4179 0.3730 0.0298  0.0250  0.0722  78  VAL A CB  
563 C CG1 . VAL A 79  ? 0.3529 0.4179 0.3711 0.0326  0.0270  0.0684  78  VAL A CG1 
564 C CG2 . VAL A 79  ? 0.3417 0.4053 0.3568 0.0245  0.0196  0.0704  78  VAL A CG2 
565 N N   . THR A 80  ? 0.3266 0.3869 0.3572 0.0348  0.0267  0.0846  79  THR A N   
566 C CA  . THR A 80  ? 0.3156 0.3702 0.3440 0.0359  0.0236  0.0889  79  THR A CA  
567 C C   . THR A 80  ? 0.3629 0.4082 0.3747 0.0344  0.0301  0.0849  79  THR A C   
568 O O   . THR A 80  ? 0.3421 0.3885 0.3514 0.0341  0.0372  0.0794  79  THR A O   
569 C CB  . THR A 80  ? 0.3671 0.4247 0.4146 0.0413  0.0251  0.0952  79  THR A CB  
570 O OG1 . THR A 80  ? 0.3545 0.4096 0.4014 0.0435  0.0370  0.0940  79  THR A OG1 
571 C CG2 . THR A 80  ? 0.3551 0.4226 0.4254 0.0421  0.0211  0.0976  79  THR A CG2 
572 N N   . ALA A 81  ? 0.3423 0.3765 0.3413 0.0333  0.0274  0.0868  80  ALA A N   
573 C CA  . ALA A 81  ? 0.3618 0.3837 0.3447 0.0312  0.0357  0.0831  80  ALA A CA  
574 C C   . ALA A 81  ? 0.4153 0.4242 0.3907 0.0348  0.0328  0.0905  80  ALA A C   
575 O O   . ALA A 81  ? 0.4082 0.4105 0.3769 0.0356  0.0217  0.0951  80  ALA A O   
576 C CB  . ALA A 81  ? 0.3856 0.4004 0.3534 0.0244  0.0380  0.0756  80  ALA A CB  
577 N N   . ASP A 82  ? 0.3810 0.3859 0.3587 0.0382  0.0408  0.0922  81  ASP A N   
578 C CA  . ASP A 82  ? 0.3908 0.3816 0.3618 0.0431  0.0384  0.0996  81  ASP A CA  
579 C C   . ASP A 82  ? 0.4657 0.4424 0.4229 0.0418  0.0521  0.0966  81  ASP A C   
580 O O   . ASP A 82  ? 0.4526 0.4366 0.4167 0.0396  0.0624  0.0905  81  ASP A O   
581 C CB  . ASP A 82  ? 0.3875 0.3890 0.3847 0.0507  0.0333  0.1069  81  ASP A CB  
582 C CG  . ASP A 82  ? 0.4063 0.4217 0.4222 0.0519  0.0204  0.1095  81  ASP A CG  
583 O OD1 . ASP A 82  ? 0.4089 0.4191 0.4236 0.0548  0.0063  0.1143  81  ASP A OD1 
584 O OD2 . ASP A 82  ? 0.4164 0.4463 0.4480 0.0503  0.0241  0.1064  81  ASP A OD2 
585 N N   . GLY A 83  ? 0.4427 0.3975 0.3791 0.0435  0.0516  0.1010  82  GLY A N   
586 C CA  . GLY A 83  ? 0.4458 0.3835 0.3680 0.0424  0.0659  0.0988  82  GLY A CA  
587 C C   . GLY A 83  ? 0.5130 0.4217 0.4013 0.0392  0.0689  0.0988  82  GLY A C   
588 O O   . GLY A 83  ? 0.5290 0.4234 0.4018 0.0432  0.0561  0.1063  82  GLY A O   
589 N N   . VAL A 84  ? 0.4622 0.3601 0.3384 0.0318  0.0858  0.0896  83  VAL A N   
590 C CA  . VAL A 84  ? 0.4906 0.3560 0.3320 0.0270  0.0941  0.0878  83  VAL A CA  
591 C C   . VAL A 84  ? 0.5165 0.3852 0.3596 0.0159  0.1081  0.0735  83  VAL A C   
592 O O   . VAL A 84  ? 0.4885 0.3776 0.3554 0.0131  0.1149  0.0650  83  VAL A O   
593 C CB  . VAL A 84  ? 0.5656 0.4038 0.3878 0.0309  0.1040  0.0929  83  VAL A CB  
594 C CG1 . VAL A 84  ? 0.5433 0.3918 0.3837 0.0285  0.1200  0.0857  83  VAL A CG1 
595 C CG2 . VAL A 84  ? 0.6135 0.4113 0.3934 0.0263  0.1138  0.0920  83  VAL A CG2 
596 N N   . LEU A 85  ? 0.5344 0.3823 0.3527 0.0099  0.1115  0.0704  84  LEU A N   
597 C CA  . LEU A 85  ? 0.5501 0.3987 0.3722 -0.0007 0.1260  0.0562  84  LEU A CA  
598 C C   . LEU A 85  ? 0.6700 0.4767 0.4538 -0.0071 0.1424  0.0537  84  LEU A C   
599 O O   . LEU A 85  ? 0.6952 0.4766 0.4464 -0.0060 0.1355  0.0609  84  LEU A O   
600 C CB  . LEU A 85  ? 0.5408 0.4094 0.3763 -0.0027 0.1146  0.0536  84  LEU A CB  
601 C CG  . LEU A 85  ? 0.6124 0.4830 0.4558 -0.0131 0.1280  0.0386  84  LEU A CG  
602 C CD1 . LEU A 85  ? 0.6022 0.4925 0.4767 -0.0165 0.1393  0.0256  84  LEU A CD1 
603 C CD2 . LEU A 85  ? 0.6150 0.5046 0.4710 -0.0130 0.1151  0.0382  84  LEU A CD2 
604 N N   . ASN A 86  ? 0.6317 0.4286 0.4178 -0.0139 0.1644  0.0431  85  ASN A N   
605 C CA  . ASN A 86  ? 0.6805 0.4342 0.4313 -0.0213 0.1863  0.0386  85  ASN A CA  
606 C C   . ASN A 86  ? 0.7886 0.5033 0.4927 -0.0136 0.1792  0.0544  85  ASN A C   
607 O O   . ASN A 86  ? 0.8235 0.5001 0.4863 -0.0168 0.1840  0.0565  85  ASN A O   
608 C CB  . ASN A 86  ? 0.6799 0.4249 0.4262 -0.0320 0.1974  0.0272  85  ASN A CB  
609 C CG  . ASN A 86  ? 0.8726 0.6538 0.6668 -0.0386 0.2040  0.0107  85  ASN A CG  
610 O OD1 . ASN A 86  ? 0.7608 0.5553 0.5804 -0.0411 0.2144  0.0011  85  ASN A OD1 
611 N ND2 . ASN A 86  ? 0.7394 0.5369 0.5475 -0.0410 0.1969  0.0065  85  ASN A ND2 
612 N N   . GLY A 87  ? 0.7411 0.4656 0.4530 -0.0028 0.1664  0.0654  86  GLY A N   
613 C CA  . GLY A 87  ? 0.7694 0.4622 0.4456 0.0071  0.1561  0.0805  86  GLY A CA  
614 C C   . GLY A 87  ? 0.8165 0.5135 0.4852 0.0161  0.1273  0.0927  86  GLY A C   
615 O O   . GLY A 87  ? 0.8476 0.5240 0.4949 0.0264  0.1144  0.1052  86  GLY A O   
616 N N   . ARG A 88  ? 0.7571 0.4794 0.4439 0.0127  0.1164  0.0890  87  ARG A N   
617 C CA  . ARG A 88  ? 0.7546 0.4817 0.4369 0.0204  0.0889  0.0994  87  ARG A CA  
618 C C   . ARG A 88  ? 0.7102 0.4852 0.4421 0.0265  0.0732  0.1018  87  ARG A C   
619 O O   . ARG A 88  ? 0.6578 0.4643 0.4228 0.0214  0.0802  0.0931  87  ARG A O   
620 C CB  . ARG A 88  ? 0.7943 0.5062 0.4515 0.0136  0.0851  0.0960  87  ARG A CB  
621 C CG  . ARG A 88  ? 0.9958 0.7190 0.6665 0.0008  0.1039  0.0814  87  ARG A CG  
622 C CD  . ARG A 88  ? 1.2398 0.9172 0.8616 -0.0078 0.1167  0.0773  87  ARG A CD  
623 N NE  . ARG A 88  ? 1.3694 1.0495 0.9841 -0.0103 0.1027  0.0776  87  ARG A NE  
624 C CZ  . ARG A 88  ? 1.5605 1.2438 1.1807 -0.0208 0.1157  0.0664  87  ARG A CZ  
625 N NH1 . ARG A 88  ? 1.3691 1.0539 1.0043 -0.0298 0.1423  0.0534  87  ARG A NH1 
626 N NH2 . ARG A 88  ? 1.4308 1.1155 1.0434 -0.0225 0.1024  0.0674  87  ARG A NH2 
627 N N   . ARG A 89  ? 0.6806 0.4583 0.4170 0.0377  0.0521  0.1133  88  ARG A N   
628 C CA  . ARG A 89  ? 0.6492 0.4668 0.4310 0.0443  0.0373  0.1169  88  ARG A CA  
629 C C   . ARG A 89  ? 0.6656 0.5071 0.4639 0.0387  0.0296  0.1117  88  ARG A C   
630 O O   . ARG A 89  ? 0.6824 0.5064 0.4542 0.0350  0.0225  0.1112  88  ARG A O   
631 C CB  . ARG A 89  ? 0.6683 0.4776 0.4489 0.0571  0.0156  0.1293  88  ARG A CB  
632 C CG  . ARG A 89  ? 0.8155 0.6625 0.6469 0.0645  0.0050  0.1327  88  ARG A CG  
633 C CD  . ARG A 89  ? 0.9606 0.8086 0.8077 0.0717  0.0141  0.1369  88  ARG A CD  
634 N NE  . ARG A 89  ? 0.9958 0.8728 0.8756 0.0673  0.0296  0.1303  88  ARG A NE  
635 C CZ  . ARG A 89  ? 1.1317 1.0395 1.0518 0.0703  0.0244  0.1308  88  ARG A CZ  
636 N NH1 . ARG A 89  ? 0.9184 0.8359 0.8583 0.0776  0.0049  0.1369  88  ARG A NH1 
637 N NH2 . ARG A 89  ? 0.9745 0.9010 0.9143 0.0661  0.0389  0.1247  88  ARG A NH2 
638 N N   . VAL A 90  ? 0.5737 0.4511 0.4114 0.0377  0.0325  0.1072  89  VAL A N   
639 C CA  . VAL A 90  ? 0.5421 0.4434 0.3986 0.0331  0.0273  0.1021  89  VAL A CA  
640 C C   . VAL A 90  ? 0.5374 0.4675 0.4310 0.0400  0.0145  0.1072  89  VAL A C   
641 O O   . VAL A 90  ? 0.5048 0.4465 0.4192 0.0444  0.0202  0.1090  89  VAL A O   
642 C CB  . VAL A 90  ? 0.5789 0.4921 0.4450 0.0247  0.0451  0.0904  89  VAL A CB  
643 C CG1 . VAL A 90  ? 0.5522 0.4914 0.4409 0.0221  0.0390  0.0861  89  VAL A CG1 
644 C CG2 . VAL A 90  ? 0.6040 0.4894 0.4391 0.0165  0.0598  0.0833  89  VAL A CG2 
645 N N   . ALA A 91  ? 0.5084 0.4479 0.4096 0.0402  -0.0010 0.1088  90  ALA A N   
646 C CA  . ALA A 91  ? 0.4994 0.4652 0.4372 0.0447  -0.0118 0.1117  90  ALA A CA  
647 C C   . ALA A 91  ? 0.5343 0.5090 0.4731 0.0386  -0.0174 0.1071  90  ALA A C   
648 O O   . ALA A 91  ? 0.5551 0.5173 0.4767 0.0373  -0.0310 0.1085  90  ALA A O   
649 C CB  . ALA A 91  ? 0.5311 0.4924 0.4766 0.0537  -0.0293 0.1203  90  ALA A CB  
650 N N   . TRP A 92  ? 0.4456 0.4368 0.3984 0.0342  -0.0063 0.1009  91  TRP A N   
651 C CA  . TRP A 92  ? 0.4302 0.4282 0.3826 0.0281  -0.0083 0.0957  91  TRP A CA  
652 C C   . TRP A 92  ? 0.4304 0.4528 0.4139 0.0293  -0.0063 0.0942  91  TRP A C   
653 O O   . TRP A 92  ? 0.3800 0.4111 0.3777 0.0324  0.0027  0.0942  91  TRP A O   
654 C CB  . TRP A 92  ? 0.4214 0.4081 0.3525 0.0209  0.0048  0.0878  91  TRP A CB  
655 C CG  . TRP A 92  ? 0.4240 0.4156 0.3547 0.0148  0.0050  0.0817  91  TRP A CG  
656 C CD1 . TRP A 92  ? 0.4769 0.4538 0.3866 0.0097  -0.0007 0.0805  91  TRP A CD1 
657 C CD2 . TRP A 92  ? 0.3991 0.4085 0.3483 0.0134  0.0116  0.0758  91  TRP A CD2 
658 N NE1 . TRP A 92  ? 0.4584 0.4445 0.3755 0.0049  0.0034  0.0741  91  TRP A NE1 
659 C CE2 . TRP A 92  ? 0.4479 0.4541 0.3894 0.0076  0.0103  0.0714  91  TRP A CE2 
660 C CE3 . TRP A 92  ? 0.3930 0.4175 0.3611 0.0167  0.0183  0.0737  91  TRP A CE3 
661 C CZ2 . TRP A 92  ? 0.4146 0.4338 0.3699 0.0062  0.0149  0.0654  91  TRP A CZ2 
662 C CZ3 . TRP A 92  ? 0.3973 0.4325 0.3753 0.0153  0.0215  0.0677  91  TRP A CZ3 
663 C CH2 . TRP A 92  ? 0.4058 0.4389 0.3787 0.0106  0.0197  0.0638  91  TRP A CH2 
664 N N   . LYS A 93  ? 0.3926 0.4224 0.3831 0.0265  -0.0139 0.0930  92  LYS A N   
665 C CA  . LYS A 93  ? 0.3653 0.4131 0.3799 0.0267  -0.0102 0.0912  92  LYS A CA  
666 C C   . LYS A 93  ? 0.4168 0.4657 0.4262 0.0209  -0.0131 0.0867  92  LYS A C   
667 O O   . LYS A 93  ? 0.4181 0.4554 0.4094 0.0168  -0.0206 0.0858  92  LYS A O   
668 C CB  . LYS A 93  ? 0.3816 0.4415 0.4260 0.0318  -0.0154 0.0960  92  LYS A CB  
669 C CG  . LYS A 93  ? 0.5250 0.5861 0.5776 0.0316  -0.0325 0.0981  92  LYS A CG  
670 C CD  . LYS A 93  ? 0.6698 0.7454 0.7605 0.0364  -0.0355 0.1011  92  LYS A CD  
671 C CE  . LYS A 93  ? 0.8512 0.9292 0.9545 0.0371  -0.0556 0.1020  92  LYS A CE  
672 N NZ  . LYS A 93  ? 0.9725 1.0660 1.1200 0.0422  -0.0582 0.1036  92  LYS A NZ  
673 N N   . HIS A 94  ? 0.3678 0.4275 0.3900 0.0206  -0.0064 0.0838  93  HIS A N   
674 C CA  . HIS A 94  ? 0.3652 0.4268 0.3863 0.0160  -0.0076 0.0799  93  HIS A CA  
675 C C   . HIS A 94  ? 0.3708 0.4430 0.4113 0.0184  -0.0022 0.0801  93  HIS A C   
676 O O   . HIS A 94  ? 0.3600 0.4336 0.4026 0.0223  0.0063  0.0800  93  HIS A O   
677 C CB  . HIS A 94  ? 0.3714 0.4252 0.3739 0.0119  -0.0011 0.0735  93  HIS A CB  
678 C CG  . HIS A 94  ? 0.4135 0.4662 0.4129 0.0069  -0.0029 0.0698  93  HIS A CG  
679 N ND1 . HIS A 94  ? 0.4478 0.4882 0.4299 0.0011  -0.0088 0.0685  93  HIS A ND1 
680 C CD2 . HIS A 94  ? 0.4095 0.4689 0.4186 0.0071  0.0008  0.0674  93  HIS A CD2 
681 C CE1 . HIS A 94  ? 0.4356 0.4776 0.4196 -0.0026 -0.0077 0.0649  93  HIS A CE1 
682 N NE2 . HIS A 94  ? 0.4146 0.4681 0.4153 0.0011  -0.0020 0.0643  93  HIS A NE2 
683 N N   . THR A 95  ? 0.3290 0.4060 0.3815 0.0158  -0.0066 0.0801  94  THR A N   
684 C CA  . THR A 95  ? 0.3214 0.4044 0.3907 0.0170  0.0005  0.0800  94  THR A CA  
685 C C   . THR A 95  ? 0.3389 0.4183 0.3978 0.0139  0.0039  0.0756  94  THR A C   
686 O O   . THR A 95  ? 0.3257 0.4024 0.3771 0.0087  -0.0021 0.0730  94  THR A O   
687 C CB  . THR A 95  ? 0.3582 0.4492 0.4534 0.0160  -0.0051 0.0817  94  THR A CB  
688 O OG1 . THR A 95  ? 0.3839 0.4785 0.4915 0.0201  -0.0088 0.0855  94  THR A OG1 
689 C CG2 . THR A 95  ? 0.3575 0.4512 0.4703 0.0163  0.0062  0.0810  94  THR A CG2 
690 N N   . PHE A 96  ? 0.2891 0.3657 0.3451 0.0176  0.0132  0.0749  95  PHE A N   
691 C CA  . PHE A 96  ? 0.3003 0.3723 0.3481 0.0169  0.0167  0.0713  95  PHE A CA  
692 C C   . PHE A 96  ? 0.3535 0.4234 0.4122 0.0173  0.0234  0.0729  95  PHE A C   
693 O O   . PHE A 96  ? 0.3387 0.4086 0.4080 0.0199  0.0292  0.0760  95  PHE A O   
694 C CB  . PHE A 96  ? 0.3172 0.3843 0.3518 0.0220  0.0202  0.0688  95  PHE A CB  
695 C CG  . PHE A 96  ? 0.3320 0.4001 0.3588 0.0206  0.0168  0.0654  95  PHE A CG  
696 C CD1 . PHE A 96  ? 0.3462 0.4124 0.3666 0.0162  0.0152  0.0602  95  PHE A CD1 
697 C CD2 . PHE A 96  ? 0.3493 0.4183 0.3749 0.0232  0.0176  0.0669  95  PHE A CD2 
698 C CE1 . PHE A 96  ? 0.3573 0.4215 0.3709 0.0139  0.0156  0.0562  95  PHE A CE1 
699 C CE2 . PHE A 96  ? 0.3655 0.4333 0.3838 0.0213  0.0170  0.0629  95  PHE A CE2 
700 C CZ  . PHE A 96  ? 0.3494 0.4143 0.3620 0.0165  0.0166  0.0573  95  PHE A CZ  
701 N N   . SER A 97  ? 0.3091 0.3749 0.3645 0.0145  0.0249  0.0701  96  SER A N   
702 C CA  . SER A 97  ? 0.3166 0.3770 0.3794 0.0138  0.0334  0.0706  96  SER A CA  
703 C C   . SER A 97  ? 0.3696 0.4182 0.4247 0.0208  0.0443  0.0735  96  SER A C   
704 O O   . SER A 97  ? 0.3723 0.4161 0.4377 0.0202  0.0541  0.0751  96  SER A O   
705 C CB  . SER A 97  ? 0.3666 0.4209 0.4202 0.0112  0.0340  0.0670  96  SER A CB  
706 O OG  . SER A 97  ? 0.5551 0.6155 0.6107 0.0041  0.0254  0.0640  96  SER A OG  
707 N N   . ASN A 98  ? 0.3417 0.3839 0.3779 0.0271  0.0428  0.0731  97  ASN A N   
708 C CA  . ASN A 98  ? 0.3593 0.3860 0.3797 0.0346  0.0498  0.0752  97  ASN A CA  
709 C C   . ASN A 98  ? 0.3822 0.4096 0.3890 0.0398  0.0420  0.0730  97  ASN A C   
710 O O   . ASN A 98  ? 0.3453 0.3849 0.3574 0.0369  0.0340  0.0696  97  ASN A O   
711 C CB  . ASN A 98  ? 0.3309 0.3388 0.3376 0.0374  0.0576  0.0757  97  ASN A CB  
712 C CG  . ASN A 98  ? 0.4108 0.4184 0.4104 0.0383  0.0509  0.0723  97  ASN A CG  
713 O OD1 . ASN A 98  ? 0.3707 0.3824 0.3641 0.0419  0.0420  0.0692  97  ASN A OD1 
714 N ND2 . ASN A 98  ? 0.3981 0.4003 0.4004 0.0349  0.0562  0.0717  97  ASN A ND2 
715 N N   . THR A 99  ? 0.3555 0.3680 0.3445 0.0470  0.0447  0.0740  98  THR A N   
716 C CA  . THR A 99  ? 0.3539 0.3672 0.3326 0.0519  0.0364  0.0705  98  THR A CA  
717 C C   . THR A 99  ? 0.3694 0.3860 0.3462 0.0542  0.0271  0.0647  98  THR A C   
718 O O   . THR A 99  ? 0.3407 0.3680 0.3234 0.0540  0.0202  0.0596  98  THR A O   
719 C CB  . THR A 99  ? 0.4518 0.4450 0.4082 0.0590  0.0399  0.0723  98  THR A CB  
720 O OG1 . THR A 99  ? 0.5073 0.4791 0.4442 0.0644  0.0427  0.0737  98  THR A OG1 
721 C CG2 . THR A 99  ? 0.3939 0.3838 0.3547 0.0566  0.0513  0.0769  98  THR A CG2 
722 N N   . CYS A 100 ? 0.3430 0.3500 0.3140 0.0563  0.0282  0.0650  99  CYS A N   
723 C CA  . CYS A 100 ? 0.3394 0.3496 0.3127 0.0591  0.0202  0.0593  99  CYS A CA  
724 C C   . CYS A 100 ? 0.3451 0.3742 0.3378 0.0504  0.0186  0.0550  99  CYS A C   
725 O O   . CYS A 100 ? 0.3236 0.3606 0.3236 0.0511  0.0130  0.0484  99  CYS A O   
726 C CB  . CYS A 100 ? 0.3666 0.3607 0.3294 0.0628  0.0233  0.0612  99  CYS A CB  
727 S SG  . CYS A 100 ? 0.4225 0.4188 0.3906 0.0680  0.0137  0.0540  99  CYS A SG  
728 N N   . VAL A 101 ? 0.3119 0.3462 0.3125 0.0422  0.0240  0.0583  100 VAL A N   
729 C CA  . VAL A 101 ? 0.3002 0.3464 0.3120 0.0335  0.0226  0.0552  100 VAL A CA  
730 C C   . VAL A 101 ? 0.3318 0.3863 0.3464 0.0320  0.0197  0.0532  100 VAL A C   
731 O O   . VAL A 101 ? 0.3028 0.3618 0.3209 0.0282  0.0184  0.0475  100 VAL A O   
732 C CB  . VAL A 101 ? 0.3318 0.3798 0.3496 0.0260  0.0258  0.0588  100 VAL A CB  
733 C CG1 . VAL A 101 ? 0.3210 0.3756 0.3424 0.0175  0.0224  0.0558  100 VAL A CG1 
734 C CG2 . VAL A 101 ? 0.3317 0.3702 0.3471 0.0264  0.0307  0.0595  100 VAL A CG2 
735 N N   . MET A 102 ? 0.3036 0.3577 0.3161 0.0348  0.0206  0.0573  101 MET A N   
736 C CA  . MET A 102 ? 0.2894 0.3490 0.3032 0.0339  0.0191  0.0557  101 MET A CA  
737 C C   . MET A 102 ? 0.3292 0.3902 0.3430 0.0373  0.0157  0.0477  101 MET A C   
738 O O   . MET A 102 ? 0.3161 0.3824 0.3351 0.0327  0.0161  0.0425  101 MET A O   
739 C CB  . MET A 102 ? 0.3060 0.3623 0.3168 0.0374  0.0221  0.0610  101 MET A CB  
740 C CG  . MET A 102 ? 0.3423 0.4021 0.3528 0.0376  0.0213  0.0589  101 MET A CG  
741 S SD  . MET A 102 ? 0.3781 0.4329 0.3863 0.0407  0.0270  0.0652  101 MET A SD  
742 C CE  . MET A 102 ? 0.3630 0.4184 0.3656 0.0427  0.0249  0.0587  101 MET A CE  
743 N N   . SER A 103 ? 0.3246 0.3790 0.3324 0.0451  0.0123  0.0462  102 SER A N   
744 C CA  . SER A 103 ? 0.3440 0.4008 0.3561 0.0498  0.0059  0.0373  102 SER A CA  
745 C C   . SER A 103 ? 0.3868 0.4506 0.4132 0.0458  0.0061  0.0300  102 SER A C   
746 O O   . SER A 103 ? 0.3549 0.4260 0.3934 0.0434  0.0061  0.0214  102 SER A O   
747 C CB  . SER A 103 ? 0.4025 0.4471 0.4018 0.0602  -0.0006 0.0377  102 SER A CB  
748 O OG  . SER A 103 ? 0.5388 0.5872 0.5464 0.0654  -0.0101 0.0281  102 SER A OG  
749 N N   . ALA A 104 ? 0.3391 0.3992 0.3645 0.0439  0.0087  0.0325  103 ALA A N   
750 C CA  . ALA A 104 ? 0.3369 0.4004 0.3739 0.0396  0.0112  0.0257  103 ALA A CA  
751 C C   . ALA A 104 ? 0.3773 0.4451 0.4186 0.0295  0.0177  0.0222  103 ALA A C   
752 O O   . ALA A 104 ? 0.3622 0.4327 0.4157 0.0267  0.0209  0.0128  103 ALA A O   
753 C CB  . ALA A 104 ? 0.3535 0.4101 0.3853 0.0384  0.0140  0.0300  103 ALA A CB  
754 N N   . ASN A 105 ? 0.3349 0.4010 0.3662 0.0243  0.0198  0.0293  104 ASN A N   
755 C CA  . ASN A 105 ? 0.3346 0.3985 0.3620 0.0154  0.0250  0.0276  104 ASN A CA  
756 C C   . ASN A 105 ? 0.3924 0.4585 0.4213 0.0152  0.0268  0.0245  104 ASN A C   
757 O O   . ASN A 105 ? 0.3919 0.4524 0.4164 0.0082  0.0330  0.0212  104 ASN A O   
758 C CB  . ASN A 105 ? 0.3121 0.3719 0.3285 0.0110  0.0237  0.0361  104 ASN A CB  
759 C CG  . ASN A 105 ? 0.5111 0.5666 0.5253 0.0073  0.0241  0.0365  104 ASN A CG  
760 O OD1 . ASN A 105 ? 0.3919 0.4402 0.4000 0.0002  0.0280  0.0325  104 ASN A OD1 
761 N ND2 . ASN A 105 ? 0.3951 0.4521 0.4124 0.0120  0.0220  0.0405  104 ASN A ND2 
762 N N   . LEU A 106 ? 0.3641 0.4349 0.3959 0.0222  0.0224  0.0256  105 LEU A N   
763 C CA  . LEU A 106 ? 0.3947 0.4669 0.4279 0.0213  0.0248  0.0223  105 LEU A CA  
764 C C   . LEU A 106 ? 0.5800 0.6580 0.6291 0.0237  0.0241  0.0104  105 LEU A C   
765 O O   . LEU A 106 ? 0.5957 0.6765 0.6482 0.0254  0.0235  0.0069  105 LEU A O   
766 C CB  . LEU A 106 ? 0.3909 0.4628 0.4166 0.0256  0.0221  0.0302  105 LEU A CB  
767 C CG  . LEU A 106 ? 0.4594 0.5271 0.4759 0.0216  0.0243  0.0390  105 LEU A CG  
768 C CD1 . LEU A 106 ? 0.4795 0.5472 0.4935 0.0265  0.0232  0.0462  105 LEU A CD1 
769 C CD2 . LEU A 106 ? 0.4778 0.5398 0.4893 0.0150  0.0302  0.0357  105 LEU A CD2 
770 N N   . ASN A 107 ? 0.6074 0.6875 0.6689 0.0236  0.0244  0.0032  106 ASN A N   
771 C CA  . ASN A 107 ? 0.6422 0.7296 0.7271 0.0252  0.0238  -0.0106 106 ASN A CA  
772 C C   . ASN A 107 ? 0.7275 0.8202 0.8167 0.0350  0.0115  -0.0126 106 ASN A C   
773 O O   . ASN A 107 ? 0.7491 0.8382 0.8277 0.0430  0.0025  -0.0059 106 ASN A O   
774 C CB  . ASN A 107 ? 0.7064 0.7921 0.7980 0.0160  0.0364  -0.0188 106 ASN A CB  
775 C CG  . ASN A 107 ? 1.1206 1.2111 1.2399 0.0125  0.0435  -0.0344 106 ASN A CG  
776 O OD1 . ASN A 107 ? 1.0968 1.1932 1.2336 0.0114  0.0458  -0.0448 106 ASN A OD1 
777 N ND2 . ASN A 107 ? 1.0442 1.1302 1.1679 0.0089  0.0499  -0.0370 106 ASN A ND2 
778 N N   . SER A 108 ? 0.6695 0.7679 0.7719 0.0338  0.0121  -0.0219 107 SER A N   
779 C CA  . SER A 108 ? 0.6596 0.7613 0.7637 0.0404  0.0019  -0.0256 107 SER A CA  
780 C C   . SER A 108 ? 0.6558 0.7575 0.7601 0.0323  0.0126  -0.0286 107 SER A C   
781 O O   . SER A 108 ? 0.6548 0.7614 0.7712 0.0329  0.0098  -0.0381 107 SER A O   
782 C CB  . SER A 108 ? 0.7134 0.8240 0.8429 0.0472  -0.0101 -0.0390 107 SER A CB  
783 O OG  . SER A 108 ? 0.8212 0.9258 0.9387 0.0580  -0.0235 -0.0330 107 SER A OG  
784 N N   . ASN A 109 ? 0.5591 0.6530 0.6486 0.0248  0.0246  -0.0203 108 ASN A N   
785 C CA  . ASN A 109 ? 0.5320 0.6197 0.6142 0.0170  0.0366  -0.0196 108 ASN A CA  
786 C C   . ASN A 109 ? 0.5300 0.6180 0.6059 0.0206  0.0328  -0.0179 108 ASN A C   
787 O O   . ASN A 109 ? 0.5559 0.6410 0.6165 0.0266  0.0257  -0.0077 108 ASN A O   
788 C CB  . ASN A 109 ? 0.5701 0.6468 0.6304 0.0127  0.0426  -0.0074 108 ASN A CB  
789 C CG  . ASN A 109 ? 0.5310 0.5961 0.5807 0.0047  0.0552  -0.0073 108 ASN A CG  
790 O OD1 . ASN A 109 ? 0.4476 0.5093 0.4897 0.0050  0.0572  -0.0043 108 ASN A OD1 
791 N ND2 . ASN A 109 ? 0.3994 0.4548 0.4455 -0.0026 0.0649  -0.0108 108 ASN A ND2 
792 N N   . PRO A 110 ? 0.4284 0.5184 0.5166 0.0166  0.0387  -0.0287 109 PRO A N   
793 C CA  . PRO A 110 ? 0.4252 0.5146 0.5072 0.0197  0.0349  -0.0285 109 PRO A CA  
794 C C   . PRO A 110 ? 0.4559 0.5350 0.5127 0.0205  0.0387  -0.0132 109 PRO A C   
795 O O   . PRO A 110 ? 0.4311 0.5081 0.4782 0.0257  0.0329  -0.0090 109 PRO A O   
796 C CB  . PRO A 110 ? 0.4504 0.5416 0.5501 0.0123  0.0455  -0.0427 109 PRO A CB  
797 C CG  . PRO A 110 ? 0.4928 0.5905 0.6170 0.0086  0.0490  -0.0543 109 PRO A CG  
798 C CD  . PRO A 110 ? 0.4318 0.5234 0.5408 0.0085  0.0505  -0.0428 109 PRO A CD  
799 N N   . VAL A 111 ? 0.4000 0.4712 0.4456 0.0157  0.0475  -0.0050 110 VAL A N   
800 C CA  . VAL A 111 ? 0.3628 0.4253 0.3899 0.0166  0.0501  0.0086  110 VAL A CA  
801 C C   . VAL A 111 ? 0.4006 0.4651 0.4211 0.0242  0.0411  0.0180  110 VAL A C   
802 O O   . VAL A 111 ? 0.3841 0.4445 0.3976 0.0270  0.0424  0.0225  110 VAL A O   
803 C CB  . VAL A 111 ? 0.3918 0.4445 0.4072 0.0118  0.0559  0.0156  110 VAL A CB  
804 C CG1 . VAL A 111 ? 0.3803 0.4263 0.3820 0.0147  0.0549  0.0291  110 VAL A CG1 
805 C CG2 . VAL A 111 ? 0.3940 0.4372 0.4091 0.0038  0.0686  0.0068  110 VAL A CG2 
806 N N   . TYR A 112 ? 0.3571 0.4254 0.3792 0.0271  0.0341  0.0203  111 TYR A N   
807 C CA  . TYR A 112 ? 0.3659 0.4321 0.3801 0.0337  0.0286  0.0286  111 TYR A CA  
808 C C   . TYR A 112 ? 0.4423 0.5088 0.4562 0.0399  0.0199  0.0225  111 TYR A C   
809 O O   . TYR A 112 ? 0.4425 0.5034 0.4469 0.0452  0.0159  0.0283  111 TYR A O   
810 C CB  . TYR A 112 ? 0.3566 0.4227 0.3688 0.0330  0.0276  0.0370  111 TYR A CB  
811 C CG  . TYR A 112 ? 0.3528 0.4158 0.3617 0.0295  0.0322  0.0450  111 TYR A CG  
812 C CD1 . TYR A 112 ? 0.3784 0.4381 0.3845 0.0325  0.0345  0.0529  111 TYR A CD1 
813 C CD2 . TYR A 112 ? 0.3469 0.4075 0.3541 0.0236  0.0346  0.0438  111 TYR A CD2 
814 C CE1 . TYR A 112 ? 0.3723 0.4292 0.3780 0.0309  0.0366  0.0597  111 TYR A CE1 
815 C CE2 . TYR A 112 ? 0.3535 0.4077 0.3538 0.0218  0.0360  0.0511  111 TYR A CE2 
816 C CZ  . TYR A 112 ? 0.3877 0.4415 0.3893 0.0260  0.0358  0.0590  111 TYR A CZ  
817 O OH  . TYR A 112 ? 0.3636 0.4116 0.3614 0.0256  0.0350  0.0660  111 TYR A OH  
818 N N   . ALA A 113 ? 0.4194 0.4898 0.4422 0.0396  0.0169  0.0106  112 ALA A N   
819 C CA  . ALA A 113 ? 0.4311 0.5001 0.4524 0.0466  0.0050  0.0037  112 ALA A CA  
820 C C   . ALA A 113 ? 0.4846 0.5426 0.4883 0.0499  0.0047  0.0062  112 ALA A C   
821 O O   . ALA A 113 ? 0.4700 0.5290 0.4777 0.0493  0.0018  -0.0034 112 ALA A O   
822 C CB  . ALA A 113 ? 0.4377 0.5178 0.4823 0.0450  0.0000  -0.0119 112 ALA A CB  
823 N N   . PHE A 114 ? 0.4531 0.5001 0.4390 0.0522  0.0097  0.0186  113 PHE A N   
824 C CA  . PHE A 114 ? 0.4515 0.4838 0.4179 0.0549  0.0131  0.0224  113 PHE A CA  
825 C C   . PHE A 114 ? 0.4883 0.5059 0.4365 0.0595  0.0162  0.0334  113 PHE A C   
826 O O   . PHE A 114 ? 0.4805 0.5029 0.4357 0.0586  0.0181  0.0391  113 PHE A O   
827 C CB  . PHE A 114 ? 0.4559 0.4896 0.4264 0.0494  0.0252  0.0251  113 PHE A CB  
828 C CG  . PHE A 114 ? 0.4497 0.4869 0.4267 0.0463  0.0344  0.0359  113 PHE A CG  
829 C CD1 . PHE A 114 ? 0.4706 0.4987 0.4399 0.0485  0.0415  0.0462  113 PHE A CD1 
830 C CD2 . PHE A 114 ? 0.4550 0.5029 0.4461 0.0411  0.0361  0.0349  113 PHE A CD2 
831 C CE1 . PHE A 114 ? 0.4727 0.5057 0.4527 0.0464  0.0472  0.0548  113 PHE A CE1 
832 C CE2 . PHE A 114 ? 0.4748 0.5237 0.4691 0.0391  0.0412  0.0443  113 PHE A CE2 
833 C CZ  . PHE A 114 ? 0.4477 0.4909 0.4388 0.0420  0.0452  0.0540  113 PHE A CZ  
834 O OXT . PHE A 114 ? 0.6226 0.6221 0.5493 0.0630  0.0187  0.0357  113 PHE A OXT 
# 
